data_6NZL
#
_entry.id   6NZL
#
loop_
_entity.id
_entity.type
_entity.pdbx_description
1 polymer 'Cytoplasmic zinc-finger protein'
2 non-polymer 'ZINC ION'
#
_entity_poly.entity_id   1
_entity_poly.type   'polypeptide(L)'
_entity_poly.pdbx_seq_one_letter_code
;SDAFKTALCDAYKRSQACSYGDQCRFAHGVHELRLPMNPRGRNHPKYKTVLCDKFSMTGNCKYGTRCQFIHKIVDGNA
;
_entity_poly.pdbx_strand_id   A
#
# COMPACT_ATOMS: atom_id res chain seq x y z
N SER A 1 4.33 5.82 -10.69
CA SER A 1 4.43 4.35 -10.84
C SER A 1 4.93 3.97 -12.24
N ASP A 2 5.55 2.78 -12.34
CA ASP A 2 6.00 2.18 -13.61
C ASP A 2 4.78 1.76 -14.46
N ALA A 3 4.96 1.73 -15.79
CA ALA A 3 3.87 1.46 -16.75
C ALA A 3 3.39 0.00 -16.73
N PHE A 4 4.20 -0.90 -16.14
CA PHE A 4 3.91 -2.35 -16.10
C PHE A 4 3.11 -2.73 -14.84
N LYS A 5 1.95 -3.39 -15.10
CA LYS A 5 1.19 -4.20 -14.12
C LYS A 5 0.52 -3.38 -13.00
N THR A 6 0.50 -2.04 -13.16
CA THR A 6 -0.11 -1.13 -12.19
C THR A 6 -1.61 -0.92 -12.47
N ALA A 7 -2.09 -1.47 -13.61
CA ALA A 7 -3.51 -1.47 -13.99
C ALA A 7 -3.81 -2.75 -14.81
N LEU A 8 -5.08 -3.18 -14.81
CA LEU A 8 -5.56 -4.35 -15.56
C LEU A 8 -5.66 -4.05 -17.07
N CYS A 9 -5.62 -5.12 -17.89
CA CYS A 9 -5.64 -5.03 -19.36
C CYS A 9 -7.08 -4.98 -19.89
N ASP A 10 -7.45 -3.82 -20.48
CA ASP A 10 -8.79 -3.58 -21.03
C ASP A 10 -9.14 -4.58 -22.15
N ALA A 11 -8.15 -4.83 -23.02
CA ALA A 11 -8.27 -5.77 -24.15
C ALA A 11 -8.49 -7.21 -23.68
N TYR A 12 -7.83 -7.58 -22.57
CA TYR A 12 -7.93 -8.94 -21.99
C TYR A 12 -9.30 -9.14 -21.30
N LYS A 13 -9.81 -8.09 -20.65
CA LYS A 13 -11.07 -8.15 -19.89
C LYS A 13 -12.30 -8.20 -20.83
N ARG A 14 -12.28 -7.34 -21.86
CA ARG A 14 -13.44 -7.14 -22.76
C ARG A 14 -13.39 -8.08 -23.98
N SER A 15 -12.24 -8.11 -24.66
CA SER A 15 -12.07 -8.84 -25.95
C SER A 15 -11.36 -10.20 -25.74
N GLN A 16 -10.71 -10.37 -24.56
CA GLN A 16 -9.89 -11.55 -24.18
C GLN A 16 -8.52 -11.53 -24.89
N ALA A 17 -8.52 -11.35 -26.23
CA ALA A 17 -7.31 -11.17 -27.03
C ALA A 17 -6.65 -9.82 -26.71
N CYS A 18 -5.32 -9.85 -26.51
CA CYS A 18 -4.50 -8.65 -26.23
C CYS A 18 -3.46 -8.52 -27.36
N SER A 19 -3.38 -7.31 -27.96
CA SER A 19 -2.56 -7.04 -29.17
C SER A 19 -1.05 -7.30 -28.94
N TYR A 20 -0.57 -7.04 -27.71
CA TYR A 20 0.84 -7.24 -27.33
C TYR A 20 1.07 -8.64 -26.71
N GLY A 21 -0.03 -9.28 -26.25
CA GLY A 21 0.02 -10.61 -25.64
C GLY A 21 0.70 -10.60 -24.27
N ASP A 22 1.76 -11.40 -24.11
CA ASP A 22 2.57 -11.46 -22.87
C ASP A 22 3.51 -10.25 -22.73
N GLN A 23 3.66 -9.47 -23.81
CA GLN A 23 4.43 -8.20 -23.81
C GLN A 23 3.53 -6.99 -23.47
N CYS A 24 2.30 -7.27 -23.01
CA CYS A 24 1.33 -6.26 -22.58
C CYS A 24 1.79 -5.58 -21.28
N ARG A 25 1.87 -4.23 -21.30
CA ARG A 25 2.27 -3.42 -20.13
C ARG A 25 1.19 -3.46 -19.02
N PHE A 26 0.02 -4.02 -19.32
CA PHE A 26 -1.08 -4.17 -18.35
C PHE A 26 -1.19 -5.63 -17.85
N ALA A 27 -1.84 -5.79 -16.70
CA ALA A 27 -1.96 -7.07 -15.98
C ALA A 27 -3.10 -7.93 -16.55
N HIS A 28 -2.80 -9.22 -16.81
CA HIS A 28 -3.79 -10.22 -17.29
C HIS A 28 -4.28 -11.11 -16.13
N GLY A 29 -4.32 -10.53 -14.92
CA GLY A 29 -4.79 -11.22 -13.72
C GLY A 29 -4.43 -10.46 -12.45
N VAL A 30 -5.01 -10.89 -11.32
CA VAL A 30 -4.75 -10.28 -9.99
C VAL A 30 -3.32 -10.61 -9.50
N HIS A 31 -2.80 -11.78 -9.91
CA HIS A 31 -1.42 -12.21 -9.61
C HIS A 31 -0.41 -11.37 -10.43
N GLU A 32 -0.82 -11.02 -11.66
CA GLU A 32 -0.06 -10.12 -12.54
C GLU A 32 -0.18 -8.66 -12.08
N LEU A 33 -1.28 -8.36 -11.37
CA LEU A 33 -1.58 -7.00 -10.90
C LEU A 33 -0.79 -6.65 -9.63
N ARG A 34 0.14 -5.70 -9.78
CA ARG A 34 0.84 -5.06 -8.66
C ARG A 34 0.60 -3.53 -8.79
N LEU A 35 -0.59 -3.10 -8.35
CA LEU A 35 -1.02 -1.69 -8.41
C LEU A 35 -0.29 -0.83 -7.34
N PRO A 36 -0.23 0.55 -7.50
CA PRO A 36 0.27 1.45 -6.44
C PRO A 36 -0.52 1.26 -5.12
N MET A 37 0.14 0.62 -4.14
CA MET A 37 -0.49 0.19 -2.88
C MET A 37 -0.82 1.40 -1.99
N ASN A 38 -2.08 1.86 -2.08
CA ASN A 38 -2.60 2.94 -1.22
C ASN A 38 -2.94 2.37 0.18
N PRO A 39 -2.66 3.13 1.30
CA PRO A 39 -3.00 2.69 2.69
C PRO A 39 -4.48 2.25 2.85
N ARG A 40 -4.67 1.06 3.48
CA ARG A 40 -6.00 0.48 3.75
C ARG A 40 -6.58 1.00 5.09
N GLY A 41 -5.78 1.84 5.80
CA GLY A 41 -6.18 2.42 7.08
C GLY A 41 -7.29 3.47 6.93
N ARG A 42 -8.53 2.98 6.79
CA ARG A 42 -9.72 3.81 6.57
C ARG A 42 -10.86 3.37 7.52
N ASN A 43 -10.87 2.07 7.85
CA ASN A 43 -11.87 1.46 8.77
C ASN A 43 -11.70 2.00 10.21
N HIS A 44 -12.82 2.06 10.95
CA HIS A 44 -12.88 2.56 12.34
C HIS A 44 -12.24 1.54 13.32
N PRO A 45 -11.06 1.85 13.95
CA PRO A 45 -10.41 0.98 14.94
C PRO A 45 -10.78 1.38 16.39
N LYS A 46 -11.74 0.65 17.00
CA LYS A 46 -12.27 0.98 18.33
C LYS A 46 -11.52 0.24 19.46
N TYR A 47 -10.80 1.03 20.29
CA TYR A 47 -10.31 0.60 21.61
C TYR A 47 -11.52 0.58 22.57
N LYS A 48 -12.30 1.67 22.52
CA LYS A 48 -13.55 1.81 23.26
C LYS A 48 -14.67 1.15 22.43
N THR A 49 -15.20 0.02 22.91
CA THR A 49 -16.10 -0.85 22.11
C THR A 49 -17.59 -0.70 22.52
N VAL A 50 -17.89 -1.01 23.79
CA VAL A 50 -19.25 -0.89 24.37
C VAL A 50 -19.35 0.45 25.12
N LEU A 51 -20.58 1.01 25.30
CA LEU A 51 -20.78 2.30 26.01
C LEU A 51 -20.40 2.20 27.50
N CYS A 52 -19.96 3.34 28.08
CA CYS A 52 -19.48 3.42 29.47
C CYS A 52 -20.68 3.69 30.40
N ASP A 53 -21.02 2.70 31.25
CA ASP A 53 -22.22 2.76 32.13
C ASP A 53 -22.00 3.72 33.31
N LYS A 54 -20.76 3.73 33.85
CA LYS A 54 -20.37 4.62 34.97
C LYS A 54 -20.44 6.09 34.53
N PHE A 55 -19.95 6.35 33.32
CA PHE A 55 -19.98 7.69 32.72
C PHE A 55 -21.43 8.13 32.39
N SER A 56 -22.32 7.15 32.20
CA SER A 56 -23.74 7.39 31.88
C SER A 56 -24.59 7.62 33.15
N MET A 57 -24.21 6.96 34.28
CA MET A 57 -24.99 7.01 35.54
C MET A 57 -24.53 8.17 36.44
N THR A 58 -23.23 8.23 36.73
CA THR A 58 -22.64 9.22 37.65
C THR A 58 -22.02 10.40 36.90
N GLY A 59 -21.92 10.26 35.56
CA GLY A 59 -21.29 11.26 34.70
C GLY A 59 -19.76 11.20 34.73
N ASN A 60 -19.21 10.19 35.45
CA ASN A 60 -17.76 10.08 35.70
C ASN A 60 -17.30 8.62 35.55
N CYS A 61 -16.17 8.45 34.85
CA CYS A 61 -15.48 7.17 34.68
C CYS A 61 -14.06 7.32 35.22
N LYS A 62 -13.69 6.49 36.21
CA LYS A 62 -12.44 6.64 36.98
C LYS A 62 -11.18 6.33 36.14
N TYR A 63 -11.34 5.50 35.10
CA TYR A 63 -10.23 5.09 34.20
C TYR A 63 -9.83 6.25 33.26
N GLY A 64 -10.84 7.03 32.82
CA GLY A 64 -10.64 8.14 31.89
C GLY A 64 -10.21 7.66 30.50
N THR A 65 -8.94 7.91 30.14
CA THR A 65 -8.38 7.51 28.83
C THR A 65 -8.13 5.99 28.77
N ARG A 66 -7.94 5.39 29.96
CA ARG A 66 -7.70 3.93 30.12
C ARG A 66 -8.99 3.12 29.87
N CYS A 67 -10.14 3.80 29.92
CA CYS A 67 -11.47 3.18 29.81
C CYS A 67 -11.64 2.46 28.47
N GLN A 68 -12.00 1.17 28.55
CA GLN A 68 -12.26 0.31 27.37
C GLN A 68 -13.69 0.52 26.82
N PHE A 69 -14.42 1.48 27.42
CA PHE A 69 -15.81 1.78 27.09
C PHE A 69 -15.95 3.23 26.57
N ILE A 70 -16.90 3.42 25.63
CA ILE A 70 -17.15 4.70 24.93
C ILE A 70 -17.79 5.73 25.88
N HIS A 71 -17.08 6.84 26.12
CA HIS A 71 -17.59 7.97 26.90
C HIS A 71 -18.54 8.81 26.03
N LYS A 72 -19.83 8.51 26.14
CA LYS A 72 -20.90 9.23 25.44
C LYS A 72 -21.69 10.07 26.46
N ILE A 73 -21.80 11.38 26.20
CA ILE A 73 -22.59 12.31 27.01
C ILE A 73 -24.08 12.11 26.69
N VAL A 74 -24.77 11.34 27.54
CA VAL A 74 -26.17 10.95 27.34
C VAL A 74 -27.11 12.09 27.81
N ASP A 75 -28.01 12.53 26.91
CA ASP A 75 -28.98 13.61 27.19
C ASP A 75 -30.13 13.09 28.08
N GLY A 76 -30.76 14.02 28.82
CA GLY A 76 -31.83 13.69 29.77
C GLY A 76 -31.43 14.07 31.19
N ASN A 77 -32.34 14.72 31.94
CA ASN A 77 -32.07 15.24 33.29
C ASN A 77 -32.92 14.49 34.34
N ALA A 78 -32.30 14.13 35.48
CA ALA A 78 -32.97 13.54 36.63
C ALA A 78 -33.52 14.68 37.53
N SER A 1 7.09 -0.26 -11.13
CA SER A 1 6.88 0.78 -12.15
C SER A 1 5.37 1.11 -12.27
N ASP A 2 5.05 2.42 -12.39
CA ASP A 2 3.65 2.89 -12.54
C ASP A 2 3.16 2.66 -13.97
N ALA A 3 1.82 2.51 -14.12
CA ALA A 3 1.15 2.21 -15.42
C ALA A 3 1.65 0.89 -16.03
N PHE A 4 2.24 0.03 -15.19
CA PHE A 4 2.89 -1.22 -15.62
C PHE A 4 2.39 -2.35 -14.70
N LYS A 5 1.27 -2.99 -15.12
CA LYS A 5 0.59 -4.08 -14.39
C LYS A 5 -0.01 -3.56 -13.05
N THR A 6 -0.13 -2.23 -12.93
CA THR A 6 -0.78 -1.54 -11.80
C THR A 6 -2.32 -1.54 -12.01
N ALA A 7 -2.72 -1.75 -13.27
CA ALA A 7 -4.14 -1.87 -13.67
C ALA A 7 -4.27 -3.08 -14.61
N LEU A 8 -5.53 -3.52 -14.82
CA LEU A 8 -5.82 -4.67 -15.69
C LEU A 8 -5.76 -4.29 -17.19
N CYS A 9 -5.56 -5.31 -18.02
CA CYS A 9 -5.45 -5.19 -19.47
C CYS A 9 -6.86 -5.10 -20.08
N ASP A 10 -7.15 -3.95 -20.70
CA ASP A 10 -8.48 -3.62 -21.24
C ASP A 10 -8.82 -4.52 -22.45
N ALA A 11 -7.79 -4.84 -23.25
CA ALA A 11 -7.90 -5.77 -24.39
C ALA A 11 -8.14 -7.23 -23.91
N TYR A 12 -7.73 -7.53 -22.68
CA TYR A 12 -7.88 -8.87 -22.08
C TYR A 12 -9.27 -9.03 -21.42
N LYS A 13 -9.80 -7.94 -20.84
CA LYS A 13 -11.10 -7.97 -20.11
C LYS A 13 -12.29 -7.80 -21.08
N ARG A 14 -12.11 -6.99 -22.15
CA ARG A 14 -13.18 -6.72 -23.14
C ARG A 14 -13.11 -7.74 -24.30
N SER A 15 -11.93 -7.89 -24.89
CA SER A 15 -11.74 -8.64 -26.15
C SER A 15 -11.10 -10.04 -25.91
N GLN A 16 -10.75 -10.33 -24.64
CA GLN A 16 -10.13 -11.61 -24.18
C GLN A 16 -8.68 -11.76 -24.69
N ALA A 17 -8.51 -11.90 -26.01
CA ALA A 17 -7.18 -11.93 -26.65
C ALA A 17 -6.50 -10.54 -26.54
N CYS A 18 -5.41 -10.46 -25.77
CA CYS A 18 -4.64 -9.21 -25.57
C CYS A 18 -3.89 -8.83 -26.85
N SER A 19 -3.87 -7.52 -27.14
CA SER A 19 -3.29 -6.96 -28.39
C SER A 19 -1.77 -7.19 -28.47
N TYR A 20 -1.07 -6.82 -27.38
CA TYR A 20 0.40 -6.98 -27.27
C TYR A 20 0.77 -8.41 -26.81
N GLY A 21 -0.21 -9.12 -26.22
CA GLY A 21 -0.01 -10.49 -25.73
C GLY A 21 0.84 -10.52 -24.46
N ASP A 22 1.99 -11.20 -24.53
CA ASP A 22 2.94 -11.30 -23.40
C ASP A 22 3.75 -10.00 -23.24
N GLN A 23 3.77 -9.18 -24.30
CA GLN A 23 4.43 -7.84 -24.30
C GLN A 23 3.51 -6.76 -23.68
N CYS A 24 2.36 -7.18 -23.13
CA CYS A 24 1.36 -6.28 -22.54
C CYS A 24 1.90 -5.64 -21.25
N ARG A 25 1.72 -4.32 -21.13
CA ARG A 25 2.20 -3.53 -19.97
C ARG A 25 1.11 -3.41 -18.89
N PHE A 26 0.02 -4.18 -19.01
CA PHE A 26 -1.08 -4.21 -18.02
C PHE A 26 -1.46 -5.66 -17.69
N ALA A 27 -1.84 -5.88 -16.42
CA ALA A 27 -2.02 -7.22 -15.81
C ALA A 27 -3.17 -8.02 -16.44
N HIS A 28 -2.94 -9.33 -16.66
CA HIS A 28 -3.96 -10.28 -17.18
C HIS A 28 -4.61 -11.05 -16.02
N GLY A 29 -4.63 -10.43 -14.84
CA GLY A 29 -5.13 -11.05 -13.62
C GLY A 29 -4.37 -10.57 -12.40
N VAL A 30 -4.73 -11.12 -11.21
CA VAL A 30 -4.16 -10.70 -9.92
C VAL A 30 -2.68 -11.12 -9.77
N HIS A 31 -2.27 -12.14 -10.54
CA HIS A 31 -0.89 -12.70 -10.48
C HIS A 31 0.16 -11.65 -10.90
N GLU A 32 -0.19 -10.82 -11.91
CA GLU A 32 0.68 -9.69 -12.36
C GLU A 32 0.26 -8.38 -11.67
N LEU A 33 -1.00 -8.31 -11.19
CA LEU A 33 -1.58 -7.06 -10.67
C LEU A 33 -0.96 -6.66 -9.33
N ARG A 34 -0.17 -5.58 -9.34
CA ARG A 34 0.27 -4.86 -8.15
C ARG A 34 -0.25 -3.42 -8.29
N LEU A 35 -1.49 -3.23 -7.79
CA LEU A 35 -2.22 -1.94 -7.88
C LEU A 35 -1.46 -0.80 -7.14
N PRO A 36 -1.69 0.51 -7.51
CA PRO A 36 -1.04 1.67 -6.85
C PRO A 36 -1.21 1.65 -5.31
N MET A 37 -0.09 1.47 -4.60
CA MET A 37 -0.04 1.38 -3.14
C MET A 37 0.70 2.58 -2.56
N ASN A 38 0.10 3.19 -1.52
CA ASN A 38 0.70 4.32 -0.78
C ASN A 38 1.89 3.85 0.07
N PRO A 39 2.93 4.72 0.29
CA PRO A 39 4.11 4.38 1.14
C PRO A 39 3.70 4.05 2.60
N ARG A 40 4.16 2.88 3.09
CA ARG A 40 3.80 2.38 4.43
C ARG A 40 4.53 3.17 5.52
N GLY A 41 3.82 4.14 6.13
CA GLY A 41 4.35 4.97 7.20
C GLY A 41 5.09 6.19 6.65
N ARG A 42 4.51 7.39 6.88
CA ARG A 42 5.12 8.67 6.45
C ARG A 42 6.10 9.17 7.52
N ASN A 43 7.11 9.94 7.07
CA ASN A 43 8.03 10.67 7.94
C ASN A 43 7.86 12.17 7.64
N HIS A 44 7.02 12.84 8.45
CA HIS A 44 6.69 14.26 8.27
C HIS A 44 6.43 14.90 9.65
N PRO A 45 7.52 15.39 10.35
CA PRO A 45 7.40 16.17 11.60
C PRO A 45 7.19 17.69 11.33
N LYS A 46 7.26 18.07 10.04
CA LYS A 46 7.16 19.46 9.59
C LYS A 46 5.69 19.94 9.66
N TYR A 47 5.35 20.69 10.70
CA TYR A 47 3.99 21.24 10.91
C TYR A 47 3.78 22.48 10.02
N LYS A 48 4.75 23.41 10.07
CA LYS A 48 4.77 24.61 9.22
C LYS A 48 5.24 24.18 7.81
N THR A 49 4.29 23.96 6.89
CA THR A 49 4.56 23.34 5.57
C THR A 49 4.74 24.39 4.46
N VAL A 50 3.66 25.13 4.16
CA VAL A 50 3.63 26.13 3.07
C VAL A 50 3.94 27.53 3.64
N LEU A 51 4.50 28.42 2.80
CA LEU A 51 4.76 29.82 3.18
C LEU A 51 3.43 30.58 3.34
N CYS A 52 3.32 31.37 4.42
CA CYS A 52 2.08 32.09 4.78
C CYS A 52 1.87 33.29 3.84
N ASP A 53 0.81 33.22 3.02
CA ASP A 53 0.47 34.25 2.01
C ASP A 53 0.15 35.59 2.69
N LYS A 54 -0.52 35.50 3.85
CA LYS A 54 -0.95 36.66 4.63
C LYS A 54 0.26 37.44 5.15
N PHE A 55 1.25 36.70 5.67
CA PHE A 55 2.46 37.29 6.28
C PHE A 55 3.43 37.81 5.18
N SER A 56 3.31 37.25 3.96
CA SER A 56 4.14 37.65 2.81
C SER A 56 3.59 38.90 2.08
N MET A 57 2.25 38.97 1.93
CA MET A 57 1.58 40.03 1.12
C MET A 57 1.22 41.26 1.98
N THR A 58 0.50 41.03 3.10
CA THR A 58 0.03 42.13 3.97
C THR A 58 0.97 42.32 5.17
N GLY A 59 1.79 41.28 5.45
CA GLY A 59 2.73 41.30 6.57
C GLY A 59 2.08 40.93 7.90
N ASN A 60 0.79 40.53 7.86
CA ASN A 60 -0.02 40.24 9.05
C ASN A 60 -0.85 38.97 8.81
N CYS A 61 -0.84 38.07 9.81
CA CYS A 61 -1.58 36.80 9.77
C CYS A 61 -2.60 36.79 10.93
N LYS A 62 -3.89 36.52 10.62
CA LYS A 62 -5.01 36.65 11.58
C LYS A 62 -4.86 35.72 12.82
N TYR A 63 -4.25 34.54 12.59
CA TYR A 63 -4.01 33.55 13.66
C TYR A 63 -2.72 33.89 14.43
N GLY A 64 -1.77 34.55 13.74
CA GLY A 64 -0.46 34.91 14.31
C GLY A 64 0.38 33.67 14.62
N THR A 65 0.59 33.39 15.91
CA THR A 65 1.37 32.23 16.38
C THR A 65 0.62 30.90 16.12
N ARG A 66 -0.72 31.00 15.96
CA ARG A 66 -1.61 29.84 15.74
C ARG A 66 -1.62 29.40 14.25
N CYS A 67 -0.94 30.18 13.38
CA CYS A 67 -0.84 29.89 11.94
C CYS A 67 -0.02 28.61 11.70
N GLN A 68 -0.57 27.69 10.89
CA GLN A 68 0.06 26.38 10.58
C GLN A 68 1.04 26.50 9.39
N PHE A 69 1.24 27.73 8.90
CA PHE A 69 2.10 28.02 7.75
C PHE A 69 3.36 28.81 8.20
N ILE A 70 4.46 28.60 7.46
CA ILE A 70 5.79 29.20 7.73
C ILE A 70 5.73 30.74 7.62
N HIS A 71 6.09 31.44 8.72
CA HIS A 71 6.25 32.89 8.74
C HIS A 71 7.73 33.25 8.48
N LYS A 72 8.05 33.52 7.21
CA LYS A 72 9.35 34.10 6.81
C LYS A 72 9.17 35.62 6.65
N ILE A 73 10.17 36.40 7.09
CA ILE A 73 10.09 37.87 7.04
C ILE A 73 10.14 38.34 5.57
N VAL A 74 8.94 38.55 4.99
CA VAL A 74 8.76 39.01 3.60
C VAL A 74 8.03 40.36 3.59
N ASP A 75 8.77 41.41 3.24
CA ASP A 75 8.22 42.77 3.05
C ASP A 75 7.60 42.87 1.64
N GLY A 76 8.21 42.14 0.69
CA GLY A 76 7.74 42.08 -0.69
C GLY A 76 8.58 41.13 -1.53
N ASN A 77 8.40 41.19 -2.86
CA ASN A 77 9.16 40.36 -3.81
C ASN A 77 10.24 41.20 -4.51
N ALA A 78 11.37 40.56 -4.85
CA ALA A 78 12.52 41.23 -5.50
C ALA A 78 13.19 40.25 -6.48
N SER A 1 5.39 6.56 -8.60
CA SER A 1 4.62 5.31 -8.67
C SER A 1 4.21 5.03 -10.15
N ASP A 2 4.86 4.02 -10.77
CA ASP A 2 4.60 3.63 -12.17
C ASP A 2 3.41 2.63 -12.25
N ALA A 3 2.69 2.67 -13.38
CA ALA A 3 1.52 1.80 -13.62
C ALA A 3 1.91 0.63 -14.56
N PHE A 4 2.40 -0.47 -13.98
CA PHE A 4 2.71 -1.71 -14.71
C PHE A 4 1.99 -2.86 -14.00
N LYS A 5 0.93 -3.39 -14.63
CA LYS A 5 0.08 -4.48 -14.09
C LYS A 5 -0.61 -4.06 -12.77
N THR A 6 -0.78 -2.74 -12.60
CA THR A 6 -1.54 -2.15 -11.50
C THR A 6 -3.06 -2.25 -11.75
N ALA A 7 -3.40 -2.46 -13.03
CA ALA A 7 -4.76 -2.66 -13.51
C ALA A 7 -4.75 -3.77 -14.57
N LEU A 8 -5.94 -4.27 -14.93
CA LEU A 8 -6.11 -5.28 -15.98
C LEU A 8 -6.02 -4.64 -17.38
N CYS A 9 -5.49 -5.40 -18.33
CA CYS A 9 -5.43 -5.03 -19.76
C CYS A 9 -6.85 -4.89 -20.32
N ASP A 10 -7.13 -3.74 -20.97
CA ASP A 10 -8.47 -3.38 -21.47
C ASP A 10 -9.01 -4.42 -22.46
N ALA A 11 -8.16 -4.81 -23.42
CA ALA A 11 -8.52 -5.78 -24.46
C ALA A 11 -8.69 -7.21 -23.89
N TYR A 12 -8.04 -7.47 -22.74
CA TYR A 12 -8.17 -8.74 -22.02
C TYR A 12 -9.52 -8.80 -21.25
N LYS A 13 -9.90 -7.70 -20.60
CA LYS A 13 -11.10 -7.66 -19.74
C LYS A 13 -12.40 -7.55 -20.58
N ARG A 14 -12.31 -6.96 -21.80
CA ARG A 14 -13.47 -6.82 -22.71
C ARG A 14 -13.56 -7.99 -23.71
N SER A 15 -12.43 -8.33 -24.37
CA SER A 15 -12.42 -9.25 -25.54
C SER A 15 -11.67 -10.57 -25.23
N GLN A 16 -10.86 -10.57 -24.15
CA GLN A 16 -9.92 -11.69 -23.81
C GLN A 16 -8.90 -11.92 -24.95
N ALA A 17 -8.61 -10.83 -25.69
CA ALA A 17 -7.73 -10.86 -26.87
C ALA A 17 -6.86 -9.59 -26.90
N CYS A 18 -5.59 -9.73 -26.48
CA CYS A 18 -4.61 -8.64 -26.41
C CYS A 18 -3.50 -8.87 -27.44
N SER A 19 -3.24 -7.86 -28.29
CA SER A 19 -2.28 -7.93 -29.40
C SER A 19 -0.83 -8.01 -28.91
N TYR A 20 -0.53 -7.34 -27.78
CA TYR A 20 0.80 -7.34 -27.16
C TYR A 20 1.08 -8.69 -26.46
N GLY A 21 0.03 -9.25 -25.82
CA GLY A 21 0.12 -10.54 -25.13
C GLY A 21 1.10 -10.53 -23.95
N ASP A 22 2.30 -11.10 -24.16
CA ASP A 22 3.38 -11.14 -23.14
C ASP A 22 3.99 -9.74 -22.92
N GLN A 23 3.97 -8.93 -23.99
CA GLN A 23 4.56 -7.57 -24.01
C GLN A 23 3.56 -6.49 -23.52
N CYS A 24 2.43 -6.95 -22.94
CA CYS A 24 1.36 -6.07 -22.41
C CYS A 24 1.79 -5.47 -21.06
N ARG A 25 1.72 -4.14 -20.92
CA ARG A 25 2.13 -3.42 -19.69
C ARG A 25 1.17 -3.68 -18.53
N PHE A 26 -0.09 -4.00 -18.84
CA PHE A 26 -1.12 -4.31 -17.82
C PHE A 26 -1.42 -5.82 -17.76
N ALA A 27 -2.01 -6.21 -16.61
CA ALA A 27 -2.14 -7.62 -16.19
C ALA A 27 -3.16 -8.41 -17.01
N HIS A 28 -2.80 -9.67 -17.31
CA HIS A 28 -3.70 -10.67 -17.93
C HIS A 28 -4.13 -11.71 -16.88
N GLY A 29 -4.22 -11.28 -15.62
CA GLY A 29 -4.68 -12.13 -14.54
C GLY A 29 -4.54 -11.47 -13.17
N VAL A 30 -5.26 -12.04 -12.19
CA VAL A 30 -5.23 -11.57 -10.78
C VAL A 30 -3.84 -11.80 -10.14
N HIS A 31 -3.12 -12.81 -10.65
CA HIS A 31 -1.78 -13.21 -10.16
C HIS A 31 -0.70 -12.19 -10.59
N GLU A 32 -0.96 -11.51 -11.72
CA GLU A 32 -0.05 -10.49 -12.29
C GLU A 32 -0.27 -9.10 -11.64
N LEU A 33 -1.44 -8.92 -11.00
CA LEU A 33 -1.82 -7.63 -10.38
C LEU A 33 -0.93 -7.27 -9.18
N ARG A 34 -0.19 -6.16 -9.33
CA ARG A 34 0.45 -5.45 -8.21
C ARG A 34 -0.24 -4.09 -8.11
N LEU A 35 -1.21 -3.98 -7.18
CA LEU A 35 -2.03 -2.75 -6.98
C LEU A 35 -1.14 -1.52 -6.71
N PRO A 36 -1.61 -0.27 -7.05
CA PRO A 36 -0.83 0.98 -6.81
C PRO A 36 -0.48 1.17 -5.30
N MET A 37 0.70 0.67 -4.93
CA MET A 37 1.22 0.74 -3.55
C MET A 37 1.81 2.14 -3.30
N ASN A 38 0.98 3.00 -2.68
CA ASN A 38 1.31 4.40 -2.37
C ASN A 38 0.45 4.88 -1.18
N PRO A 39 0.90 5.92 -0.41
CA PRO A 39 0.05 6.55 0.64
C PRO A 39 -1.24 7.16 0.04
N ARG A 40 -2.34 7.08 0.80
CA ARG A 40 -3.66 7.58 0.35
C ARG A 40 -3.65 9.12 0.23
N GLY A 41 -2.81 9.76 1.07
CA GLY A 41 -2.62 11.21 1.03
C GLY A 41 -1.49 11.60 0.08
N ARG A 42 -1.65 11.29 -1.22
CA ARG A 42 -0.72 11.72 -2.28
C ARG A 42 -0.75 13.26 -2.39
N ASN A 43 -1.92 13.79 -2.76
CA ASN A 43 -2.20 15.24 -2.70
C ASN A 43 -2.73 15.56 -1.30
N HIS A 44 -1.79 15.77 -0.35
CA HIS A 44 -2.09 16.00 1.07
C HIS A 44 -2.67 17.43 1.25
N PRO A 45 -3.97 17.58 1.66
CA PRO A 45 -4.62 18.90 1.80
C PRO A 45 -4.28 19.62 3.13
N LYS A 46 -3.70 18.87 4.09
CA LYS A 46 -3.37 19.37 5.41
C LYS A 46 -1.97 20.04 5.39
N TYR A 47 -1.97 21.33 5.00
CA TYR A 47 -0.77 22.18 5.04
C TYR A 47 -0.46 22.56 6.50
N LYS A 48 -1.52 22.89 7.23
CA LYS A 48 -1.46 23.21 8.67
C LYS A 48 -1.33 21.90 9.46
N THR A 49 -0.10 21.55 9.83
CA THR A 49 0.19 20.30 10.57
C THR A 49 0.43 20.59 12.06
N VAL A 50 1.20 21.65 12.34
CA VAL A 50 1.48 22.11 13.72
C VAL A 50 0.31 23.01 14.23
N LEU A 51 0.03 22.94 15.54
CA LEU A 51 -1.04 23.72 16.19
C LEU A 51 -0.67 25.22 16.29
N CYS A 52 -1.68 26.07 16.47
CA CYS A 52 -1.51 27.54 16.54
C CYS A 52 -1.27 27.97 18.00
N ASP A 53 -0.06 28.48 18.27
CA ASP A 53 0.36 28.88 19.62
C ASP A 53 -0.31 30.21 20.02
N LYS A 54 -0.33 31.17 19.07
CA LYS A 54 -0.96 32.50 19.25
C LYS A 54 -2.45 32.38 19.65
N PHE A 55 -3.16 31.42 19.03
CA PHE A 55 -4.60 31.20 19.26
C PHE A 55 -4.84 30.63 20.66
N SER A 56 -4.02 29.65 21.05
CA SER A 56 -4.17 28.92 22.33
C SER A 56 -3.85 29.81 23.55
N MET A 57 -2.85 30.71 23.39
CA MET A 57 -2.39 31.58 24.51
C MET A 57 -3.42 32.68 24.85
N THR A 58 -3.91 33.38 23.81
CA THR A 58 -4.74 34.59 24.00
C THR A 58 -6.24 34.26 23.89
N GLY A 59 -6.59 33.44 22.90
CA GLY A 59 -7.98 33.10 22.59
C GLY A 59 -8.25 33.18 21.09
N ASN A 60 -7.58 34.14 20.42
CA ASN A 60 -7.70 34.39 18.98
C ASN A 60 -6.31 34.61 18.38
N CYS A 61 -6.10 34.11 17.16
CA CYS A 61 -4.82 34.23 16.42
C CYS A 61 -4.80 35.56 15.65
N LYS A 62 -3.78 36.39 15.92
CA LYS A 62 -3.60 37.72 15.27
C LYS A 62 -3.37 37.59 13.75
N TYR A 63 -2.86 36.43 13.31
CA TYR A 63 -2.67 36.11 11.88
C TYR A 63 -4.03 35.80 11.22
N GLY A 64 -4.91 35.11 11.98
CA GLY A 64 -6.26 34.75 11.52
C GLY A 64 -6.25 33.77 10.36
N THR A 65 -6.78 34.20 9.20
CA THR A 65 -6.82 33.37 7.98
C THR A 65 -5.44 33.30 7.29
N ARG A 66 -4.50 34.15 7.74
CA ARG A 66 -3.10 34.14 7.28
C ARG A 66 -2.22 33.28 8.20
N CYS A 67 -2.85 32.57 9.15
CA CYS A 67 -2.17 31.61 10.05
C CYS A 67 -2.02 30.26 9.35
N GLN A 68 -0.78 29.75 9.28
CA GLN A 68 -0.46 28.46 8.64
C GLN A 68 -0.51 27.29 9.67
N PHE A 69 -1.14 27.55 10.83
CA PHE A 69 -1.20 26.59 11.95
C PHE A 69 -2.67 26.31 12.35
N ILE A 70 -2.92 25.07 12.83
CA ILE A 70 -4.27 24.58 13.18
C ILE A 70 -4.89 25.38 14.34
N HIS A 71 -6.05 26.01 14.10
CA HIS A 71 -6.82 26.70 15.15
C HIS A 71 -7.70 25.68 15.91
N LYS A 72 -7.16 25.19 17.04
CA LYS A 72 -7.90 24.34 17.99
C LYS A 72 -8.66 25.25 18.96
N ILE A 73 -9.95 24.93 19.21
CA ILE A 73 -10.82 25.72 20.10
C ILE A 73 -10.29 25.65 21.55
N VAL A 74 -10.12 26.83 22.17
CA VAL A 74 -9.44 26.98 23.47
C VAL A 74 -10.14 26.13 24.56
N ASP A 75 -9.43 25.06 24.97
CA ASP A 75 -9.88 24.06 25.95
C ASP A 75 -9.00 24.13 27.20
N GLY A 76 -7.68 24.01 26.96
CA GLY A 76 -6.68 23.96 28.03
C GLY A 76 -5.50 23.09 27.61
N ASN A 77 -5.82 21.96 26.98
CA ASN A 77 -4.83 21.06 26.39
C ASN A 77 -4.37 21.62 25.03
N ALA A 78 -3.11 22.07 24.97
CA ALA A 78 -2.50 22.63 23.77
C ALA A 78 -1.17 21.89 23.48
N SER A 1 8.10 -9.19 -7.11
CA SER A 1 7.00 -8.27 -7.47
C SER A 1 7.50 -7.22 -8.49
N ASP A 2 7.02 -7.32 -9.74
CA ASP A 2 7.32 -6.33 -10.81
C ASP A 2 6.39 -5.11 -10.67
N ALA A 3 6.89 -3.94 -11.11
CA ALA A 3 6.11 -2.69 -11.20
C ALA A 3 5.07 -2.78 -12.34
N PHE A 4 5.31 -3.71 -13.27
CA PHE A 4 4.36 -4.10 -14.31
C PHE A 4 3.16 -4.84 -13.67
N LYS A 5 2.01 -4.63 -14.31
CA LYS A 5 0.80 -5.47 -14.16
C LYS A 5 0.16 -5.33 -12.77
N THR A 6 0.23 -4.10 -12.22
CA THR A 6 -0.41 -3.73 -10.95
C THR A 6 -1.90 -3.35 -11.16
N ALA A 7 -2.33 -3.30 -12.43
CA ALA A 7 -3.73 -3.09 -12.84
C ALA A 7 -4.02 -3.92 -14.10
N LEU A 8 -5.30 -4.24 -14.32
CA LEU A 8 -5.74 -5.14 -15.41
C LEU A 8 -5.64 -4.48 -16.80
N CYS A 9 -5.41 -5.34 -17.81
CA CYS A 9 -5.29 -4.97 -19.22
C CYS A 9 -6.69 -4.82 -19.82
N ASP A 10 -6.98 -3.62 -20.37
CA ASP A 10 -8.29 -3.31 -20.96
C ASP A 10 -8.54 -4.18 -22.20
N ALA A 11 -7.48 -4.37 -23.01
CA ALA A 11 -7.51 -5.23 -24.21
C ALA A 11 -7.83 -6.71 -23.85
N TYR A 12 -7.49 -7.12 -22.62
CA TYR A 12 -7.82 -8.46 -22.10
C TYR A 12 -9.29 -8.54 -21.70
N LYS A 13 -9.74 -7.56 -20.89
CA LYS A 13 -11.08 -7.63 -20.25
C LYS A 13 -12.22 -7.28 -21.24
N ARG A 14 -11.87 -6.63 -22.37
CA ARG A 14 -12.85 -6.31 -23.44
C ARG A 14 -12.89 -7.39 -24.55
N SER A 15 -11.71 -7.93 -24.92
CA SER A 15 -11.54 -8.79 -26.12
C SER A 15 -11.22 -10.26 -25.77
N GLN A 16 -10.94 -10.55 -24.48
CA GLN A 16 -10.41 -11.84 -23.98
C GLN A 16 -8.97 -12.07 -24.51
N ALA A 17 -8.86 -12.37 -25.83
CA ALA A 17 -7.58 -12.51 -26.52
C ALA A 17 -6.98 -11.11 -26.79
N CYS A 18 -6.09 -10.67 -25.87
CA CYS A 18 -5.34 -9.42 -26.01
C CYS A 18 -4.19 -9.63 -27.02
N SER A 19 -4.16 -8.77 -28.05
CA SER A 19 -3.23 -8.89 -29.20
C SER A 19 -1.76 -8.60 -28.80
N TYR A 20 -1.60 -7.78 -27.75
CA TYR A 20 -0.29 -7.33 -27.24
C TYR A 20 0.47 -8.53 -26.62
N GLY A 21 -0.26 -9.33 -25.82
CA GLY A 21 0.31 -10.52 -25.16
C GLY A 21 1.36 -10.17 -24.10
N ASP A 22 2.62 -10.51 -24.39
CA ASP A 22 3.76 -10.24 -23.48
C ASP A 22 4.23 -8.78 -23.56
N GLN A 23 3.70 -8.04 -24.57
CA GLN A 23 3.96 -6.60 -24.74
C GLN A 23 3.09 -5.76 -23.79
N CYS A 24 2.17 -6.41 -23.07
CA CYS A 24 1.34 -5.77 -22.05
C CYS A 24 2.15 -5.50 -20.76
N ARG A 25 2.01 -4.26 -20.27
CA ARG A 25 2.51 -3.83 -18.95
C ARG A 25 1.35 -3.80 -17.94
N PHE A 26 0.17 -4.28 -18.41
CA PHE A 26 -1.03 -4.48 -17.59
C PHE A 26 -1.38 -5.99 -17.57
N ALA A 27 -2.15 -6.41 -16.56
CA ALA A 27 -2.32 -7.82 -16.17
C ALA A 27 -3.40 -8.55 -16.99
N HIS A 28 -3.07 -9.78 -17.45
CA HIS A 28 -4.04 -10.69 -18.12
C HIS A 28 -4.66 -11.68 -17.12
N GLY A 29 -4.82 -11.24 -15.87
CA GLY A 29 -5.48 -12.03 -14.83
C GLY A 29 -5.00 -11.67 -13.43
N VAL A 30 -5.61 -12.33 -12.43
CA VAL A 30 -5.28 -12.12 -11.00
C VAL A 30 -3.86 -12.68 -10.67
N HIS A 31 -3.44 -13.69 -11.44
CA HIS A 31 -2.11 -14.31 -11.32
C HIS A 31 -1.00 -13.35 -11.82
N GLU A 32 -1.37 -12.50 -12.80
CA GLU A 32 -0.47 -11.46 -13.35
C GLU A 32 -0.47 -10.21 -12.44
N LEU A 33 -1.57 -10.01 -11.67
CA LEU A 33 -1.73 -8.85 -10.76
C LEU A 33 -0.72 -8.87 -9.60
N ARG A 34 0.11 -7.81 -9.53
CA ARG A 34 0.94 -7.50 -8.35
C ARG A 34 0.24 -6.38 -7.56
N LEU A 35 0.17 -6.56 -6.23
CA LEU A 35 -0.34 -5.51 -5.32
C LEU A 35 0.71 -4.37 -5.18
N PRO A 36 0.27 -3.08 -4.94
CA PRO A 36 1.21 -1.92 -4.79
C PRO A 36 2.29 -2.13 -3.72
N MET A 37 3.47 -1.50 -3.95
CA MET A 37 4.66 -1.67 -3.12
C MET A 37 4.58 -0.73 -1.89
N ASN A 38 3.85 -1.20 -0.87
CA ASN A 38 3.74 -0.53 0.43
C ASN A 38 4.84 -1.08 1.38
N PRO A 39 5.23 -0.34 2.48
CA PRO A 39 6.22 -0.83 3.48
C PRO A 39 5.83 -2.22 4.04
N ARG A 40 6.82 -3.12 4.11
CA ARG A 40 6.62 -4.52 4.55
C ARG A 40 6.51 -4.60 6.09
N GLY A 41 6.83 -3.49 6.78
CA GLY A 41 6.75 -3.41 8.24
C GLY A 41 5.55 -2.59 8.71
N ARG A 42 4.39 -2.72 8.01
CA ARG A 42 3.13 -2.08 8.42
C ARG A 42 2.54 -2.82 9.65
N ASN A 43 2.98 -2.37 10.83
CA ASN A 43 2.66 -2.96 12.15
C ASN A 43 3.26 -2.04 13.22
N HIS A 44 3.00 -2.31 14.51
CA HIS A 44 3.69 -1.64 15.63
C HIS A 44 5.19 -2.07 15.64
N PRO A 45 6.14 -1.13 15.98
CA PRO A 45 7.59 -1.45 16.02
C PRO A 45 7.91 -2.55 17.06
N LYS A 46 8.23 -3.75 16.58
CA LYS A 46 8.56 -4.92 17.43
C LYS A 46 9.77 -5.71 16.89
N TYR A 47 10.42 -5.19 15.83
CA TYR A 47 11.66 -5.78 15.28
C TYR A 47 12.84 -5.62 16.27
N LYS A 48 12.75 -4.55 17.09
CA LYS A 48 13.72 -4.26 18.14
C LYS A 48 12.95 -4.15 19.48
N THR A 49 12.61 -5.33 20.05
CA THR A 49 11.98 -5.44 21.39
C THR A 49 12.76 -6.43 22.28
N VAL A 50 13.72 -7.16 21.69
CA VAL A 50 14.61 -8.09 22.42
C VAL A 50 15.90 -7.35 22.81
N LEU A 51 16.43 -7.67 24.02
CA LEU A 51 17.68 -7.07 24.53
C LEU A 51 18.91 -7.61 23.79
N CYS A 52 20.00 -6.84 23.83
CA CYS A 52 21.24 -7.13 23.11
C CYS A 52 22.09 -8.14 23.90
N ASP A 53 22.30 -9.33 23.31
CA ASP A 53 23.08 -10.43 23.90
C ASP A 53 24.51 -9.98 24.21
N LYS A 54 25.13 -9.31 23.22
CA LYS A 54 26.50 -8.78 23.32
C LYS A 54 26.62 -7.79 24.50
N PHE A 55 25.67 -6.86 24.56
CA PHE A 55 25.69 -5.73 25.50
C PHE A 55 25.34 -6.20 26.94
N SER A 56 24.59 -7.31 27.05
CA SER A 56 24.16 -7.85 28.37
C SER A 56 25.23 -8.81 28.96
N MET A 57 25.90 -9.58 28.08
CA MET A 57 26.89 -10.60 28.52
C MET A 57 28.27 -9.99 28.80
N THR A 58 28.77 -9.17 27.86
CA THR A 58 30.12 -8.58 27.95
C THR A 58 30.04 -7.15 28.52
N GLY A 59 28.98 -6.42 28.10
CA GLY A 59 28.78 -5.01 28.50
C GLY A 59 28.86 -4.06 27.32
N ASN A 60 29.41 -4.54 26.18
CA ASN A 60 29.62 -3.75 24.96
C ASN A 60 29.13 -4.54 23.73
N CYS A 61 28.61 -3.82 22.74
CA CYS A 61 28.09 -4.41 21.49
C CYS A 61 28.87 -3.82 20.30
N LYS A 62 29.52 -4.70 19.52
CA LYS A 62 30.40 -4.32 18.37
C LYS A 62 29.57 -3.75 17.19
N TYR A 63 28.25 -4.03 17.20
CA TYR A 63 27.29 -3.57 16.19
C TYR A 63 27.01 -2.06 16.33
N GLY A 64 27.29 -1.52 17.55
CA GLY A 64 27.20 -0.09 17.82
C GLY A 64 25.78 0.47 17.69
N THR A 65 25.64 1.59 16.97
CA THR A 65 24.37 2.29 16.76
C THR A 65 23.43 1.51 15.81
N ARG A 66 24.02 0.63 14.97
CA ARG A 66 23.29 -0.14 13.94
C ARG A 66 22.81 -1.52 14.46
N CYS A 67 22.95 -1.73 15.78
CA CYS A 67 22.46 -2.95 16.46
C CYS A 67 20.92 -3.03 16.42
N GLN A 68 20.40 -4.19 15.97
CA GLN A 68 18.95 -4.46 15.85
C GLN A 68 18.33 -4.92 17.19
N PHE A 69 19.14 -4.95 18.26
CA PHE A 69 18.70 -5.31 19.62
C PHE A 69 18.87 -4.10 20.57
N ILE A 70 17.99 -4.01 21.58
CA ILE A 70 17.95 -2.89 22.55
C ILE A 70 19.16 -2.92 23.50
N HIS A 71 19.89 -1.80 23.61
CA HIS A 71 21.02 -1.65 24.54
C HIS A 71 20.53 -1.10 25.88
N LYS A 72 20.27 -2.00 26.83
CA LYS A 72 19.97 -1.66 28.23
C LYS A 72 21.03 -2.27 29.16
N ILE A 73 21.56 -1.43 30.07
CA ILE A 73 22.56 -1.86 31.06
C ILE A 73 21.85 -2.69 32.15
N VAL A 74 22.07 -4.01 32.12
CA VAL A 74 21.47 -4.96 33.08
C VAL A 74 22.17 -4.81 34.43
N ASP A 75 21.40 -4.41 35.47
CA ASP A 75 21.95 -4.11 36.81
C ASP A 75 22.45 -5.38 37.52
N GLY A 76 23.74 -5.37 37.91
CA GLY A 76 24.32 -6.44 38.72
C GLY A 76 23.91 -6.31 40.19
N ASN A 77 23.71 -7.46 40.86
CA ASN A 77 23.31 -7.54 42.29
C ASN A 77 21.86 -6.98 42.51
N ALA A 78 21.10 -6.83 41.41
CA ALA A 78 19.73 -6.31 41.44
C ALA A 78 18.74 -7.36 42.00
N SER A 1 8.17 -0.08 -6.03
CA SER A 1 6.87 -0.23 -6.72
C SER A 1 7.04 0.06 -8.22
N ASP A 2 6.65 -0.91 -9.07
CA ASP A 2 6.75 -0.80 -10.53
C ASP A 2 5.52 -0.12 -11.15
N ALA A 3 5.61 0.19 -12.44
CA ALA A 3 4.47 0.68 -13.25
C ALA A 3 3.96 -0.42 -14.20
N PHE A 4 4.67 -1.57 -14.22
CA PHE A 4 4.34 -2.70 -15.08
C PHE A 4 3.37 -3.64 -14.33
N LYS A 5 2.31 -4.05 -15.05
CA LYS A 5 1.24 -5.01 -14.61
C LYS A 5 0.51 -4.57 -13.30
N THR A 6 0.60 -3.26 -12.99
CA THR A 6 -0.04 -2.66 -11.80
C THR A 6 -1.49 -2.20 -12.08
N ALA A 7 -1.93 -2.34 -13.34
CA ALA A 7 -3.33 -2.09 -13.74
C ALA A 7 -3.82 -3.25 -14.62
N LEU A 8 -5.15 -3.41 -14.74
CA LEU A 8 -5.75 -4.51 -15.52
C LEU A 8 -5.82 -4.15 -17.01
N CYS A 9 -5.46 -5.12 -17.86
CA CYS A 9 -5.44 -4.99 -19.33
C CYS A 9 -6.88 -4.91 -19.87
N ASP A 10 -7.22 -3.73 -20.40
CA ASP A 10 -8.57 -3.45 -20.96
C ASP A 10 -8.88 -4.39 -22.13
N ALA A 11 -7.85 -4.65 -22.97
CA ALA A 11 -7.93 -5.55 -24.13
C ALA A 11 -8.29 -7.00 -23.70
N TYR A 12 -7.75 -7.43 -22.54
CA TYR A 12 -8.06 -8.74 -21.95
C TYR A 12 -9.53 -8.78 -21.47
N LYS A 13 -9.98 -7.68 -20.85
CA LYS A 13 -11.32 -7.60 -20.23
C LYS A 13 -12.44 -7.45 -21.28
N ARG A 14 -12.12 -6.85 -22.45
CA ARG A 14 -13.11 -6.60 -23.53
C ARG A 14 -13.13 -7.74 -24.58
N SER A 15 -11.93 -8.21 -24.99
CA SER A 15 -11.76 -9.09 -26.18
C SER A 15 -11.28 -10.50 -25.79
N GLN A 16 -10.97 -10.73 -24.49
CA GLN A 16 -10.28 -11.94 -23.96
C GLN A 16 -8.80 -11.94 -24.38
N ALA A 17 -8.55 -11.98 -25.69
CA ALA A 17 -7.21 -11.87 -26.27
C ALA A 17 -6.67 -10.43 -26.15
N CYS A 18 -5.36 -10.32 -25.89
CA CYS A 18 -4.63 -9.04 -25.85
C CYS A 18 -3.73 -8.94 -27.08
N SER A 19 -3.79 -7.80 -27.81
CA SER A 19 -3.05 -7.61 -29.07
C SER A 19 -1.52 -7.59 -28.84
N TYR A 20 -1.10 -7.09 -27.66
CA TYR A 20 0.32 -7.08 -27.24
C TYR A 20 0.74 -8.44 -26.67
N GLY A 21 -0.22 -9.13 -26.01
CA GLY A 21 0.02 -10.45 -25.42
C GLY A 21 1.02 -10.41 -24.27
N ASP A 22 2.23 -10.96 -24.49
CA ASP A 22 3.31 -11.00 -23.47
C ASP A 22 4.03 -9.66 -23.34
N GLN A 23 3.91 -8.81 -24.38
CA GLN A 23 4.47 -7.43 -24.38
C GLN A 23 3.45 -6.41 -23.84
N CYS A 24 2.35 -6.92 -23.24
CA CYS A 24 1.34 -6.08 -22.57
C CYS A 24 1.86 -5.63 -21.20
N ARG A 25 1.88 -4.31 -20.96
CA ARG A 25 2.39 -3.72 -19.70
C ARG A 25 1.28 -3.63 -18.63
N PHE A 26 0.17 -4.35 -18.86
CA PHE A 26 -0.96 -4.45 -17.93
C PHE A 26 -1.31 -5.94 -17.68
N ALA A 27 -1.72 -6.24 -16.45
CA ALA A 27 -1.97 -7.62 -15.96
C ALA A 27 -3.20 -8.26 -16.63
N HIS A 28 -3.10 -9.56 -16.93
CA HIS A 28 -4.18 -10.36 -17.56
C HIS A 28 -4.96 -11.14 -16.48
N GLY A 29 -5.17 -10.48 -15.34
CA GLY A 29 -5.92 -11.05 -14.21
C GLY A 29 -5.45 -10.48 -12.88
N VAL A 30 -6.25 -10.70 -11.82
CA VAL A 30 -5.96 -10.23 -10.45
C VAL A 30 -4.73 -10.99 -9.86
N HIS A 31 -4.46 -12.19 -10.42
CA HIS A 31 -3.34 -13.05 -10.01
C HIS A 31 -2.00 -12.44 -10.47
N GLU A 32 -2.00 -11.87 -11.69
CA GLU A 32 -0.82 -11.19 -12.28
C GLU A 32 -0.76 -9.72 -11.80
N LEU A 33 -1.89 -9.22 -11.28
CA LEU A 33 -2.03 -7.82 -10.85
C LEU A 33 -1.17 -7.53 -9.62
N ARG A 34 -0.39 -6.45 -9.71
CA ARG A 34 0.35 -5.87 -8.58
C ARG A 34 -0.37 -4.58 -8.18
N LEU A 35 -1.42 -4.71 -7.34
CA LEU A 35 -2.32 -3.57 -7.01
C LEU A 35 -1.53 -2.40 -6.40
N PRO A 36 -1.76 -1.13 -6.89
CA PRO A 36 -1.04 0.07 -6.38
C PRO A 36 -1.44 0.37 -4.92
N MET A 37 -0.42 0.59 -4.07
CA MET A 37 -0.60 0.76 -2.63
C MET A 37 -1.13 2.18 -2.34
N ASN A 38 -2.41 2.24 -1.93
CA ASN A 38 -3.12 3.51 -1.66
C ASN A 38 -2.50 4.25 -0.45
N PRO A 39 -2.54 5.63 -0.41
CA PRO A 39 -2.08 6.42 0.76
C PRO A 39 -2.75 5.97 2.08
N ARG A 40 -1.92 5.47 3.02
CA ARG A 40 -2.38 4.97 4.32
C ARG A 40 -2.89 6.12 5.22
N GLY A 41 -2.17 7.26 5.17
CA GLY A 41 -2.55 8.47 5.93
C GLY A 41 -2.41 8.29 7.44
N ARG A 42 -3.43 7.67 8.06
CA ARG A 42 -3.44 7.35 9.50
C ARG A 42 -4.38 6.16 9.76
N ASN A 43 -3.89 4.95 9.46
CA ASN A 43 -4.55 3.69 9.87
C ASN A 43 -4.23 3.45 11.35
N HIS A 44 -5.17 3.84 12.22
CA HIS A 44 -5.02 3.76 13.68
C HIS A 44 -5.86 2.57 14.22
N PRO A 45 -5.23 1.39 14.52
CA PRO A 45 -5.91 0.24 15.15
C PRO A 45 -5.86 0.29 16.69
N LYS A 46 -5.31 1.40 17.23
CA LYS A 46 -5.06 1.60 18.68
C LYS A 46 -4.09 0.51 19.19
N TYR A 47 -2.85 0.58 18.71
CA TYR A 47 -1.76 -0.35 19.07
C TYR A 47 -1.38 -0.19 20.56
N LYS A 48 -1.02 1.05 20.94
CA LYS A 48 -0.52 1.38 22.27
C LYS A 48 -1.71 1.48 23.26
N THR A 49 -2.19 0.30 23.67
CA THR A 49 -3.32 0.14 24.61
C THR A 49 -2.91 -0.81 25.76
N VAL A 50 -1.92 -1.69 25.46
CA VAL A 50 -1.35 -2.63 26.44
C VAL A 50 -0.34 -1.88 27.34
N LEU A 51 -0.19 -2.36 28.59
CA LEU A 51 0.79 -1.81 29.55
C LEU A 51 2.19 -2.38 29.27
N CYS A 52 3.21 -1.56 29.59
CA CYS A 52 4.62 -1.91 29.41
C CYS A 52 5.06 -2.95 30.47
N ASP A 53 5.45 -4.14 29.98
CA ASP A 53 5.91 -5.26 30.83
C ASP A 53 7.12 -4.86 31.66
N LYS A 54 8.15 -4.32 30.98
CA LYS A 54 9.43 -3.91 31.60
C LYS A 54 9.21 -2.86 32.72
N PHE A 55 8.17 -2.02 32.54
CA PHE A 55 7.84 -0.95 33.49
C PHE A 55 7.08 -1.51 34.71
N SER A 56 6.08 -2.35 34.44
CA SER A 56 5.14 -2.84 35.47
C SER A 56 5.79 -3.89 36.41
N MET A 57 6.72 -4.69 35.86
CA MET A 57 7.37 -5.80 36.61
C MET A 57 8.45 -5.28 37.58
N THR A 58 9.25 -4.29 37.13
CA THR A 58 10.42 -3.80 37.92
C THR A 58 10.14 -2.43 38.56
N GLY A 59 9.52 -1.52 37.79
CA GLY A 59 9.21 -0.17 38.25
C GLY A 59 9.50 0.89 37.18
N ASN A 60 10.56 0.64 36.38
CA ASN A 60 11.00 1.57 35.30
C ASN A 60 11.33 0.78 34.01
N CYS A 61 11.12 1.46 32.87
CA CYS A 61 11.42 0.92 31.52
C CYS A 61 12.41 1.87 30.81
N LYS A 62 13.57 1.32 30.41
CA LYS A 62 14.70 2.12 29.85
C LYS A 62 14.38 2.72 28.47
N TYR A 63 13.34 2.17 27.80
CA TYR A 63 12.92 2.57 26.45
C TYR A 63 12.35 4.01 26.44
N GLY A 64 11.61 4.36 27.51
CA GLY A 64 11.04 5.71 27.69
C GLY A 64 10.00 6.07 26.64
N THR A 65 10.29 7.10 25.81
CA THR A 65 9.40 7.55 24.72
C THR A 65 9.49 6.60 23.49
N ARG A 66 10.53 5.74 23.47
CA ARG A 66 10.73 4.72 22.44
C ARG A 66 9.99 3.41 22.79
N CYS A 67 9.29 3.39 23.95
CA CYS A 67 8.58 2.20 24.43
C CYS A 67 7.28 1.97 23.65
N GLN A 68 7.06 0.72 23.25
CA GLN A 68 5.92 0.31 22.41
C GLN A 68 4.58 0.28 23.19
N PHE A 69 4.65 0.09 24.53
CA PHE A 69 3.46 -0.04 25.40
C PHE A 69 3.46 1.03 26.50
N ILE A 70 2.24 1.40 26.95
CA ILE A 70 1.98 2.58 27.82
C ILE A 70 2.69 2.48 29.20
N HIS A 71 3.30 3.60 29.64
CA HIS A 71 3.91 3.73 30.98
C HIS A 71 2.91 4.40 31.94
N LYS A 72 2.17 3.57 32.69
CA LYS A 72 1.34 4.03 33.82
C LYS A 72 2.04 3.61 35.12
N ILE A 73 2.12 4.54 36.09
CA ILE A 73 2.97 4.38 37.29
C ILE A 73 2.49 3.21 38.16
N VAL A 74 3.45 2.35 38.57
CA VAL A 74 3.20 1.12 39.32
C VAL A 74 2.50 1.43 40.67
N ASP A 75 1.28 0.89 40.82
CA ASP A 75 0.45 1.07 42.03
C ASP A 75 -0.20 -0.27 42.39
N GLY A 76 0.05 -0.73 43.62
CA GLY A 76 -0.50 -1.99 44.10
C GLY A 76 -0.15 -2.20 45.56
N ASN A 77 1.17 -2.16 45.86
CA ASN A 77 1.70 -2.25 47.23
C ASN A 77 2.68 -1.08 47.44
N ALA A 78 2.15 0.06 47.89
CA ALA A 78 2.92 1.30 48.13
C ALA A 78 3.61 1.25 49.52
N SER A 1 8.05 6.17 -10.09
CA SER A 1 6.76 5.63 -9.63
C SER A 1 6.18 4.60 -10.61
N ASP A 2 6.77 4.49 -11.82
CA ASP A 2 6.33 3.53 -12.86
C ASP A 2 6.60 2.08 -12.42
N ALA A 3 5.64 1.19 -12.72
CA ALA A 3 5.74 -0.25 -12.42
C ALA A 3 4.93 -1.04 -13.45
N PHE A 4 5.41 -2.25 -13.79
CA PHE A 4 4.86 -3.08 -14.86
C PHE A 4 3.62 -3.84 -14.34
N LYS A 5 2.54 -3.76 -15.12
CA LYS A 5 1.23 -4.46 -14.90
C LYS A 5 0.67 -4.27 -13.47
N THR A 6 0.38 -3.00 -13.15
CA THR A 6 -0.24 -2.58 -11.88
C THR A 6 -1.78 -2.73 -11.90
N ALA A 7 -2.34 -3.00 -13.09
CA ALA A 7 -3.79 -3.17 -13.30
C ALA A 7 -4.03 -4.21 -14.39
N LEU A 8 -5.28 -4.68 -14.50
CA LEU A 8 -5.68 -5.66 -15.52
C LEU A 8 -5.81 -5.00 -16.90
N CYS A 9 -5.51 -5.80 -17.93
CA CYS A 9 -5.47 -5.38 -19.34
C CYS A 9 -6.90 -5.21 -19.86
N ASP A 10 -7.28 -3.95 -20.18
CA ASP A 10 -8.62 -3.61 -20.68
C ASP A 10 -8.90 -4.26 -22.04
N ALA A 11 -7.85 -4.39 -22.88
CA ALA A 11 -7.92 -5.09 -24.17
C ALA A 11 -8.34 -6.57 -23.96
N TYR A 12 -7.76 -7.17 -22.91
CA TYR A 12 -8.06 -8.55 -22.50
C TYR A 12 -9.45 -8.65 -21.83
N LYS A 13 -9.88 -7.60 -21.09
CA LYS A 13 -11.16 -7.62 -20.35
C LYS A 13 -12.36 -7.42 -21.31
N ARG A 14 -12.15 -6.66 -22.40
CA ARG A 14 -13.21 -6.35 -23.38
C ARG A 14 -13.33 -7.48 -24.42
N SER A 15 -12.19 -7.86 -25.02
CA SER A 15 -12.16 -8.79 -26.17
C SER A 15 -11.87 -10.25 -25.75
N GLN A 16 -11.59 -10.46 -24.44
CA GLN A 16 -11.22 -11.77 -23.85
C GLN A 16 -9.82 -12.25 -24.31
N ALA A 17 -9.08 -11.34 -24.99
CA ALA A 17 -7.73 -11.61 -25.52
C ALA A 17 -7.03 -10.27 -25.84
N CYS A 18 -5.71 -10.22 -25.62
CA CYS A 18 -4.88 -9.04 -25.88
C CYS A 18 -3.77 -9.40 -26.88
N SER A 19 -3.63 -8.58 -27.94
CA SER A 19 -2.67 -8.81 -29.05
C SER A 19 -1.21 -8.50 -28.63
N TYR A 20 -1.07 -7.68 -27.58
CA TYR A 20 0.23 -7.20 -27.08
C TYR A 20 1.02 -8.35 -26.40
N GLY A 21 0.28 -9.35 -25.87
CA GLY A 21 0.88 -10.55 -25.27
C GLY A 21 1.69 -10.26 -24.01
N ASP A 22 2.94 -10.73 -23.96
CA ASP A 22 3.86 -10.49 -22.83
C ASP A 22 4.46 -9.07 -22.88
N GLN A 23 4.34 -8.41 -24.04
CA GLN A 23 4.75 -7.00 -24.21
C GLN A 23 3.65 -6.03 -23.72
N CYS A 24 2.52 -6.60 -23.24
CA CYS A 24 1.42 -5.83 -22.64
C CYS A 24 1.83 -5.28 -21.26
N ARG A 25 1.68 -3.97 -21.08
CA ARG A 25 2.07 -3.28 -19.82
C ARG A 25 1.00 -3.45 -18.71
N PHE A 26 -0.06 -4.25 -19.00
CA PHE A 26 -1.12 -4.59 -18.02
C PHE A 26 -1.36 -6.12 -18.02
N ALA A 27 -1.82 -6.62 -16.86
CA ALA A 27 -1.87 -8.06 -16.52
C ALA A 27 -3.05 -8.78 -17.20
N HIS A 28 -2.79 -10.02 -17.69
CA HIS A 28 -3.80 -10.88 -18.34
C HIS A 28 -4.35 -11.92 -17.34
N GLY A 29 -4.33 -11.54 -16.05
CA GLY A 29 -4.74 -12.41 -14.96
C GLY A 29 -4.45 -11.77 -13.62
N VAL A 30 -5.28 -12.10 -12.61
CA VAL A 30 -5.15 -11.57 -11.23
C VAL A 30 -3.82 -12.02 -10.57
N HIS A 31 -3.29 -13.15 -11.06
CA HIS A 31 -2.01 -13.74 -10.60
C HIS A 31 -0.81 -12.86 -11.00
N GLU A 32 -0.92 -12.18 -12.16
CA GLU A 32 0.15 -11.34 -12.72
C GLU A 32 0.16 -9.92 -12.10
N LEU A 33 -0.88 -9.57 -11.32
CA LEU A 33 -1.02 -8.20 -10.77
C LEU A 33 0.14 -7.85 -9.82
N ARG A 34 0.97 -6.89 -10.27
CA ARG A 34 2.05 -6.30 -9.49
C ARG A 34 1.58 -4.90 -9.08
N LEU A 35 0.76 -4.84 -8.01
CA LEU A 35 0.09 -3.61 -7.55
C LEU A 35 1.12 -2.50 -7.22
N PRO A 36 0.76 -1.17 -7.35
CA PRO A 36 1.70 -0.04 -7.13
C PRO A 36 2.37 -0.10 -5.74
N MET A 37 3.61 -0.61 -5.72
CA MET A 37 4.45 -0.73 -4.51
C MET A 37 5.68 0.19 -4.65
N ASN A 38 5.66 1.32 -3.92
CA ASN A 38 6.81 2.23 -3.84
C ASN A 38 7.80 1.66 -2.78
N PRO A 39 9.13 1.54 -3.10
CA PRO A 39 10.13 1.06 -2.11
C PRO A 39 10.39 2.09 -0.97
N ARG A 40 11.40 1.82 -0.13
CA ARG A 40 11.76 2.68 1.00
C ARG A 40 12.41 3.99 0.50
N GLY A 41 11.57 5.01 0.31
CA GLY A 41 11.98 6.32 -0.21
C GLY A 41 10.80 7.06 -0.82
N ARG A 42 9.92 7.60 0.04
CA ARG A 42 8.74 8.39 -0.38
C ARG A 42 8.35 9.39 0.74
N ASN A 43 7.97 10.61 0.32
CA ASN A 43 7.61 11.74 1.22
C ASN A 43 8.79 12.08 2.16
N HIS A 44 9.81 12.72 1.59
CA HIS A 44 11.06 13.10 2.29
C HIS A 44 11.84 14.12 1.45
N PRO A 45 12.69 15.01 2.09
CA PRO A 45 13.53 15.97 1.36
C PRO A 45 14.79 15.30 0.75
N LYS A 46 14.71 14.92 -0.55
CA LYS A 46 15.88 14.44 -1.31
C LYS A 46 16.85 15.61 -1.56
N TYR A 47 18.10 15.30 -1.91
CA TYR A 47 19.05 16.32 -2.38
C TYR A 47 18.83 16.52 -3.89
N LYS A 48 19.03 15.43 -4.65
CA LYS A 48 18.73 15.36 -6.08
C LYS A 48 17.23 15.15 -6.28
N THR A 49 16.50 16.27 -6.41
CA THR A 49 15.02 16.30 -6.44
C THR A 49 14.48 16.31 -7.89
N VAL A 50 14.66 17.46 -8.57
CA VAL A 50 14.10 17.72 -9.92
C VAL A 50 15.28 17.91 -10.90
N LEU A 51 15.06 17.60 -12.19
CA LEU A 51 16.08 17.80 -13.24
C LEU A 51 16.45 19.30 -13.36
N CYS A 52 17.75 19.57 -13.55
CA CYS A 52 18.29 20.95 -13.57
C CYS A 52 17.86 21.64 -14.88
N ASP A 53 16.97 22.65 -14.77
CA ASP A 53 16.34 23.30 -15.93
C ASP A 53 17.34 24.20 -16.67
N LYS A 54 18.18 24.93 -15.92
CA LYS A 54 19.23 25.79 -16.48
C LYS A 54 20.26 24.95 -17.27
N PHE A 55 20.62 23.80 -16.69
CA PHE A 55 21.65 22.91 -17.24
C PHE A 55 21.14 22.21 -18.53
N SER A 56 19.82 22.05 -18.67
CA SER A 56 19.20 21.44 -19.87
C SER A 56 18.94 22.49 -20.97
N MET A 57 18.58 23.74 -20.57
CA MET A 57 18.22 24.81 -21.52
C MET A 57 19.46 25.43 -22.18
N THR A 58 20.50 25.69 -21.36
CA THR A 58 21.73 26.39 -21.83
C THR A 58 22.90 25.40 -21.99
N GLY A 59 22.87 24.32 -21.19
CA GLY A 59 23.99 23.38 -21.10
C GLY A 59 24.93 23.71 -19.94
N ASN A 60 24.56 24.74 -19.14
CA ASN A 60 25.40 25.27 -18.05
C ASN A 60 24.55 25.53 -16.78
N CYS A 61 25.11 25.21 -15.61
CA CYS A 61 24.49 25.43 -14.30
C CYS A 61 25.40 26.32 -13.45
N LYS A 62 24.87 27.45 -12.95
CA LYS A 62 25.65 28.48 -12.22
C LYS A 62 26.19 27.98 -10.88
N TYR A 63 25.50 26.97 -10.30
CA TYR A 63 25.90 26.33 -9.04
C TYR A 63 27.02 25.30 -9.28
N GLY A 64 26.99 24.67 -10.48
CA GLY A 64 27.98 23.66 -10.87
C GLY A 64 27.91 22.41 -9.98
N THR A 65 28.97 22.18 -9.18
CA THR A 65 29.04 21.03 -8.25
C THR A 65 28.18 21.26 -7.00
N ARG A 66 27.78 22.53 -6.77
CA ARG A 66 26.94 22.94 -5.62
C ARG A 66 25.44 22.89 -5.98
N CYS A 67 25.10 22.25 -7.11
CA CYS A 67 23.72 22.17 -7.62
C CYS A 67 22.96 20.99 -6.97
N GLN A 68 21.78 21.29 -6.40
CA GLN A 68 20.88 20.30 -5.80
C GLN A 68 20.09 19.56 -6.90
N PHE A 69 19.85 20.26 -8.02
CA PHE A 69 19.04 19.74 -9.13
C PHE A 69 19.86 18.78 -10.01
N ILE A 70 19.19 17.72 -10.50
CA ILE A 70 19.81 16.57 -11.17
C ILE A 70 20.37 16.95 -12.56
N HIS A 71 21.71 16.99 -12.66
CA HIS A 71 22.41 17.25 -13.93
C HIS A 71 22.32 16.02 -14.85
N LYS A 72 21.51 16.15 -15.91
CA LYS A 72 21.37 15.14 -16.97
C LYS A 72 21.82 15.77 -18.30
N ILE A 73 23.03 15.41 -18.75
CA ILE A 73 23.55 15.83 -20.06
C ILE A 73 22.77 15.11 -21.17
N VAL A 74 22.08 15.88 -22.02
CA VAL A 74 21.28 15.35 -23.14
C VAL A 74 22.24 14.84 -24.23
N ASP A 75 22.29 13.51 -24.41
CA ASP A 75 23.27 12.83 -25.28
C ASP A 75 22.55 11.82 -26.20
N GLY A 76 22.94 11.82 -27.47
CA GLY A 76 22.41 10.91 -28.48
C GLY A 76 23.34 10.81 -29.67
N ASN A 77 23.37 11.88 -30.49
CA ASN A 77 24.29 12.00 -31.64
C ASN A 77 24.44 13.50 -32.00
N ALA A 78 24.73 14.31 -30.98
CA ALA A 78 24.98 15.75 -31.11
C ALA A 78 26.37 16.00 -31.72
N SER A 1 12.52 -2.26 -10.19
CA SER A 1 11.22 -2.61 -10.79
C SER A 1 10.70 -1.40 -11.60
N ASP A 2 10.26 -1.67 -12.85
CA ASP A 2 9.72 -0.65 -13.77
C ASP A 2 8.21 -0.48 -13.54
N ALA A 3 7.67 0.69 -13.95
CA ALA A 3 6.24 0.99 -13.84
C ALA A 3 5.43 0.15 -14.85
N PHE A 4 5.06 -1.07 -14.43
CA PHE A 4 4.34 -2.06 -15.27
C PHE A 4 3.31 -2.84 -14.44
N LYS A 5 2.12 -2.99 -15.04
CA LYS A 5 1.02 -3.92 -14.64
C LYS A 5 0.76 -4.01 -13.13
N THR A 6 0.51 -2.84 -12.52
CA THR A 6 -0.10 -2.74 -11.18
C THR A 6 -1.64 -2.84 -11.31
N ALA A 7 -2.14 -2.69 -12.55
CA ALA A 7 -3.57 -2.77 -12.90
C ALA A 7 -3.80 -3.79 -14.02
N LEU A 8 -5.05 -4.28 -14.12
CA LEU A 8 -5.47 -5.26 -15.14
C LEU A 8 -5.65 -4.61 -16.53
N CYS A 9 -5.58 -5.46 -17.56
CA CYS A 9 -5.64 -5.07 -18.97
C CYS A 9 -7.08 -5.05 -19.46
N ASP A 10 -7.56 -3.86 -19.86
CA ASP A 10 -8.95 -3.68 -20.32
C ASP A 10 -9.18 -4.38 -21.66
N ALA A 11 -8.14 -4.39 -22.51
CA ALA A 11 -8.16 -5.10 -23.82
C ALA A 11 -8.37 -6.62 -23.63
N TYR A 12 -7.84 -7.15 -22.52
CA TYR A 12 -8.00 -8.55 -22.11
C TYR A 12 -9.43 -8.78 -21.57
N LYS A 13 -9.91 -7.85 -20.74
CA LYS A 13 -11.23 -7.98 -20.06
C LYS A 13 -12.40 -7.76 -21.03
N ARG A 14 -12.16 -7.02 -22.13
CA ARG A 14 -13.18 -6.73 -23.16
C ARG A 14 -13.14 -7.75 -24.31
N SER A 15 -11.95 -7.96 -24.88
CA SER A 15 -11.78 -8.68 -26.18
C SER A 15 -11.07 -10.05 -26.03
N GLN A 16 -10.77 -10.46 -24.77
CA GLN A 16 -10.00 -11.69 -24.45
C GLN A 16 -8.55 -11.60 -24.96
N ALA A 17 -8.37 -11.85 -26.28
CA ALA A 17 -7.06 -11.83 -26.92
C ALA A 17 -6.52 -10.39 -27.02
N CYS A 18 -5.69 -10.02 -26.05
CA CYS A 18 -4.98 -8.74 -26.02
C CYS A 18 -3.76 -8.82 -26.96
N SER A 19 -3.64 -7.82 -27.87
CA SER A 19 -2.76 -7.87 -29.06
C SER A 19 -1.26 -8.10 -28.73
N TYR A 20 -0.79 -7.50 -27.63
CA TYR A 20 0.63 -7.60 -27.21
C TYR A 20 0.91 -8.93 -26.46
N GLY A 21 -0.12 -9.46 -25.78
CA GLY A 21 -0.01 -10.72 -25.03
C GLY A 21 0.95 -10.64 -23.84
N ASP A 22 2.16 -11.19 -24.00
CA ASP A 22 3.21 -11.16 -22.96
C ASP A 22 3.84 -9.77 -22.84
N GLN A 23 3.90 -9.06 -23.98
CA GLN A 23 4.49 -7.70 -24.07
C GLN A 23 3.47 -6.61 -23.68
N CYS A 24 2.28 -7.03 -23.19
CA CYS A 24 1.23 -6.10 -22.74
C CYS A 24 1.67 -5.39 -21.46
N ARG A 25 1.53 -4.05 -21.46
CA ARG A 25 1.93 -3.20 -20.33
C ARG A 25 1.08 -3.47 -19.07
N PHE A 26 -0.20 -3.85 -19.26
CA PHE A 26 -1.13 -4.16 -18.17
C PHE A 26 -1.29 -5.70 -18.00
N ALA A 27 -1.75 -6.10 -16.80
CA ALA A 27 -1.77 -7.50 -16.34
C ALA A 27 -2.96 -8.29 -16.93
N HIS A 28 -2.70 -9.54 -17.35
CA HIS A 28 -3.74 -10.47 -17.82
C HIS A 28 -4.06 -11.50 -16.72
N GLY A 29 -3.89 -11.09 -15.45
CA GLY A 29 -4.11 -11.97 -14.32
C GLY A 29 -3.69 -11.35 -13.00
N VAL A 30 -4.20 -11.94 -11.91
CA VAL A 30 -3.88 -11.54 -10.52
C VAL A 30 -2.38 -11.77 -10.20
N HIS A 31 -1.77 -12.75 -10.91
CA HIS A 31 -0.37 -13.15 -10.75
C HIS A 31 0.59 -12.06 -11.28
N GLU A 32 0.16 -11.36 -12.35
CA GLU A 32 0.96 -10.31 -13.00
C GLU A 32 0.77 -8.93 -12.33
N LEU A 33 -0.07 -8.86 -11.28
CA LEU A 33 -0.32 -7.61 -10.55
C LEU A 33 0.80 -7.31 -9.55
N ARG A 34 1.52 -6.21 -9.80
CA ARG A 34 2.51 -5.65 -8.86
C ARG A 34 1.79 -4.74 -7.87
N LEU A 35 2.27 -4.70 -6.63
CA LEU A 35 1.76 -3.80 -5.59
C LEU A 35 2.18 -2.34 -5.86
N PRO A 36 1.42 -1.32 -5.35
CA PRO A 36 1.87 0.09 -5.34
C PRO A 36 3.18 0.23 -4.53
N MET A 37 4.28 0.50 -5.23
CA MET A 37 5.64 0.55 -4.65
C MET A 37 6.18 2.00 -4.65
N ASN A 38 7.31 2.20 -3.96
CA ASN A 38 7.95 3.54 -3.83
C ASN A 38 9.47 3.39 -3.57
N PRO A 39 10.32 4.41 -3.94
CA PRO A 39 11.79 4.40 -3.70
C PRO A 39 12.23 4.10 -2.25
N ARG A 40 11.43 4.56 -1.25
CA ARG A 40 11.77 4.38 0.18
C ARG A 40 11.46 2.96 0.70
N GLY A 41 10.92 2.09 -0.18
CA GLY A 41 10.68 0.68 0.14
C GLY A 41 11.86 -0.22 -0.21
N ARG A 42 13.06 0.38 -0.38
CA ARG A 42 14.30 -0.35 -0.68
C ARG A 42 14.81 -1.08 0.57
N ASN A 43 15.13 -2.39 0.42
CA ASN A 43 15.75 -3.21 1.47
C ASN A 43 17.21 -2.73 1.69
N HIS A 44 17.37 -1.85 2.69
CA HIS A 44 18.66 -1.20 2.99
C HIS A 44 19.45 -2.05 4.01
N PRO A 45 20.74 -2.42 3.71
CA PRO A 45 21.58 -3.21 4.63
C PRO A 45 22.19 -2.34 5.77
N LYS A 46 21.56 -2.39 6.94
CA LYS A 46 22.12 -1.81 8.19
C LYS A 46 22.72 -2.93 9.04
N TYR A 47 23.65 -2.57 9.96
CA TYR A 47 24.36 -3.53 10.83
C TYR A 47 23.39 -4.40 11.67
N LYS A 48 22.23 -3.82 12.06
CA LYS A 48 21.26 -4.47 12.95
C LYS A 48 19.85 -4.50 12.31
N THR A 49 19.82 -4.62 10.98
CA THR A 49 18.61 -5.06 10.23
C THR A 49 18.83 -6.49 9.68
N VAL A 50 20.04 -7.01 9.92
CA VAL A 50 20.45 -8.37 9.51
C VAL A 50 20.57 -9.25 10.76
N LEU A 51 20.01 -10.47 10.68
CA LEU A 51 20.11 -11.48 11.74
C LEU A 51 21.53 -12.09 11.77
N CYS A 52 21.96 -12.56 12.95
CA CYS A 52 23.33 -13.06 13.17
C CYS A 52 23.49 -14.46 12.55
N ASP A 53 24.34 -14.55 11.50
CA ASP A 53 24.58 -15.79 10.74
C ASP A 53 25.19 -16.87 11.63
N LYS A 54 26.28 -16.49 12.34
CA LYS A 54 27.04 -17.41 13.23
C LYS A 54 26.13 -18.07 14.28
N PHE A 55 25.28 -17.25 14.88
CA PHE A 55 24.36 -17.67 15.95
C PHE A 55 23.29 -18.66 15.42
N SER A 56 22.96 -18.54 14.13
CA SER A 56 21.98 -19.41 13.46
C SER A 56 22.63 -20.69 12.87
N MET A 57 23.93 -20.60 12.50
CA MET A 57 24.64 -21.72 11.80
C MET A 57 25.23 -22.72 12.80
N THR A 58 26.00 -22.21 13.77
CA THR A 58 26.70 -23.04 14.78
C THR A 58 25.84 -23.15 16.07
N GLY A 59 25.08 -22.07 16.35
CA GLY A 59 24.24 -21.99 17.54
C GLY A 59 24.67 -20.89 18.49
N ASN A 60 25.95 -20.46 18.36
CA ASN A 60 26.56 -19.44 19.24
C ASN A 60 27.29 -18.38 18.39
N CYS A 61 27.35 -17.16 18.93
CA CYS A 61 28.13 -16.05 18.35
C CYS A 61 29.19 -15.63 19.39
N LYS A 62 30.48 -15.73 19.01
CA LYS A 62 31.61 -15.51 19.94
C LYS A 62 31.83 -14.02 20.25
N TYR A 63 31.32 -13.16 19.36
CA TYR A 63 31.37 -11.70 19.52
C TYR A 63 30.49 -11.25 20.71
N GLY A 64 29.32 -11.91 20.86
CA GLY A 64 28.37 -11.61 21.93
C GLY A 64 27.79 -10.21 21.83
N THR A 65 28.15 -9.34 22.80
CA THR A 65 27.73 -7.92 22.82
C THR A 65 28.42 -7.13 21.69
N ARG A 66 29.62 -7.58 21.32
CA ARG A 66 30.44 -6.97 20.25
C ARG A 66 29.90 -7.31 18.85
N CYS A 67 28.91 -8.23 18.80
CA CYS A 67 28.17 -8.55 17.57
C CYS A 67 27.15 -7.45 17.30
N GLN A 68 27.23 -6.86 16.10
CA GLN A 68 26.35 -5.75 15.66
C GLN A 68 25.03 -6.28 15.08
N PHE A 69 24.98 -7.59 14.80
CA PHE A 69 23.84 -8.26 14.17
C PHE A 69 22.84 -8.75 15.23
N ILE A 70 21.55 -8.78 14.84
CA ILE A 70 20.43 -9.21 15.70
C ILE A 70 20.61 -10.69 16.13
N HIS A 71 20.87 -10.95 17.41
CA HIS A 71 20.86 -12.33 17.95
C HIS A 71 19.41 -12.79 18.08
N LYS A 72 18.92 -13.42 17.00
CA LYS A 72 17.59 -14.01 16.94
C LYS A 72 17.69 -15.44 17.49
N ILE A 73 16.94 -15.74 18.57
CA ILE A 73 17.11 -17.01 19.30
C ILE A 73 16.59 -18.18 18.43
N VAL A 74 17.55 -18.83 17.75
CA VAL A 74 17.34 -20.03 16.93
C VAL A 74 17.77 -21.25 17.75
N ASP A 75 16.95 -22.30 17.75
CA ASP A 75 17.23 -23.56 18.47
C ASP A 75 18.51 -24.23 17.89
N GLY A 76 18.62 -24.21 16.56
CA GLY A 76 19.75 -24.80 15.86
C GLY A 76 19.66 -26.31 15.80
N ASN A 77 18.56 -26.81 15.23
CA ASN A 77 18.31 -28.26 15.07
C ASN A 77 19.28 -28.85 14.02
N ALA A 78 20.46 -29.26 14.49
CA ALA A 78 21.55 -29.80 13.66
C ALA A 78 22.23 -30.96 14.41
N SER A 1 8.86 -0.11 -11.26
CA SER A 1 8.48 1.07 -12.08
C SER A 1 6.96 1.22 -12.14
N ASP A 2 6.50 2.47 -12.37
CA ASP A 2 5.06 2.79 -12.51
C ASP A 2 4.53 2.35 -13.89
N ALA A 3 3.18 2.30 -13.99
CA ALA A 3 2.44 1.88 -15.20
C ALA A 3 2.82 0.45 -15.65
N PHE A 4 3.02 -0.44 -14.66
CA PHE A 4 3.32 -1.88 -14.89
C PHE A 4 2.32 -2.75 -14.12
N LYS A 5 1.26 -3.18 -14.84
CA LYS A 5 0.25 -4.19 -14.42
C LYS A 5 -0.30 -4.01 -13.00
N THR A 6 -0.39 -2.74 -12.58
CA THR A 6 -1.07 -2.34 -11.34
C THR A 6 -2.59 -2.21 -11.60
N ALA A 7 -2.95 -2.09 -12.89
CA ALA A 7 -4.34 -2.12 -13.39
C ALA A 7 -4.47 -3.22 -14.44
N LEU A 8 -5.70 -3.72 -14.65
CA LEU A 8 -5.99 -4.81 -15.61
C LEU A 8 -5.94 -4.33 -17.07
N CYS A 9 -5.71 -5.28 -17.98
CA CYS A 9 -5.64 -5.04 -19.42
C CYS A 9 -7.06 -4.92 -20.00
N ASP A 10 -7.36 -3.77 -20.62
CA ASP A 10 -8.69 -3.47 -21.20
C ASP A 10 -9.01 -4.40 -22.38
N ALA A 11 -7.95 -4.82 -23.10
CA ALA A 11 -8.06 -5.81 -24.19
C ALA A 11 -8.38 -7.21 -23.64
N TYR A 12 -7.91 -7.50 -22.42
CA TYR A 12 -8.09 -8.81 -21.77
C TYR A 12 -9.48 -8.92 -21.11
N LYS A 13 -10.04 -7.80 -20.63
CA LYS A 13 -11.35 -7.80 -19.94
C LYS A 13 -12.51 -7.74 -20.95
N ARG A 14 -12.34 -6.96 -22.05
CA ARG A 14 -13.42 -6.72 -23.04
C ARG A 14 -13.35 -7.77 -24.17
N SER A 15 -12.15 -7.95 -24.76
CA SER A 15 -11.95 -8.81 -25.94
C SER A 15 -11.39 -10.19 -25.55
N GLN A 16 -10.76 -10.27 -24.35
CA GLN A 16 -10.01 -11.45 -23.83
C GLN A 16 -8.64 -11.60 -24.54
N ALA A 17 -8.65 -11.64 -25.88
CA ALA A 17 -7.43 -11.66 -26.70
C ALA A 17 -6.76 -10.26 -26.69
N CYS A 18 -5.48 -10.23 -26.28
CA CYS A 18 -4.67 -9.00 -26.19
C CYS A 18 -3.60 -9.01 -27.30
N SER A 19 -3.56 -7.93 -28.11
CA SER A 19 -2.65 -7.82 -29.29
C SER A 19 -1.17 -7.70 -28.86
N TYR A 20 -0.94 -7.08 -27.69
CA TYR A 20 0.41 -6.94 -27.10
C TYR A 20 0.96 -8.31 -26.65
N GLY A 21 0.04 -9.20 -26.21
CA GLY A 21 0.40 -10.55 -25.77
C GLY A 21 1.22 -10.56 -24.48
N ASP A 22 2.43 -11.11 -24.53
CA ASP A 22 3.37 -11.17 -23.38
C ASP A 22 4.05 -9.81 -23.14
N GLN A 23 4.03 -8.95 -24.18
CA GLN A 23 4.58 -7.57 -24.10
C GLN A 23 3.58 -6.59 -23.46
N CYS A 24 2.40 -7.10 -23.04
CA CYS A 24 1.35 -6.28 -22.42
C CYS A 24 1.80 -5.77 -21.04
N ARG A 25 1.92 -4.44 -20.92
CA ARG A 25 2.32 -3.77 -19.67
C ARG A 25 1.25 -3.98 -18.58
N PHE A 26 -0.03 -4.01 -18.99
CA PHE A 26 -1.20 -4.20 -18.10
C PHE A 26 -1.41 -5.69 -17.73
N ALA A 27 -2.17 -5.91 -16.65
CA ALA A 27 -2.33 -7.22 -16.00
C ALA A 27 -3.32 -8.15 -16.74
N HIS A 28 -2.88 -9.37 -17.05
CA HIS A 28 -3.73 -10.44 -17.61
C HIS A 28 -4.19 -11.37 -16.46
N GLY A 29 -5.05 -10.83 -15.58
CA GLY A 29 -5.57 -11.58 -14.41
C GLY A 29 -5.25 -10.87 -13.10
N VAL A 30 -5.97 -11.25 -12.03
CA VAL A 30 -5.82 -10.63 -10.69
C VAL A 30 -4.48 -11.01 -10.03
N HIS A 31 -3.91 -12.15 -10.46
CA HIS A 31 -2.57 -12.63 -10.01
C HIS A 31 -1.46 -11.72 -10.58
N GLU A 32 -1.70 -11.18 -11.78
CA GLU A 32 -0.78 -10.26 -12.48
C GLU A 32 -0.84 -8.84 -11.91
N LEU A 33 -1.89 -8.53 -11.12
CA LEU A 33 -2.03 -7.23 -10.46
C LEU A 33 -0.96 -7.01 -9.39
N ARG A 34 -0.11 -6.00 -9.62
CA ARG A 34 0.81 -5.47 -8.60
C ARG A 34 0.09 -4.37 -7.83
N LEU A 35 0.22 -4.39 -6.51
CA LEU A 35 -0.38 -3.35 -5.64
C LEU A 35 0.59 -2.17 -5.47
N PRO A 36 0.07 -0.93 -5.18
CA PRO A 36 0.93 0.19 -4.74
C PRO A 36 1.63 -0.17 -3.41
N MET A 37 2.96 -0.37 -3.47
CA MET A 37 3.77 -0.88 -2.35
C MET A 37 3.68 0.07 -1.14
N ASN A 38 2.92 -0.37 -0.12
CA ASN A 38 2.59 0.44 1.07
C ASN A 38 3.81 0.56 2.01
N PRO A 39 4.39 1.80 2.17
CA PRO A 39 5.53 2.04 3.10
C PRO A 39 5.19 1.65 4.56
N ARG A 40 5.94 0.65 5.08
CA ARG A 40 5.86 0.19 6.49
C ARG A 40 4.53 -0.57 6.77
N GLY A 41 3.83 -0.97 5.69
CA GLY A 41 2.54 -1.67 5.77
C GLY A 41 2.64 -3.13 5.35
N ARG A 42 3.59 -3.41 4.44
CA ARG A 42 3.90 -4.75 3.91
C ARG A 42 2.71 -5.36 3.11
N ASN A 43 2.79 -5.21 1.76
CA ASN A 43 1.77 -5.67 0.79
C ASN A 43 0.42 -4.93 0.96
N HIS A 44 -0.37 -5.33 1.96
CA HIS A 44 -1.73 -4.78 2.20
C HIS A 44 -1.66 -3.29 2.60
N PRO A 45 -2.65 -2.44 2.15
CA PRO A 45 -2.66 -0.98 2.46
C PRO A 45 -3.13 -0.69 3.89
N LYS A 46 -2.23 -0.95 4.86
CA LYS A 46 -2.43 -0.62 6.28
C LYS A 46 -2.32 0.91 6.43
N TYR A 47 -3.49 1.56 6.53
CA TYR A 47 -3.65 3.02 6.38
C TYR A 47 -3.03 3.80 7.55
N LYS A 48 -3.33 3.34 8.77
CA LYS A 48 -2.83 3.98 10.00
C LYS A 48 -1.34 3.66 10.16
N THR A 49 -0.49 4.62 9.78
CA THR A 49 0.98 4.44 9.74
C THR A 49 1.66 5.21 10.89
N VAL A 50 1.18 6.42 11.15
CA VAL A 50 1.70 7.29 12.23
C VAL A 50 0.96 6.98 13.55
N LEU A 51 1.70 6.95 14.68
CA LEU A 51 1.11 6.72 16.02
C LEU A 51 0.25 7.93 16.46
N CYS A 52 -0.79 7.64 17.25
CA CYS A 52 -1.70 8.68 17.78
C CYS A 52 -1.05 9.30 19.04
N ASP A 53 -0.67 10.58 18.94
CA ASP A 53 0.14 11.28 19.97
C ASP A 53 -0.65 11.46 21.26
N LYS A 54 -1.88 11.99 21.13
CA LYS A 54 -2.76 12.27 22.28
C LYS A 54 -3.23 10.96 22.96
N PHE A 55 -3.37 9.88 22.17
CA PHE A 55 -3.75 8.56 22.70
C PHE A 55 -2.55 7.92 23.45
N SER A 56 -1.33 8.35 23.11
CA SER A 56 -0.10 7.91 23.76
C SER A 56 0.21 8.76 25.02
N MET A 57 -0.20 10.05 25.01
CA MET A 57 0.11 11.01 26.10
C MET A 57 -0.98 11.00 27.20
N THR A 58 -2.25 11.19 26.79
CA THR A 58 -3.41 11.27 27.72
C THR A 58 -4.11 9.91 27.85
N GLY A 59 -3.90 9.04 26.84
CA GLY A 59 -4.55 7.73 26.79
C GLY A 59 -5.89 7.75 26.06
N ASN A 60 -6.29 8.94 25.57
CA ASN A 60 -7.61 9.14 24.92
C ASN A 60 -7.46 9.91 23.60
N CYS A 61 -8.30 9.53 22.63
CA CYS A 61 -8.38 10.18 21.31
C CYS A 61 -9.83 10.67 21.08
N LYS A 62 -9.97 11.99 20.82
CA LYS A 62 -11.29 12.67 20.70
C LYS A 62 -12.03 12.30 19.39
N TYR A 63 -11.30 11.72 18.43
CA TYR A 63 -11.86 11.24 17.15
C TYR A 63 -12.39 9.80 17.28
N GLY A 64 -11.80 9.03 18.22
CA GLY A 64 -12.11 7.61 18.36
C GLY A 64 -11.69 6.81 17.13
N THR A 65 -12.62 6.05 16.53
CA THR A 65 -12.35 5.23 15.32
C THR A 65 -12.15 6.11 14.05
N ARG A 66 -12.57 7.39 14.13
CA ARG A 66 -12.41 8.37 13.02
C ARG A 66 -10.95 8.84 12.89
N CYS A 67 -10.13 8.57 13.94
CA CYS A 67 -8.69 8.90 13.96
C CYS A 67 -7.93 8.01 12.96
N GLN A 68 -7.14 8.65 12.08
CA GLN A 68 -6.35 7.96 11.03
C GLN A 68 -4.99 7.45 11.57
N PHE A 69 -4.80 7.54 12.89
CA PHE A 69 -3.54 7.22 13.56
C PHE A 69 -3.68 5.97 14.44
N ILE A 70 -2.57 5.22 14.57
CA ILE A 70 -2.51 3.94 15.31
C ILE A 70 -2.80 4.16 16.81
N HIS A 71 -3.85 3.51 17.32
CA HIS A 71 -4.19 3.53 18.75
C HIS A 71 -3.53 2.33 19.46
N LYS A 72 -2.34 2.58 20.02
CA LYS A 72 -1.66 1.65 20.94
C LYS A 72 -1.95 2.10 22.37
N ILE A 73 -2.66 1.24 23.13
CA ILE A 73 -3.03 1.52 24.54
C ILE A 73 -1.77 1.50 25.41
N VAL A 74 -1.61 2.56 26.23
CA VAL A 74 -0.42 2.74 27.10
C VAL A 74 -0.31 1.58 28.12
N ASP A 75 0.80 0.84 28.03
CA ASP A 75 1.06 -0.35 28.87
C ASP A 75 1.64 0.05 30.23
N GLY A 76 1.71 -0.91 31.17
CA GLY A 76 2.25 -0.68 32.51
C GLY A 76 1.15 -0.58 33.55
N ASN A 77 0.93 -1.70 34.29
CA ASN A 77 -0.07 -1.86 35.39
C ASN A 77 -1.51 -1.38 35.01
N ALA A 78 -1.81 -1.45 33.71
CA ALA A 78 -3.11 -1.05 33.15
C ALA A 78 -3.39 -1.88 31.88
N SER A 1 4.75 5.64 -9.21
CA SER A 1 4.08 4.35 -9.00
C SER A 1 4.57 3.30 -10.01
N ASP A 2 4.42 2.01 -9.67
CA ASP A 2 4.79 0.88 -10.54
C ASP A 2 3.77 0.75 -11.70
N ALA A 3 4.25 0.35 -12.89
CA ALA A 3 3.44 0.30 -14.13
C ALA A 3 3.23 -1.13 -14.65
N PHE A 4 3.80 -2.12 -13.93
CA PHE A 4 3.65 -3.55 -14.29
C PHE A 4 2.50 -4.19 -13.52
N LYS A 5 1.38 -4.43 -14.25
CA LYS A 5 0.25 -5.28 -13.81
C LYS A 5 -0.50 -4.69 -12.60
N THR A 6 -0.27 -3.40 -12.33
CA THR A 6 -0.96 -2.66 -11.26
C THR A 6 -2.38 -2.22 -11.70
N ALA A 7 -2.61 -2.30 -13.03
CA ALA A 7 -3.91 -2.03 -13.64
C ALA A 7 -4.23 -3.16 -14.63
N LEU A 8 -5.52 -3.56 -14.70
CA LEU A 8 -5.99 -4.57 -15.66
C LEU A 8 -5.82 -4.10 -17.12
N CYS A 9 -5.62 -5.07 -18.01
CA CYS A 9 -5.49 -4.85 -19.45
C CYS A 9 -6.88 -4.74 -20.07
N ASP A 10 -7.22 -3.53 -20.56
CA ASP A 10 -8.52 -3.24 -21.19
C ASP A 10 -8.72 -4.13 -22.43
N ALA A 11 -7.65 -4.26 -23.23
CA ALA A 11 -7.63 -5.10 -24.45
C ALA A 11 -7.93 -6.57 -24.14
N TYR A 12 -7.44 -7.04 -22.98
CA TYR A 12 -7.69 -8.41 -22.50
C TYR A 12 -9.16 -8.58 -22.09
N LYS A 13 -9.68 -7.62 -21.29
CA LYS A 13 -11.04 -7.70 -20.74
C LYS A 13 -12.12 -7.71 -21.85
N ARG A 14 -11.90 -6.88 -22.88
CA ARG A 14 -12.90 -6.64 -23.95
C ARG A 14 -12.90 -7.78 -25.00
N SER A 15 -11.75 -8.44 -25.19
CA SER A 15 -11.57 -9.48 -26.23
C SER A 15 -11.35 -10.90 -25.65
N GLN A 16 -11.19 -10.99 -24.29
CA GLN A 16 -10.82 -12.23 -23.55
C GLN A 16 -9.36 -12.66 -23.87
N ALA A 17 -8.60 -11.74 -24.50
CA ALA A 17 -7.21 -11.93 -24.93
C ALA A 17 -6.65 -10.57 -25.38
N CYS A 18 -5.43 -10.23 -24.93
CA CYS A 18 -4.78 -8.94 -25.24
C CYS A 18 -4.11 -8.98 -26.61
N SER A 19 -4.16 -7.84 -27.33
CA SER A 19 -3.58 -7.68 -28.67
C SER A 19 -2.03 -7.78 -28.64
N TYR A 20 -1.43 -7.15 -27.62
CA TYR A 20 0.04 -7.13 -27.43
C TYR A 20 0.53 -8.42 -26.77
N GLY A 21 -0.31 -8.99 -25.88
CA GLY A 21 0.00 -10.22 -25.16
C GLY A 21 1.21 -10.09 -24.24
N ASP A 22 2.37 -10.62 -24.66
CA ASP A 22 3.62 -10.60 -23.88
C ASP A 22 4.24 -9.19 -23.87
N GLN A 23 3.92 -8.39 -24.90
CA GLN A 23 4.36 -6.98 -25.01
C GLN A 23 3.52 -6.06 -24.10
N CYS A 24 2.37 -6.58 -23.60
CA CYS A 24 1.50 -5.85 -22.68
C CYS A 24 2.02 -5.98 -21.24
N ARG A 25 2.22 -4.82 -20.56
CA ARG A 25 2.72 -4.78 -19.17
C ARG A 25 1.56 -4.81 -18.15
N PHE A 26 0.31 -4.72 -18.64
CA PHE A 26 -0.91 -4.72 -17.80
C PHE A 26 -1.33 -6.15 -17.42
N ALA A 27 -2.12 -6.26 -16.35
CA ALA A 27 -2.56 -7.54 -15.77
C ALA A 27 -3.61 -8.27 -16.64
N HIS A 28 -3.32 -9.54 -16.95
CA HIS A 28 -4.23 -10.43 -17.71
C HIS A 28 -4.94 -11.37 -16.72
N GLY A 29 -5.79 -10.78 -15.88
CA GLY A 29 -6.47 -11.49 -14.77
C GLY A 29 -6.05 -10.94 -13.42
N VAL A 30 -6.81 -11.30 -12.35
CA VAL A 30 -6.54 -10.82 -10.98
C VAL A 30 -5.31 -11.54 -10.36
N HIS A 31 -4.97 -12.73 -10.88
CA HIS A 31 -3.75 -13.46 -10.46
C HIS A 31 -2.49 -12.72 -10.95
N GLU A 32 -2.61 -12.06 -12.12
CA GLU A 32 -1.57 -11.18 -12.66
C GLU A 32 -1.62 -9.79 -12.02
N LEU A 33 -2.80 -9.40 -11.49
CA LEU A 33 -3.01 -8.08 -10.86
C LEU A 33 -2.19 -8.01 -9.56
N ARG A 34 -1.15 -7.16 -9.59
CA ARG A 34 -0.18 -6.98 -8.50
C ARG A 34 -0.24 -5.54 -8.00
N LEU A 35 -0.18 -5.36 -6.67
CA LEU A 35 -0.20 -4.03 -6.03
C LEU A 35 1.20 -3.35 -6.13
N PRO A 36 1.26 -1.97 -6.18
CA PRO A 36 2.53 -1.21 -6.31
C PRO A 36 3.21 -1.00 -4.94
N MET A 37 3.37 -2.12 -4.19
CA MET A 37 3.86 -2.14 -2.79
C MET A 37 2.95 -1.33 -1.85
N ASN A 38 1.67 -1.22 -2.25
CA ASN A 38 0.63 -0.48 -1.52
C ASN A 38 -0.60 -1.40 -1.40
N PRO A 39 -1.05 -1.77 -0.14
CA PRO A 39 -2.31 -2.53 0.09
C PRO A 39 -3.51 -1.92 -0.67
N ARG A 40 -4.10 -2.73 -1.58
CA ARG A 40 -5.14 -2.29 -2.53
C ARG A 40 -6.43 -1.87 -1.79
N GLY A 41 -6.78 -0.57 -1.91
CA GLY A 41 -8.00 -0.01 -1.33
C GLY A 41 -7.78 0.51 0.08
N ARG A 42 -7.50 -0.42 1.01
CA ARG A 42 -7.36 -0.10 2.44
C ARG A 42 -5.98 0.54 2.71
N ASN A 43 -5.99 1.85 3.01
CA ASN A 43 -4.83 2.57 3.52
C ASN A 43 -4.82 2.43 5.05
N HIS A 44 -5.84 3.04 5.70
CA HIS A 44 -6.11 2.93 7.14
C HIS A 44 -7.46 3.61 7.44
N PRO A 45 -8.26 3.10 8.45
CA PRO A 45 -9.59 3.68 8.81
C PRO A 45 -9.45 4.92 9.72
N LYS A 46 -8.60 5.88 9.28
CA LYS A 46 -8.17 7.04 10.07
C LYS A 46 -7.53 6.59 11.39
N TYR A 47 -6.64 5.58 11.28
CA TYR A 47 -5.91 4.99 12.41
C TYR A 47 -4.93 6.03 13.01
N LYS A 48 -4.11 6.63 12.13
CA LYS A 48 -3.16 7.68 12.52
C LYS A 48 -3.90 9.02 12.60
N THR A 49 -4.09 9.52 13.84
CA THR A 49 -4.93 10.69 14.14
C THR A 49 -4.08 11.87 14.66
N VAL A 50 -3.29 11.61 15.72
CA VAL A 50 -2.45 12.63 16.39
C VAL A 50 -1.03 12.61 15.80
N LEU A 51 -0.38 13.80 15.76
CA LEU A 51 1.01 13.93 15.28
C LEU A 51 2.01 13.29 16.28
N CYS A 52 3.16 12.85 15.76
CA CYS A 52 4.21 12.21 16.56
C CYS A 52 5.10 13.29 17.19
N ASP A 53 5.06 13.38 18.53
CA ASP A 53 5.84 14.38 19.29
C ASP A 53 7.32 14.02 19.26
N LYS A 54 7.61 12.72 19.43
CA LYS A 54 8.99 12.20 19.47
C LYS A 54 9.73 12.44 18.14
N PHE A 55 8.97 12.41 17.03
CA PHE A 55 9.50 12.66 15.68
C PHE A 55 9.92 14.14 15.56
N SER A 56 9.01 15.05 15.94
CA SER A 56 9.18 16.50 15.75
C SER A 56 10.22 17.11 16.73
N MET A 57 10.27 16.58 17.98
CA MET A 57 11.13 17.14 19.06
C MET A 57 12.61 16.77 18.86
N THR A 58 12.90 15.53 18.42
CA THR A 58 14.29 15.04 18.31
C THR A 58 14.81 15.21 16.87
N GLY A 59 13.94 14.87 15.90
CA GLY A 59 14.29 14.92 14.47
C GLY A 59 13.68 13.74 13.71
N ASN A 60 13.63 12.57 14.40
CA ASN A 60 13.10 11.31 13.83
C ASN A 60 12.43 10.46 14.93
N CYS A 61 11.62 9.47 14.50
CA CYS A 61 10.95 8.50 15.38
C CYS A 61 11.42 7.09 15.00
N LYS A 62 12.02 6.38 15.98
CA LYS A 62 12.71 5.08 15.75
C LYS A 62 11.73 3.92 15.46
N TYR A 63 10.48 4.08 15.93
CA TYR A 63 9.41 3.07 15.73
C TYR A 63 9.03 2.95 14.24
N GLY A 64 8.92 4.10 13.55
CA GLY A 64 8.53 4.14 12.14
C GLY A 64 7.12 3.61 11.88
N THR A 65 7.03 2.37 11.38
CA THR A 65 5.73 1.71 11.08
C THR A 65 5.04 1.21 12.36
N ARG A 66 5.84 1.03 13.45
CA ARG A 66 5.33 0.64 14.78
C ARG A 66 4.60 1.83 15.45
N CYS A 67 5.00 3.06 15.05
CA CYS A 67 4.44 4.31 15.59
C CYS A 67 3.02 4.54 15.02
N GLN A 68 2.04 4.68 15.93
CA GLN A 68 0.62 4.89 15.56
C GLN A 68 0.33 6.35 15.17
N PHE A 69 1.29 7.23 15.44
CA PHE A 69 1.15 8.68 15.24
C PHE A 69 1.68 9.11 13.87
N ILE A 70 1.08 10.19 13.32
CA ILE A 70 1.41 10.75 12.00
C ILE A 70 2.84 11.32 11.99
N HIS A 71 3.67 10.86 11.04
CA HIS A 71 5.02 11.40 10.81
C HIS A 71 4.98 12.43 9.66
N LYS A 72 4.85 13.71 10.02
CA LYS A 72 5.03 14.83 9.09
C LYS A 72 6.50 15.26 9.13
N ILE A 73 7.22 15.07 8.01
CA ILE A 73 8.67 15.27 7.93
C ILE A 73 9.00 16.78 8.08
N VAL A 74 9.38 17.17 9.31
CA VAL A 74 9.68 18.56 9.66
C VAL A 74 11.02 18.99 9.04
N ASP A 75 11.02 20.15 8.36
CA ASP A 75 12.22 20.74 7.74
C ASP A 75 13.12 21.41 8.81
N GLY A 76 14.31 21.86 8.38
CA GLY A 76 15.27 22.53 9.28
C GLY A 76 14.72 23.81 9.92
N ASN A 77 13.84 24.50 9.17
CA ASN A 77 13.13 25.70 9.65
C ASN A 77 11.76 25.78 8.97
N ALA A 78 10.72 26.11 9.77
CA ALA A 78 9.33 26.24 9.29
C ALA A 78 8.52 27.08 10.31
N SER A 1 9.72 -4.56 -6.83
CA SER A 1 9.11 -4.47 -8.19
C SER A 1 8.90 -3.00 -8.59
N ASP A 2 9.00 -2.72 -9.90
CA ASP A 2 8.68 -1.39 -10.48
C ASP A 2 7.18 -1.30 -10.83
N ALA A 3 6.71 -0.09 -11.15
CA ALA A 3 5.29 0.17 -11.48
C ALA A 3 4.94 -0.41 -12.86
N PHE A 4 4.64 -1.72 -12.87
CA PHE A 4 4.33 -2.47 -14.08
C PHE A 4 3.34 -3.59 -13.72
N LYS A 5 2.31 -3.76 -14.58
CA LYS A 5 1.18 -4.72 -14.43
C LYS A 5 0.57 -4.72 -13.01
N THR A 6 0.32 -3.50 -12.53
CA THR A 6 -0.33 -3.24 -11.24
C THR A 6 -1.88 -3.29 -11.38
N ALA A 7 -2.36 -3.16 -12.63
CA ALA A 7 -3.80 -3.21 -12.96
C ALA A 7 -4.02 -4.26 -14.04
N LEU A 8 -5.29 -4.64 -14.27
CA LEU A 8 -5.67 -5.59 -15.34
C LEU A 8 -5.67 -4.90 -16.71
N CYS A 9 -5.34 -5.68 -17.75
CA CYS A 9 -5.21 -5.22 -19.13
C CYS A 9 -6.60 -5.00 -19.75
N ASP A 10 -6.83 -3.76 -20.23
CA ASP A 10 -8.10 -3.35 -20.87
C ASP A 10 -8.45 -4.24 -22.06
N ALA A 11 -7.44 -4.49 -22.92
CA ALA A 11 -7.57 -5.35 -24.11
C ALA A 11 -7.97 -6.79 -23.73
N TYR A 12 -7.44 -7.26 -22.59
CA TYR A 12 -7.71 -8.61 -22.06
C TYR A 12 -9.17 -8.72 -21.54
N LYS A 13 -9.71 -7.61 -21.03
CA LYS A 13 -11.06 -7.58 -20.46
C LYS A 13 -12.14 -7.38 -21.54
N ARG A 14 -11.81 -6.60 -22.60
CA ARG A 14 -12.79 -6.22 -23.65
C ARG A 14 -12.88 -7.28 -24.77
N SER A 15 -11.72 -7.78 -25.26
CA SER A 15 -11.65 -8.72 -26.40
C SER A 15 -11.16 -10.12 -25.98
N GLN A 16 -10.83 -10.27 -24.67
CA GLN A 16 -10.34 -11.54 -24.06
C GLN A 16 -8.93 -11.92 -24.56
N ALA A 17 -8.83 -12.34 -25.84
CA ALA A 17 -7.54 -12.58 -26.51
C ALA A 17 -6.87 -11.23 -26.84
N CYS A 18 -5.98 -10.80 -25.92
CA CYS A 18 -5.26 -9.52 -26.02
C CYS A 18 -4.19 -9.60 -27.14
N SER A 19 -4.25 -8.65 -28.09
CA SER A 19 -3.39 -8.64 -29.28
C SER A 19 -1.93 -8.29 -28.95
N TYR A 20 -1.74 -7.56 -27.84
CA TYR A 20 -0.41 -7.11 -27.36
C TYR A 20 0.37 -8.28 -26.73
N GLY A 21 -0.36 -9.30 -26.23
CA GLY A 21 0.24 -10.48 -25.60
C GLY A 21 0.98 -10.15 -24.30
N ASP A 22 2.11 -10.83 -24.05
CA ASP A 22 2.93 -10.63 -22.83
C ASP A 22 3.54 -9.22 -22.76
N GLN A 23 3.56 -8.52 -23.92
CA GLN A 23 4.14 -7.16 -24.05
C GLN A 23 3.20 -6.07 -23.49
N CYS A 24 2.05 -6.48 -22.90
CA CYS A 24 1.13 -5.60 -22.19
C CYS A 24 1.79 -4.97 -20.96
N ARG A 25 1.52 -3.67 -20.74
CA ARG A 25 1.97 -2.93 -19.55
C ARG A 25 1.08 -3.24 -18.32
N PHE A 26 0.00 -4.01 -18.55
CA PHE A 26 -0.94 -4.45 -17.51
C PHE A 26 -1.09 -6.00 -17.51
N ALA A 27 -1.56 -6.52 -16.37
CA ALA A 27 -1.63 -7.97 -16.09
C ALA A 27 -2.79 -8.67 -16.82
N HIS A 28 -2.57 -9.95 -17.16
CA HIS A 28 -3.59 -10.84 -17.77
C HIS A 28 -4.09 -11.87 -16.74
N GLY A 29 -4.05 -11.46 -15.46
CA GLY A 29 -4.49 -12.32 -14.35
C GLY A 29 -4.29 -11.63 -13.01
N VAL A 30 -5.07 -12.09 -12.00
CA VAL A 30 -5.04 -11.53 -10.64
C VAL A 30 -3.72 -11.86 -9.91
N HIS A 31 -3.05 -12.93 -10.36
CA HIS A 31 -1.77 -13.41 -9.78
C HIS A 31 -0.62 -12.47 -10.18
N GLU A 32 -0.69 -11.90 -11.40
CA GLU A 32 0.35 -11.01 -11.95
C GLU A 32 0.15 -9.55 -11.49
N LEU A 33 -0.89 -9.28 -10.68
CA LEU A 33 -1.14 -7.95 -10.11
C LEU A 33 -0.08 -7.62 -9.06
N ARG A 34 0.74 -6.60 -9.36
CA ARG A 34 1.58 -5.93 -8.35
C ARG A 34 0.70 -4.92 -7.60
N LEU A 35 0.77 -4.88 -6.26
CA LEU A 35 -0.01 -3.92 -5.46
C LEU A 35 0.49 -2.48 -5.70
N PRO A 36 -0.40 -1.43 -5.59
CA PRO A 36 0.00 0.00 -5.74
C PRO A 36 1.14 0.39 -4.77
N MET A 37 2.38 0.30 -5.28
CA MET A 37 3.60 0.61 -4.52
C MET A 37 3.85 2.12 -4.47
N ASN A 38 3.94 2.65 -3.25
CA ASN A 38 4.22 4.07 -2.99
C ASN A 38 4.96 4.17 -1.65
N PRO A 39 6.27 4.64 -1.63
CA PRO A 39 7.06 4.72 -0.39
C PRO A 39 6.54 5.82 0.56
N ARG A 40 6.70 5.60 1.88
CA ARG A 40 6.17 6.51 2.91
C ARG A 40 7.01 7.80 2.95
N GLY A 41 6.62 8.78 2.13
CA GLY A 41 7.33 10.05 2.01
C GLY A 41 7.13 10.94 3.23
N ARG A 42 5.89 11.44 3.40
CA ARG A 42 5.52 12.30 4.54
C ARG A 42 4.43 11.61 5.38
N ASN A 43 4.87 10.98 6.49
CA ASN A 43 3.97 10.34 7.47
C ASN A 43 4.45 10.69 8.88
N HIS A 44 3.84 11.72 9.47
CA HIS A 44 4.10 12.12 10.87
C HIS A 44 3.31 11.20 11.85
N PRO A 45 3.72 11.10 13.15
CA PRO A 45 2.89 10.45 14.18
C PRO A 45 1.57 11.25 14.37
N LYS A 46 0.44 10.64 13.99
CA LYS A 46 -0.88 11.30 14.00
C LYS A 46 -1.61 11.03 15.33
N TYR A 47 -1.55 12.02 16.24
CA TYR A 47 -2.22 11.98 17.55
C TYR A 47 -2.92 13.33 17.83
N LYS A 48 -2.20 14.43 17.55
CA LYS A 48 -2.75 15.80 17.67
C LYS A 48 -3.27 16.29 16.30
N THR A 49 -4.08 15.42 15.68
CA THR A 49 -4.88 15.74 14.49
C THR A 49 -6.32 16.11 14.91
N VAL A 50 -6.72 15.62 16.11
CA VAL A 50 -8.04 15.85 16.72
C VAL A 50 -7.88 16.79 17.94
N LEU A 51 -8.88 17.68 18.14
CA LEU A 51 -8.96 18.55 19.33
C LEU A 51 -9.48 17.73 20.53
N CYS A 52 -9.02 18.08 21.74
CA CYS A 52 -9.41 17.39 22.97
C CYS A 52 -10.88 17.69 23.28
N ASP A 53 -11.73 16.64 23.19
CA ASP A 53 -13.21 16.76 23.22
C ASP A 53 -13.71 17.36 24.53
N LYS A 54 -13.28 16.77 25.66
CA LYS A 54 -13.72 17.18 27.00
C LYS A 54 -13.14 18.56 27.36
N PHE A 55 -11.95 18.89 26.83
CA PHE A 55 -11.30 20.19 27.08
C PHE A 55 -12.04 21.31 26.30
N SER A 56 -12.75 20.92 25.22
CA SER A 56 -13.62 21.83 24.45
C SER A 56 -15.02 21.96 25.09
N MET A 57 -15.60 20.82 25.53
CA MET A 57 -17.01 20.74 26.00
C MET A 57 -17.14 21.18 27.47
N THR A 58 -16.36 20.53 28.35
CA THR A 58 -16.41 20.77 29.81
C THR A 58 -15.32 21.77 30.22
N GLY A 59 -14.33 21.96 29.33
CA GLY A 59 -13.20 22.87 29.58
C GLY A 59 -12.07 22.19 30.36
N ASN A 60 -12.20 20.87 30.61
CA ASN A 60 -11.26 20.10 31.47
C ASN A 60 -10.91 18.77 30.79
N CYS A 61 -9.61 18.43 30.79
CA CYS A 61 -9.08 17.13 30.33
C CYS A 61 -8.31 16.47 31.48
N LYS A 62 -8.72 15.25 31.85
CA LYS A 62 -8.17 14.53 33.02
C LYS A 62 -6.69 14.11 32.82
N TYR A 63 -6.29 13.96 31.55
CA TYR A 63 -4.91 13.53 31.18
C TYR A 63 -3.89 14.67 31.38
N GLY A 64 -4.36 15.92 31.17
CA GLY A 64 -3.51 17.12 31.31
C GLY A 64 -2.35 17.15 30.31
N THR A 65 -1.11 17.10 30.81
CA THR A 65 0.10 17.11 29.95
C THR A 65 0.28 15.80 29.17
N ARG A 66 -0.31 14.70 29.69
CA ARG A 66 -0.21 13.36 29.07
C ARG A 66 -1.28 13.16 27.95
N CYS A 67 -2.08 14.20 27.67
CA CYS A 67 -3.13 14.16 26.64
C CYS A 67 -2.51 14.20 25.24
N GLN A 68 -2.93 13.25 24.37
CA GLN A 68 -2.43 13.15 22.99
C GLN A 68 -3.23 14.04 22.02
N PHE A 69 -4.24 14.76 22.54
CA PHE A 69 -5.14 15.61 21.73
C PHE A 69 -4.89 17.10 22.05
N ILE A 70 -5.13 17.97 21.05
CA ILE A 70 -4.83 19.41 21.13
C ILE A 70 -5.71 20.13 22.18
N HIS A 71 -5.07 20.66 23.23
CA HIS A 71 -5.74 21.51 24.23
C HIS A 71 -5.84 22.97 23.73
N LYS A 72 -7.05 23.34 23.28
CA LYS A 72 -7.42 24.72 22.95
C LYS A 72 -8.33 25.27 24.07
N ILE A 73 -7.88 26.35 24.72
CA ILE A 73 -8.68 27.05 25.75
C ILE A 73 -9.90 27.71 25.08
N VAL A 74 -11.10 27.38 25.61
CA VAL A 74 -12.39 27.85 25.06
C VAL A 74 -12.46 29.39 25.09
N ASP A 75 -12.56 29.99 23.90
CA ASP A 75 -12.63 31.45 23.72
C ASP A 75 -14.04 31.99 24.02
N GLY A 76 -14.18 33.32 23.99
CA GLY A 76 -15.47 33.97 24.22
C GLY A 76 -16.42 33.85 23.03
N ASN A 77 -17.08 32.68 22.92
CA ASN A 77 -18.02 32.38 21.83
C ASN A 77 -19.30 31.78 22.42
N ALA A 78 -20.22 32.67 22.81
CA ALA A 78 -21.54 32.32 23.37
C ALA A 78 -22.49 33.53 23.23
N SER A 1 9.96 0.99 -8.12
CA SER A 1 8.78 0.19 -8.48
C SER A 1 8.31 0.54 -9.91
N ASP A 2 8.45 -0.41 -10.85
CA ASP A 2 8.04 -0.25 -12.26
C ASP A 2 6.50 -0.39 -12.38
N ALA A 3 5.92 0.29 -13.38
CA ALA A 3 4.46 0.34 -13.60
C ALA A 3 3.97 -0.77 -14.56
N PHE A 4 4.87 -1.70 -14.96
CA PHE A 4 4.53 -2.78 -15.90
C PHE A 4 3.59 -3.78 -15.22
N LYS A 5 2.43 -4.03 -15.86
CA LYS A 5 1.38 -4.98 -15.44
C LYS A 5 1.00 -4.88 -13.93
N THR A 6 0.99 -3.63 -13.43
CA THR A 6 0.55 -3.32 -12.05
C THR A 6 -0.98 -3.04 -12.02
N ALA A 7 -1.58 -2.89 -13.21
CA ALA A 7 -3.03 -2.70 -13.41
C ALA A 7 -3.53 -3.67 -14.49
N LEU A 8 -4.85 -3.96 -14.51
CA LEU A 8 -5.44 -4.98 -15.40
C LEU A 8 -5.57 -4.48 -16.87
N CYS A 9 -5.62 -5.46 -17.79
CA CYS A 9 -5.65 -5.23 -19.25
C CYS A 9 -7.10 -5.08 -19.74
N ASP A 10 -7.38 -3.95 -20.40
CA ASP A 10 -8.73 -3.65 -20.96
C ASP A 10 -9.03 -4.53 -22.18
N ALA A 11 -7.97 -4.94 -22.89
CA ALA A 11 -8.07 -5.87 -24.03
C ALA A 11 -8.47 -7.29 -23.55
N TYR A 12 -8.06 -7.62 -22.31
CA TYR A 12 -8.36 -8.92 -21.68
C TYR A 12 -9.81 -8.97 -21.16
N LYS A 13 -10.27 -7.87 -20.51
CA LYS A 13 -11.60 -7.82 -19.87
C LYS A 13 -12.73 -7.65 -20.91
N ARG A 14 -12.47 -6.86 -21.98
CA ARG A 14 -13.50 -6.52 -22.99
C ARG A 14 -13.50 -7.51 -24.16
N SER A 15 -12.32 -7.73 -24.76
CA SER A 15 -12.16 -8.54 -25.99
C SER A 15 -11.79 -10.00 -25.66
N GLN A 16 -11.12 -10.18 -24.49
CA GLN A 16 -10.52 -11.48 -24.05
C GLN A 16 -9.36 -11.90 -24.99
N ALA A 17 -8.81 -10.90 -25.71
CA ALA A 17 -7.76 -11.11 -26.70
C ALA A 17 -6.88 -9.85 -26.76
N CYS A 18 -5.68 -9.96 -26.17
CA CYS A 18 -4.67 -8.87 -26.14
C CYS A 18 -3.57 -9.19 -27.16
N SER A 19 -3.29 -8.22 -28.06
CA SER A 19 -2.38 -8.40 -29.20
C SER A 19 -0.90 -8.43 -28.76
N TYR A 20 -0.55 -7.60 -27.77
CA TYR A 20 0.85 -7.46 -27.30
C TYR A 20 1.31 -8.69 -26.49
N GLY A 21 0.36 -9.36 -25.83
CA GLY A 21 0.63 -10.60 -25.09
C GLY A 21 1.54 -10.39 -23.87
N ASP A 22 2.80 -10.87 -23.96
CA ASP A 22 3.81 -10.74 -22.88
C ASP A 22 4.35 -9.31 -22.81
N GLN A 23 4.35 -8.61 -23.96
CA GLN A 23 4.81 -7.22 -24.08
C GLN A 23 3.67 -6.22 -23.70
N CYS A 24 2.51 -6.76 -23.27
CA CYS A 24 1.41 -5.96 -22.74
C CYS A 24 1.78 -5.43 -21.36
N ARG A 25 1.82 -4.09 -21.24
CA ARG A 25 2.16 -3.40 -19.96
C ARG A 25 0.98 -3.38 -18.97
N PHE A 26 -0.05 -4.22 -19.23
CA PHE A 26 -1.18 -4.44 -18.32
C PHE A 26 -1.41 -5.96 -18.15
N ALA A 27 -1.76 -6.35 -16.91
CA ALA A 27 -1.84 -7.76 -16.47
C ALA A 27 -3.06 -8.48 -17.04
N HIS A 28 -2.85 -9.75 -17.46
CA HIS A 28 -3.92 -10.64 -17.97
C HIS A 28 -4.41 -11.57 -16.85
N GLY A 29 -4.31 -11.08 -15.60
CA GLY A 29 -4.73 -11.83 -14.42
C GLY A 29 -4.05 -11.32 -13.15
N VAL A 30 -4.50 -11.82 -11.99
CA VAL A 30 -3.97 -11.40 -10.67
C VAL A 30 -2.54 -11.94 -10.46
N HIS A 31 -2.21 -13.05 -11.16
CA HIS A 31 -0.87 -13.67 -11.12
C HIS A 31 0.20 -12.74 -11.71
N GLU A 32 -0.21 -11.96 -12.74
CA GLU A 32 0.67 -10.98 -13.41
C GLU A 32 0.68 -9.61 -12.69
N LEU A 33 -0.26 -9.39 -11.74
CA LEU A 33 -0.28 -8.14 -10.96
C LEU A 33 0.95 -8.07 -10.02
N ARG A 34 1.85 -7.12 -10.32
CA ARG A 34 2.93 -6.73 -9.39
C ARG A 34 2.44 -5.52 -8.60
N LEU A 35 2.58 -5.54 -7.27
CA LEU A 35 2.16 -4.43 -6.40
C LEU A 35 3.24 -3.32 -6.39
N PRO A 36 2.84 -2.01 -6.36
CA PRO A 36 3.75 -0.89 -6.08
C PRO A 36 4.42 -1.02 -4.69
N MET A 37 5.76 -0.90 -4.66
CA MET A 37 6.54 -0.99 -3.41
C MET A 37 6.33 0.28 -2.56
N ASN A 38 5.26 0.23 -1.75
CA ASN A 38 4.85 1.32 -0.85
C ASN A 38 5.47 1.09 0.55
N PRO A 39 5.72 2.18 1.36
CA PRO A 39 6.21 2.04 2.75
C PRO A 39 5.09 1.59 3.71
N ARG A 40 5.38 1.60 5.03
CA ARG A 40 4.38 1.25 6.06
C ARG A 40 3.45 2.45 6.28
N GLY A 41 2.43 2.56 5.41
CA GLY A 41 1.46 3.66 5.45
C GLY A 41 0.26 3.33 6.33
N ARG A 42 -0.35 2.16 6.07
CA ARG A 42 -1.50 1.68 6.86
C ARG A 42 -1.03 1.14 8.22
N ASN A 43 -1.39 1.86 9.29
CA ASN A 43 -1.04 1.53 10.68
C ASN A 43 -2.26 1.70 11.57
N HIS A 44 -2.69 0.62 12.23
CA HIS A 44 -3.79 0.65 13.21
C HIS A 44 -3.33 1.39 14.50
N PRO A 45 -4.27 2.09 15.24
CA PRO A 45 -3.93 2.96 16.42
C PRO A 45 -3.02 2.30 17.48
N LYS A 46 -3.10 0.96 17.60
CA LYS A 46 -2.25 0.17 18.50
C LYS A 46 -0.86 -0.04 17.85
N TYR A 47 0.02 0.97 18.00
CA TYR A 47 1.38 0.93 17.45
C TYR A 47 2.28 0.07 18.35
N LYS A 48 2.32 0.44 19.64
CA LYS A 48 3.08 -0.28 20.65
C LYS A 48 2.32 -1.57 20.99
N THR A 49 2.81 -2.69 20.46
CA THR A 49 2.14 -4.00 20.53
C THR A 49 2.92 -4.98 21.42
N VAL A 50 4.25 -4.98 21.26
CA VAL A 50 5.17 -5.80 22.07
C VAL A 50 5.47 -5.08 23.40
N LEU A 51 5.64 -5.84 24.50
CA LEU A 51 5.97 -5.28 25.83
C LEU A 51 7.44 -4.81 25.89
N CYS A 52 7.71 -3.83 26.77
CA CYS A 52 9.05 -3.25 26.95
C CYS A 52 9.84 -4.08 27.96
N ASP A 53 10.93 -4.74 27.49
CA ASP A 53 11.79 -5.62 28.33
C ASP A 53 12.49 -4.80 29.42
N LYS A 54 13.16 -3.71 28.99
CA LYS A 54 13.97 -2.87 29.88
C LYS A 54 13.13 -2.24 31.00
N PHE A 55 11.95 -1.71 30.62
CA PHE A 55 11.07 -0.97 31.55
C PHE A 55 10.39 -1.91 32.57
N SER A 56 10.26 -3.21 32.23
CA SER A 56 9.65 -4.20 33.15
C SER A 56 10.69 -4.79 34.12
N MET A 57 11.94 -4.98 33.65
CA MET A 57 13.02 -5.63 34.44
C MET A 57 13.76 -4.62 35.34
N THR A 58 14.24 -3.52 34.75
CA THR A 58 15.05 -2.50 35.47
C THR A 58 14.15 -1.34 35.95
N GLY A 59 13.04 -1.13 35.22
CA GLY A 59 12.13 -0.01 35.46
C GLY A 59 12.52 1.25 34.70
N ASN A 60 13.59 1.13 33.89
CA ASN A 60 14.17 2.25 33.14
C ASN A 60 14.23 1.89 31.65
N CYS A 61 13.70 2.78 30.79
CA CYS A 61 13.68 2.59 29.33
C CYS A 61 14.41 3.76 28.66
N LYS A 62 15.45 3.43 27.87
CA LYS A 62 16.32 4.38 27.15
C LYS A 62 15.51 5.33 26.26
N TYR A 63 14.67 4.75 25.42
CA TYR A 63 13.90 5.46 24.38
C TYR A 63 12.79 6.36 24.98
N GLY A 64 12.32 6.02 26.19
CA GLY A 64 11.31 6.80 26.91
C GLY A 64 9.94 6.78 26.24
N THR A 65 9.45 7.96 25.81
CA THR A 65 8.16 8.08 25.11
C THR A 65 8.26 7.59 23.65
N ARG A 66 9.47 7.74 23.07
CA ARG A 66 9.78 7.24 21.70
C ARG A 66 9.97 5.70 21.65
N CYS A 67 9.85 5.05 22.83
CA CYS A 67 9.83 3.58 22.93
C CYS A 67 8.62 3.01 22.18
N GLN A 68 8.90 2.14 21.20
CA GLN A 68 7.88 1.51 20.34
C GLN A 68 7.21 0.30 21.03
N PHE A 69 7.44 0.16 22.35
CA PHE A 69 6.98 -0.97 23.16
C PHE A 69 6.10 -0.46 24.33
N ILE A 70 5.12 -1.29 24.76
CA ILE A 70 4.17 -0.96 25.84
C ILE A 70 4.89 -0.91 27.19
N HIS A 71 4.81 0.26 27.85
CA HIS A 71 5.32 0.45 29.21
C HIS A 71 4.27 0.02 30.26
N LYS A 72 4.43 -1.20 30.78
CA LYS A 72 3.62 -1.74 31.89
C LYS A 72 4.51 -1.99 33.10
N ILE A 73 4.22 -1.29 34.21
CA ILE A 73 4.88 -1.52 35.50
C ILE A 73 4.26 -2.77 36.14
N VAL A 74 4.96 -3.91 36.05
CA VAL A 74 4.48 -5.20 36.60
C VAL A 74 4.41 -5.11 38.14
N ASP A 75 3.18 -5.09 38.66
CA ASP A 75 2.90 -4.86 40.09
C ASP A 75 3.38 -6.04 40.98
N GLY A 76 3.80 -5.70 42.21
CA GLY A 76 4.29 -6.70 43.16
C GLY A 76 5.53 -6.21 43.89
N ASN A 77 5.75 -6.74 45.11
CA ASN A 77 6.92 -6.43 45.98
C ASN A 77 6.87 -4.97 46.50
N ALA A 78 7.22 -4.01 45.63
CA ALA A 78 7.26 -2.58 45.95
C ALA A 78 6.84 -1.76 44.71
N SER A 1 12.67 -1.65 -10.58
CA SER A 1 11.46 -2.20 -11.24
C SER A 1 10.58 -1.06 -11.77
N ASP A 2 10.17 -1.16 -13.05
CA ASP A 2 9.27 -0.21 -13.72
C ASP A 2 7.81 -0.61 -13.50
N ALA A 3 6.87 0.33 -13.67
CA ALA A 3 5.43 0.10 -13.52
C ALA A 3 4.89 -0.84 -14.62
N PHE A 4 4.98 -2.15 -14.34
CA PHE A 4 4.43 -3.21 -15.20
C PHE A 4 3.36 -3.97 -14.41
N LYS A 5 2.25 -4.29 -15.12
CA LYS A 5 1.13 -5.11 -14.64
C LYS A 5 0.42 -4.47 -13.42
N THR A 6 0.59 -3.14 -13.26
CA THR A 6 0.08 -2.36 -12.11
C THR A 6 -1.43 -2.07 -12.20
N ALA A 7 -2.04 -2.38 -13.36
CA ALA A 7 -3.49 -2.24 -13.59
C ALA A 7 -3.99 -3.35 -14.53
N LEU A 8 -5.32 -3.54 -14.58
CA LEU A 8 -5.97 -4.56 -15.46
C LEU A 8 -5.85 -4.17 -16.95
N CYS A 9 -5.80 -5.20 -17.81
CA CYS A 9 -5.74 -5.03 -19.27
C CYS A 9 -7.16 -4.97 -19.86
N ASP A 10 -7.47 -3.83 -20.53
CA ASP A 10 -8.78 -3.60 -21.16
C ASP A 10 -9.00 -4.58 -22.32
N ALA A 11 -7.92 -4.85 -23.05
CA ALA A 11 -7.93 -5.81 -24.19
C ALA A 11 -8.11 -7.26 -23.72
N TYR A 12 -7.80 -7.53 -22.45
CA TYR A 12 -7.97 -8.87 -21.85
C TYR A 12 -9.40 -9.06 -21.28
N LYS A 13 -9.97 -7.98 -20.72
CA LYS A 13 -11.30 -8.06 -20.06
C LYS A 13 -12.46 -7.87 -21.07
N ARG A 14 -12.27 -6.96 -22.05
CA ARG A 14 -13.29 -6.62 -23.07
C ARG A 14 -13.14 -7.48 -24.34
N SER A 15 -11.91 -7.53 -24.88
CA SER A 15 -11.62 -8.23 -26.16
C SER A 15 -11.18 -9.68 -25.93
N GLN A 16 -10.86 -10.01 -24.65
CA GLN A 16 -10.32 -11.32 -24.20
C GLN A 16 -8.87 -11.53 -24.70
N ALA A 17 -8.70 -11.69 -26.01
CA ALA A 17 -7.38 -11.81 -26.64
C ALA A 17 -6.70 -10.43 -26.71
N CYS A 18 -5.68 -10.22 -25.86
CA CYS A 18 -4.84 -9.02 -25.86
C CYS A 18 -3.77 -9.13 -26.97
N SER A 19 -3.72 -8.11 -27.86
CA SER A 19 -2.87 -8.13 -29.06
C SER A 19 -1.36 -8.08 -28.72
N TYR A 20 -1.01 -7.39 -27.61
CA TYR A 20 0.39 -7.33 -27.12
C TYR A 20 0.82 -8.67 -26.49
N GLY A 21 -0.10 -9.28 -25.71
CA GLY A 21 0.15 -10.56 -25.04
C GLY A 21 1.23 -10.46 -23.98
N ASP A 22 2.42 -11.03 -24.25
CA ASP A 22 3.59 -10.97 -23.33
C ASP A 22 4.23 -9.58 -23.30
N GLN A 23 3.95 -8.77 -24.34
CA GLN A 23 4.45 -7.38 -24.46
C GLN A 23 3.50 -6.37 -23.80
N CYS A 24 2.39 -6.87 -23.22
CA CYS A 24 1.36 -6.01 -22.58
C CYS A 24 1.90 -5.43 -21.27
N ARG A 25 1.75 -4.10 -21.09
CA ARG A 25 2.17 -3.40 -19.87
C ARG A 25 1.14 -3.54 -18.74
N PHE A 26 -0.04 -4.13 -19.06
CA PHE A 26 -1.14 -4.37 -18.09
C PHE A 26 -1.29 -5.87 -17.79
N ALA A 27 -1.84 -6.17 -16.59
CA ALA A 27 -1.98 -7.53 -16.05
C ALA A 27 -3.10 -8.34 -16.74
N HIS A 28 -2.82 -9.63 -17.02
CA HIS A 28 -3.81 -10.59 -17.58
C HIS A 28 -4.22 -11.61 -16.49
N GLY A 29 -4.17 -11.18 -15.22
CA GLY A 29 -4.56 -12.03 -14.11
C GLY A 29 -4.39 -11.31 -12.78
N VAL A 30 -5.16 -11.75 -11.76
CA VAL A 30 -5.17 -11.13 -10.41
C VAL A 30 -3.80 -11.27 -9.72
N HIS A 31 -3.10 -12.38 -10.01
CA HIS A 31 -1.76 -12.69 -9.48
C HIS A 31 -0.70 -11.72 -10.02
N GLU A 32 -0.97 -11.13 -11.20
CA GLU A 32 -0.03 -10.23 -11.88
C GLU A 32 -0.16 -8.77 -11.42
N LEU A 33 -1.15 -8.41 -10.59
CA LEU A 33 -1.32 -7.00 -10.15
C LEU A 33 -0.15 -6.57 -9.23
N ARG A 34 0.69 -5.66 -9.77
CA ARG A 34 1.73 -4.95 -9.01
C ARG A 34 1.18 -3.58 -8.58
N LEU A 35 2.03 -2.81 -7.90
CA LEU A 35 1.74 -1.44 -7.46
C LEU A 35 2.93 -0.52 -7.87
N PRO A 36 2.68 0.83 -8.06
CA PRO A 36 3.76 1.82 -8.26
C PRO A 36 4.82 1.79 -7.12
N MET A 37 6.09 1.57 -7.50
CA MET A 37 7.23 1.48 -6.58
C MET A 37 7.54 2.85 -5.95
N ASN A 38 7.09 3.05 -4.70
CA ASN A 38 7.36 4.26 -3.92
C ASN A 38 8.83 4.25 -3.42
N PRO A 39 9.65 5.31 -3.76
CA PRO A 39 11.06 5.43 -3.28
C PRO A 39 11.16 5.50 -1.74
N ARG A 40 12.38 5.27 -1.21
CA ARG A 40 12.65 5.29 0.24
C ARG A 40 12.71 6.75 0.73
N GLY A 41 11.61 7.18 1.36
CA GLY A 41 11.45 8.51 1.93
C GLY A 41 10.08 8.63 2.58
N ARG A 42 9.06 8.77 1.72
CA ARG A 42 7.63 8.70 2.12
C ARG A 42 7.25 7.22 2.39
N ASN A 43 6.28 6.99 3.30
CA ASN A 43 5.79 5.63 3.62
C ASN A 43 4.91 5.10 2.47
N HIS A 44 4.62 3.80 2.50
CA HIS A 44 3.77 3.13 1.51
C HIS A 44 2.73 2.26 2.27
N PRO A 45 1.43 2.19 1.78
CA PRO A 45 0.32 1.43 2.45
C PRO A 45 0.54 -0.10 2.64
N LYS A 46 1.65 -0.66 2.14
CA LYS A 46 2.04 -2.05 2.45
C LYS A 46 2.48 -2.16 3.93
N TYR A 47 2.05 -3.23 4.62
CA TYR A 47 2.33 -3.50 6.05
C TYR A 47 3.84 -3.67 6.34
N LYS A 48 4.61 -4.04 5.31
CA LYS A 48 6.07 -4.25 5.39
C LYS A 48 6.78 -3.15 4.59
N THR A 49 6.80 -1.92 5.15
CA THR A 49 7.50 -0.75 4.54
C THR A 49 8.26 0.02 5.64
N VAL A 50 7.59 0.20 6.80
CA VAL A 50 8.22 0.76 8.00
C VAL A 50 9.05 -0.35 8.69
N LEU A 51 10.11 0.05 9.43
CA LEU A 51 11.03 -0.90 10.07
C LEU A 51 10.43 -1.52 11.34
N CYS A 52 10.97 -2.70 11.72
CA CYS A 52 10.49 -3.51 12.85
C CYS A 52 10.95 -2.89 14.17
N ASP A 53 9.97 -2.50 15.01
CA ASP A 53 10.20 -1.79 16.29
C ASP A 53 11.06 -2.63 17.23
N LYS A 54 10.68 -3.91 17.37
CA LYS A 54 11.36 -4.87 18.25
C LYS A 54 12.81 -5.12 17.78
N PHE A 55 12.98 -5.26 16.46
CA PHE A 55 14.29 -5.50 15.84
C PHE A 55 15.17 -4.23 15.90
N SER A 56 14.51 -3.06 15.99
CA SER A 56 15.18 -1.75 16.06
C SER A 56 15.69 -1.46 17.49
N MET A 57 14.93 -1.92 18.51
CA MET A 57 15.23 -1.64 19.93
C MET A 57 16.22 -2.68 20.51
N THR A 58 15.89 -3.97 20.34
CA THR A 58 16.64 -5.09 20.96
C THR A 58 17.66 -5.70 19.98
N GLY A 59 17.45 -5.45 18.67
CA GLY A 59 18.26 -6.06 17.61
C GLY A 59 17.70 -7.40 17.15
N ASN A 60 16.61 -7.86 17.80
CA ASN A 60 16.00 -9.19 17.57
C ASN A 60 14.47 -9.08 17.51
N CYS A 61 13.87 -9.88 16.62
CA CYS A 61 12.41 -9.98 16.48
C CYS A 61 11.99 -11.44 16.69
N LYS A 62 10.89 -11.64 17.43
CA LYS A 62 10.41 -12.97 17.84
C LYS A 62 9.71 -13.71 16.67
N TYR A 63 8.77 -13.02 16.03
CA TYR A 63 7.90 -13.60 14.97
C TYR A 63 8.69 -13.99 13.69
N GLY A 64 9.80 -13.28 13.42
CA GLY A 64 10.66 -13.58 12.27
C GLY A 64 9.99 -13.30 10.93
N THR A 65 9.65 -14.35 10.18
CA THR A 65 8.96 -14.24 8.88
C THR A 65 7.50 -13.81 9.07
N ARG A 66 6.95 -14.11 10.27
CA ARG A 66 5.57 -13.75 10.65
C ARG A 66 5.46 -12.25 11.04
N CYS A 67 6.62 -11.59 11.21
CA CYS A 67 6.68 -10.17 11.57
C CYS A 67 6.24 -9.29 10.39
N GLN A 68 5.44 -8.26 10.70
CA GLN A 68 4.84 -7.36 9.72
C GLN A 68 5.90 -6.47 9.06
N PHE A 69 6.72 -5.84 9.91
CA PHE A 69 7.61 -4.73 9.53
C PHE A 69 9.03 -5.21 9.16
N ILE A 70 9.71 -4.45 8.26
CA ILE A 70 11.02 -4.82 7.66
C ILE A 70 12.12 -5.00 8.73
N HIS A 71 12.84 -6.13 8.67
CA HIS A 71 14.02 -6.40 9.50
C HIS A 71 15.27 -5.81 8.81
N LYS A 72 15.60 -4.58 9.20
CA LYS A 72 16.77 -3.86 8.68
C LYS A 72 17.85 -3.82 9.78
N ILE A 73 19.08 -4.18 9.43
CA ILE A 73 20.19 -4.29 10.39
C ILE A 73 20.53 -2.89 10.95
N VAL A 74 20.33 -2.76 12.27
CA VAL A 74 20.51 -1.50 13.02
C VAL A 74 22.01 -1.13 13.09
N ASP A 75 22.33 0.08 12.63
CA ASP A 75 23.71 0.59 12.57
C ASP A 75 24.26 0.82 14.00
N GLY A 76 25.43 0.22 14.27
CA GLY A 76 26.12 0.38 15.55
C GLY A 76 26.88 -0.89 15.91
N ASN A 77 26.13 -1.99 16.07
CA ASN A 77 26.68 -3.30 16.44
C ASN A 77 27.28 -4.00 15.19
N ALA A 78 28.53 -3.65 14.88
CA ALA A 78 29.27 -4.20 13.74
C ALA A 78 30.77 -4.29 14.13
N SER A 1 7.01 -0.88 -6.37
CA SER A 1 6.94 -1.08 -7.83
C SER A 1 6.31 0.15 -8.52
N ASP A 2 6.72 0.42 -9.77
CA ASP A 2 6.15 1.49 -10.61
C ASP A 2 4.82 1.03 -11.25
N ALA A 3 4.11 1.96 -11.93
CA ALA A 3 2.87 1.64 -12.64
C ALA A 3 3.15 0.74 -13.88
N PHE A 4 3.21 -0.57 -13.61
CA PHE A 4 3.40 -1.63 -14.62
C PHE A 4 2.79 -2.90 -14.02
N LYS A 5 1.73 -3.44 -14.68
CA LYS A 5 0.92 -4.61 -14.23
C LYS A 5 0.35 -4.45 -12.79
N THR A 6 0.36 -3.20 -12.27
CA THR A 6 -0.23 -2.82 -10.99
C THR A 6 -1.74 -2.49 -11.17
N ALA A 7 -2.21 -2.62 -12.41
CA ALA A 7 -3.63 -2.51 -12.80
C ALA A 7 -3.90 -3.53 -13.92
N LEU A 8 -5.16 -3.98 -14.03
CA LEU A 8 -5.57 -4.98 -15.05
C LEU A 8 -5.63 -4.39 -16.47
N CYS A 9 -5.51 -5.30 -17.45
CA CYS A 9 -5.51 -4.99 -18.89
C CYS A 9 -6.94 -4.98 -19.41
N ASP A 10 -7.41 -3.80 -19.85
CA ASP A 10 -8.79 -3.61 -20.33
C ASP A 10 -9.02 -4.34 -21.65
N ALA A 11 -7.99 -4.31 -22.53
CA ALA A 11 -8.01 -4.99 -23.83
C ALA A 11 -8.10 -6.52 -23.68
N TYR A 12 -7.57 -7.04 -22.55
CA TYR A 12 -7.64 -8.47 -22.21
C TYR A 12 -9.06 -8.85 -21.73
N LYS A 13 -9.74 -7.92 -21.07
CA LYS A 13 -11.09 -8.16 -20.52
C LYS A 13 -12.19 -7.94 -21.58
N ARG A 14 -11.91 -7.08 -22.59
CA ARG A 14 -12.88 -6.76 -23.66
C ARG A 14 -12.72 -7.71 -24.86
N SER A 15 -11.48 -7.84 -25.36
CA SER A 15 -11.17 -8.64 -26.57
C SER A 15 -10.92 -10.12 -26.23
N GLN A 16 -10.72 -10.41 -24.91
CA GLN A 16 -10.37 -11.74 -24.38
C GLN A 16 -8.88 -12.03 -24.66
N ALA A 17 -8.54 -12.15 -25.95
CA ALA A 17 -7.14 -12.22 -26.41
C ALA A 17 -6.60 -10.79 -26.60
N CYS A 18 -5.68 -10.38 -25.70
CA CYS A 18 -4.98 -9.08 -25.78
C CYS A 18 -4.00 -9.08 -26.97
N SER A 19 -4.03 -8.01 -27.78
CA SER A 19 -3.27 -7.91 -29.04
C SER A 19 -1.74 -7.95 -28.81
N TYR A 20 -1.28 -7.31 -27.71
CA TYR A 20 0.15 -7.30 -27.34
C TYR A 20 0.56 -8.65 -26.72
N GLY A 21 -0.40 -9.33 -26.07
CA GLY A 21 -0.15 -10.61 -25.39
C GLY A 21 0.76 -10.45 -24.19
N ASP A 22 1.91 -11.14 -24.18
CA ASP A 22 2.90 -11.07 -23.07
C ASP A 22 3.67 -9.73 -23.08
N GLN A 23 3.57 -8.99 -24.21
CA GLN A 23 4.19 -7.66 -24.36
C GLN A 23 3.29 -6.54 -23.78
N CYS A 24 2.12 -6.92 -23.24
CA CYS A 24 1.14 -5.99 -22.63
C CYS A 24 1.67 -5.46 -21.29
N ARG A 25 1.66 -4.12 -21.16
CA ARG A 25 2.21 -3.39 -19.97
C ARG A 25 1.32 -3.59 -18.72
N PHE A 26 0.05 -3.94 -18.92
CA PHE A 26 -0.93 -4.17 -17.84
C PHE A 26 -1.16 -5.68 -17.61
N ALA A 27 -1.69 -6.01 -16.43
CA ALA A 27 -1.82 -7.37 -15.91
C ALA A 27 -2.95 -8.17 -16.59
N HIS A 28 -2.65 -9.44 -16.92
CA HIS A 28 -3.63 -10.38 -17.47
C HIS A 28 -4.16 -11.29 -16.36
N GLY A 29 -5.19 -10.81 -15.64
CA GLY A 29 -5.72 -11.50 -14.48
C GLY A 29 -5.07 -11.01 -13.18
N VAL A 30 -5.77 -11.21 -12.05
CA VAL A 30 -5.32 -10.70 -10.72
C VAL A 30 -4.07 -11.48 -10.26
N HIS A 31 -3.88 -12.69 -10.81
CA HIS A 31 -2.71 -13.52 -10.56
C HIS A 31 -1.43 -12.89 -11.19
N GLU A 32 -1.61 -12.27 -12.38
CA GLU A 32 -0.52 -11.61 -13.13
C GLU A 32 -0.36 -10.16 -12.61
N LEU A 33 -1.38 -9.68 -11.85
CA LEU A 33 -1.34 -8.36 -11.18
C LEU A 33 -0.34 -8.44 -10.02
N ARG A 34 0.77 -7.69 -10.17
CA ARG A 34 1.79 -7.56 -9.13
C ARG A 34 1.55 -6.23 -8.39
N LEU A 35 1.17 -6.36 -7.11
CA LEU A 35 0.70 -5.25 -6.26
C LEU A 35 1.81 -4.20 -5.99
N PRO A 36 1.44 -2.89 -5.78
CA PRO A 36 2.41 -1.84 -5.38
C PRO A 36 2.82 -1.95 -3.90
N MET A 37 4.04 -1.49 -3.59
CA MET A 37 4.57 -1.43 -2.21
C MET A 37 4.24 -0.05 -1.62
N ASN A 38 2.95 0.26 -1.62
CA ASN A 38 2.42 1.59 -1.31
C ASN A 38 2.23 1.80 0.21
N PRO A 39 2.41 3.05 0.74
CA PRO A 39 2.05 3.40 2.12
C PRO A 39 0.54 3.66 2.28
N ARG A 40 0.07 3.74 3.53
CA ARG A 40 -1.33 4.04 3.86
C ARG A 40 -1.68 5.50 3.42
N GLY A 41 -2.58 5.61 2.43
CA GLY A 41 -2.95 6.91 1.85
C GLY A 41 -2.77 6.94 0.34
N ARG A 42 -1.89 6.05 -0.18
CA ARG A 42 -1.69 5.88 -1.64
C ARG A 42 -2.74 4.90 -2.20
N ASN A 43 -3.36 5.28 -3.33
CA ASN A 43 -4.40 4.48 -4.01
C ASN A 43 -3.79 3.18 -4.58
N HIS A 44 -4.59 2.10 -4.58
CA HIS A 44 -4.17 0.76 -5.00
C HIS A 44 -5.40 -0.12 -5.31
N PRO A 45 -5.24 -1.23 -6.09
CA PRO A 45 -6.23 -2.33 -6.09
C PRO A 45 -6.30 -2.93 -4.67
N LYS A 46 -7.41 -2.66 -3.94
CA LYS A 46 -7.52 -2.92 -2.49
C LYS A 46 -7.30 -4.41 -2.12
N TYR A 47 -6.02 -4.77 -1.93
CA TYR A 47 -5.59 -6.14 -1.62
C TYR A 47 -5.42 -6.32 -0.10
N LYS A 48 -4.89 -5.27 0.57
CA LYS A 48 -4.62 -5.28 2.02
C LYS A 48 -5.40 -4.12 2.67
N THR A 49 -6.67 -4.41 2.99
CA THR A 49 -7.60 -3.46 3.62
C THR A 49 -8.35 -4.17 4.75
N VAL A 50 -8.85 -5.38 4.43
CA VAL A 50 -9.54 -6.26 5.38
C VAL A 50 -8.50 -7.25 5.98
N LEU A 51 -8.75 -7.71 7.22
CA LEU A 51 -7.90 -8.71 7.89
C LEU A 51 -8.02 -10.07 7.18
N CYS A 52 -6.95 -10.87 7.30
CA CYS A 52 -6.95 -12.27 6.84
C CYS A 52 -7.82 -13.10 7.80
N ASP A 53 -8.94 -13.61 7.27
CA ASP A 53 -10.01 -14.27 8.07
C ASP A 53 -9.48 -15.47 8.86
N LYS A 54 -8.68 -16.30 8.18
CA LYS A 54 -8.11 -17.52 8.76
C LYS A 54 -7.01 -17.21 9.78
N PHE A 55 -6.13 -16.23 9.47
CA PHE A 55 -5.00 -15.88 10.36
C PHE A 55 -5.50 -15.17 11.64
N SER A 56 -6.65 -14.50 11.55
CA SER A 56 -7.25 -13.76 12.69
C SER A 56 -8.04 -14.71 13.61
N MET A 57 -8.92 -15.54 13.01
CA MET A 57 -9.85 -16.41 13.77
C MET A 57 -9.18 -17.73 14.22
N THR A 58 -8.60 -18.47 13.25
CA THR A 58 -8.01 -19.81 13.52
C THR A 58 -6.48 -19.72 13.72
N GLY A 59 -5.89 -18.53 13.48
CA GLY A 59 -4.47 -18.27 13.74
C GLY A 59 -3.53 -18.79 12.67
N ASN A 60 -4.09 -19.42 11.63
CA ASN A 60 -3.33 -20.08 10.55
C ASN A 60 -3.94 -19.69 9.19
N CYS A 61 -3.13 -19.15 8.28
CA CYS A 61 -3.56 -18.81 6.90
C CYS A 61 -2.96 -19.84 5.92
N LYS A 62 -3.83 -20.52 5.17
CA LYS A 62 -3.44 -21.61 4.24
C LYS A 62 -2.74 -21.08 2.98
N TYR A 63 -2.98 -19.79 2.65
CA TYR A 63 -2.39 -19.13 1.47
C TYR A 63 -0.93 -18.70 1.76
N GLY A 64 -0.66 -18.33 3.03
CA GLY A 64 0.67 -17.93 3.47
C GLY A 64 1.19 -16.67 2.79
N THR A 65 2.20 -16.83 1.91
CA THR A 65 2.83 -15.72 1.16
C THR A 65 1.88 -15.18 0.06
N ARG A 66 0.98 -16.08 -0.40
CA ARG A 66 -0.01 -15.75 -1.44
C ARG A 66 -1.13 -14.84 -0.88
N CYS A 67 -1.29 -14.85 0.45
CA CYS A 67 -2.32 -14.08 1.16
C CYS A 67 -1.97 -12.57 1.14
N GLN A 68 -2.86 -11.79 0.51
CA GLN A 68 -2.69 -10.33 0.33
C GLN A 68 -3.34 -9.55 1.50
N PHE A 69 -4.29 -10.20 2.18
CA PHE A 69 -5.03 -9.59 3.32
C PHE A 69 -4.19 -9.61 4.62
N ILE A 70 -4.45 -8.62 5.48
CA ILE A 70 -3.61 -8.25 6.65
C ILE A 70 -3.36 -9.44 7.61
N HIS A 71 -2.10 -9.94 7.66
CA HIS A 71 -1.67 -10.88 8.71
C HIS A 71 -1.28 -10.10 9.98
N LYS A 72 -2.26 -9.92 10.87
CA LYS A 72 -2.04 -9.38 12.21
C LYS A 72 -2.55 -10.40 13.24
N ILE A 73 -1.74 -10.64 14.29
CA ILE A 73 -2.12 -11.51 15.41
C ILE A 73 -3.18 -10.79 16.27
N VAL A 74 -4.45 -11.15 16.05
CA VAL A 74 -5.58 -10.59 16.82
C VAL A 74 -5.68 -11.35 18.15
N ASP A 75 -5.35 -10.65 19.25
CA ASP A 75 -5.33 -11.23 20.61
C ASP A 75 -6.73 -11.18 21.24
N GLY A 76 -7.03 -12.16 22.12
CA GLY A 76 -8.34 -12.31 22.74
C GLY A 76 -8.66 -11.25 23.79
N ASN A 77 -7.63 -10.54 24.28
CA ASN A 77 -7.78 -9.49 25.32
C ASN A 77 -7.87 -8.10 24.64
N ALA A 78 -8.59 -7.18 25.31
CA ALA A 78 -8.80 -5.81 24.83
C ALA A 78 -9.03 -4.88 26.05
N SER A 1 5.24 4.48 -9.77
CA SER A 1 4.31 5.28 -10.59
C SER A 1 4.14 4.67 -11.99
N ASP A 2 5.17 3.92 -12.46
CA ASP A 2 5.16 3.25 -13.77
C ASP A 2 4.09 2.14 -13.81
N ALA A 3 3.25 2.15 -14.86
CA ALA A 3 2.16 1.18 -15.03
C ALA A 3 2.66 -0.08 -15.76
N PHE A 4 3.26 -1.01 -15.00
CA PHE A 4 3.64 -2.34 -15.50
C PHE A 4 2.83 -3.39 -14.72
N LYS A 5 1.59 -3.60 -15.18
CA LYS A 5 0.64 -4.58 -14.62
C LYS A 5 0.19 -4.16 -13.20
N THR A 6 0.20 -2.83 -12.98
CA THR A 6 -0.35 -2.18 -11.77
C THR A 6 -1.88 -2.11 -11.85
N ALA A 7 -2.39 -2.15 -13.09
CA ALA A 7 -3.82 -2.17 -13.42
C ALA A 7 -4.08 -3.31 -14.43
N LEU A 8 -5.33 -3.80 -14.47
CA LEU A 8 -5.74 -4.89 -15.39
C LEU A 8 -5.80 -4.39 -16.85
N CYS A 9 -5.64 -5.33 -17.79
CA CYS A 9 -5.57 -5.06 -19.22
C CYS A 9 -6.98 -4.91 -19.80
N ASP A 10 -7.28 -3.70 -20.32
CA ASP A 10 -8.59 -3.34 -20.88
C ASP A 10 -8.95 -4.24 -22.08
N ALA A 11 -7.95 -4.49 -22.93
CA ALA A 11 -8.08 -5.38 -24.11
C ALA A 11 -8.40 -6.84 -23.70
N TYR A 12 -7.83 -7.25 -22.56
CA TYR A 12 -8.04 -8.60 -21.99
C TYR A 12 -9.44 -8.71 -21.35
N LYS A 13 -9.98 -7.60 -20.85
CA LYS A 13 -11.30 -7.58 -20.19
C LYS A 13 -12.44 -7.53 -21.24
N ARG A 14 -12.19 -6.87 -22.38
CA ARG A 14 -13.20 -6.69 -23.45
C ARG A 14 -13.16 -7.82 -24.49
N SER A 15 -11.97 -8.11 -25.01
CA SER A 15 -11.78 -9.05 -26.15
C SER A 15 -11.23 -10.42 -25.68
N GLN A 16 -10.76 -10.48 -24.41
CA GLN A 16 -10.05 -11.65 -23.82
C GLN A 16 -8.62 -11.76 -24.40
N ALA A 17 -8.53 -11.96 -25.73
CA ALA A 17 -7.26 -11.93 -26.47
C ALA A 17 -6.70 -10.49 -26.52
N CYS A 18 -5.56 -10.26 -25.87
CA CYS A 18 -4.84 -8.99 -25.86
C CYS A 18 -3.78 -9.00 -26.98
N SER A 19 -3.81 -7.97 -27.85
CA SER A 19 -2.95 -7.88 -29.04
C SER A 19 -1.45 -7.77 -28.68
N TYR A 20 -1.15 -7.13 -27.53
CA TYR A 20 0.23 -6.99 -27.01
C TYR A 20 0.76 -8.33 -26.45
N GLY A 21 -0.15 -9.15 -25.89
CA GLY A 21 0.17 -10.51 -25.41
C GLY A 21 1.23 -10.55 -24.30
N ASP A 22 2.42 -11.07 -24.62
CA ASP A 22 3.55 -11.18 -23.66
C ASP A 22 4.13 -9.79 -23.34
N GLN A 23 4.08 -8.90 -24.35
CA GLN A 23 4.62 -7.53 -24.28
C GLN A 23 3.57 -6.52 -23.78
N CYS A 24 2.51 -7.03 -23.11
CA CYS A 24 1.45 -6.22 -22.50
C CYS A 24 1.91 -5.68 -21.14
N ARG A 25 1.89 -4.35 -20.98
CA ARG A 25 2.27 -3.66 -19.73
C ARG A 25 1.08 -3.52 -18.77
N PHE A 26 -0.01 -4.29 -19.01
CA PHE A 26 -1.19 -4.35 -18.13
C PHE A 26 -1.56 -5.83 -17.89
N ALA A 27 -2.13 -6.08 -16.70
CA ALA A 27 -2.25 -7.43 -16.11
C ALA A 27 -3.33 -8.31 -16.76
N HIS A 28 -2.95 -9.56 -17.11
CA HIS A 28 -3.86 -10.59 -17.67
C HIS A 28 -4.33 -11.56 -16.55
N GLY A 29 -4.50 -11.01 -15.34
CA GLY A 29 -4.97 -11.78 -14.18
C GLY A 29 -4.45 -11.19 -12.88
N VAL A 30 -4.90 -11.76 -11.74
CA VAL A 30 -4.48 -11.32 -10.39
C VAL A 30 -3.02 -11.73 -10.12
N HIS A 31 -2.61 -12.85 -10.76
CA HIS A 31 -1.23 -13.35 -10.69
C HIS A 31 -0.25 -12.37 -11.37
N GLU A 32 -0.74 -11.71 -12.44
CA GLU A 32 0.01 -10.67 -13.17
C GLU A 32 -0.11 -9.29 -12.46
N LEU A 33 -1.21 -9.13 -11.70
CA LEU A 33 -1.57 -7.84 -11.09
C LEU A 33 -0.80 -7.59 -9.78
N ARG A 34 0.10 -6.58 -9.80
CA ARG A 34 0.73 -6.03 -8.59
C ARG A 34 0.34 -4.55 -8.51
N LEU A 35 -0.68 -4.26 -7.69
CA LEU A 35 -1.15 -2.87 -7.47
C LEU A 35 -0.07 -1.99 -6.79
N PRO A 36 -0.18 -0.63 -6.84
CA PRO A 36 0.66 0.29 -6.01
C PRO A 36 0.75 -0.17 -4.54
N MET A 37 1.99 -0.41 -4.05
CA MET A 37 2.26 -1.08 -2.77
C MET A 37 1.57 -0.38 -1.58
N ASN A 38 0.50 -1.01 -1.09
CA ASN A 38 -0.27 -0.54 0.07
C ASN A 38 0.42 -1.01 1.37
N PRO A 39 0.61 -0.10 2.39
CA PRO A 39 1.19 -0.48 3.71
C PRO A 39 0.40 -1.62 4.39
N ARG A 40 1.07 -2.78 4.57
CA ARG A 40 0.45 -4.00 5.14
C ARG A 40 0.45 -3.97 6.68
N GLY A 41 0.89 -2.85 7.26
CA GLY A 41 0.79 -2.59 8.69
C GLY A 41 -0.50 -1.84 9.04
N ARG A 42 -1.60 -2.23 8.40
CA ARG A 42 -2.94 -1.70 8.67
C ARG A 42 -3.41 -2.16 10.06
N ASN A 43 -3.66 -1.20 10.96
CA ASN A 43 -4.11 -1.49 12.34
C ASN A 43 -5.16 -0.45 12.77
N HIS A 44 -6.05 -0.86 13.67
CA HIS A 44 -7.11 -0.01 14.22
C HIS A 44 -7.08 -0.14 15.77
N PRO A 45 -6.22 0.67 16.47
CA PRO A 45 -6.05 0.58 17.93
C PRO A 45 -7.07 1.46 18.70
N LYS A 46 -8.34 1.39 18.25
CA LYS A 46 -9.46 2.13 18.86
C LYS A 46 -9.83 1.53 20.23
N TYR A 47 -10.27 2.40 21.16
CA TYR A 47 -10.78 2.00 22.49
C TYR A 47 -11.94 0.97 22.36
N LYS A 48 -12.83 1.19 21.37
CA LYS A 48 -13.95 0.29 21.04
C LYS A 48 -13.61 -0.57 19.82
N THR A 49 -13.04 -1.75 20.07
CA THR A 49 -12.76 -2.77 19.04
C THR A 49 -13.32 -4.13 19.50
N VAL A 50 -13.07 -4.44 20.77
CA VAL A 50 -13.58 -5.66 21.45
C VAL A 50 -14.87 -5.32 22.21
N LEU A 51 -15.76 -6.32 22.35
CA LEU A 51 -17.00 -6.19 23.15
C LEU A 51 -16.67 -6.14 24.65
N CYS A 52 -17.62 -5.62 25.44
CA CYS A 52 -17.48 -5.51 26.90
C CYS A 52 -17.63 -6.90 27.54
N ASP A 53 -16.53 -7.43 28.11
CA ASP A 53 -16.48 -8.80 28.66
C ASP A 53 -17.31 -8.91 29.95
N LYS A 54 -17.35 -7.82 30.73
CA LYS A 54 -18.20 -7.72 31.94
C LYS A 54 -19.69 -7.82 31.55
N PHE A 55 -20.07 -7.00 30.54
CA PHE A 55 -21.43 -6.93 30.00
C PHE A 55 -21.82 -8.24 29.25
N SER A 56 -20.80 -9.00 28.83
CA SER A 56 -21.00 -10.29 28.13
C SER A 56 -21.19 -11.45 29.12
N MET A 57 -20.36 -11.50 30.19
CA MET A 57 -20.30 -12.66 31.12
C MET A 57 -21.40 -12.58 32.19
N THR A 58 -21.56 -11.41 32.80
CA THR A 58 -22.56 -11.20 33.87
C THR A 58 -23.85 -10.59 33.29
N GLY A 59 -23.72 -9.94 32.12
CA GLY A 59 -24.84 -9.25 31.47
C GLY A 59 -24.90 -7.77 31.84
N ASN A 60 -24.01 -7.34 32.76
CA ASN A 60 -24.02 -5.96 33.33
C ASN A 60 -22.59 -5.37 33.34
N CYS A 61 -22.51 -4.07 33.01
CA CYS A 61 -21.26 -3.29 33.02
C CYS A 61 -21.42 -2.09 33.98
N LYS A 62 -20.54 -2.01 34.99
CA LYS A 62 -20.63 -1.01 36.09
C LYS A 62 -20.25 0.41 35.62
N TYR A 63 -19.58 0.51 34.47
CA TYR A 63 -19.22 1.80 33.85
C TYR A 63 -20.39 2.39 33.05
N GLY A 64 -21.12 1.51 32.33
CA GLY A 64 -22.25 1.92 31.50
C GLY A 64 -21.83 2.79 30.31
N THR A 65 -22.24 4.07 30.32
CA THR A 65 -21.89 5.05 29.25
C THR A 65 -20.39 5.46 29.36
N ARG A 66 -19.77 5.17 30.53
CA ARG A 66 -18.35 5.46 30.81
C ARG A 66 -17.43 4.28 30.43
N CYS A 67 -18.00 3.24 29.79
CA CYS A 67 -17.26 2.04 29.36
C CYS A 67 -16.60 2.27 27.99
N GLN A 68 -15.29 1.96 27.88
CA GLN A 68 -14.53 2.12 26.63
C GLN A 68 -14.72 0.92 25.69
N PHE A 69 -15.43 -0.12 26.15
CA PHE A 69 -15.74 -1.33 25.37
C PHE A 69 -17.17 -1.27 24.80
N ILE A 70 -17.37 -1.94 23.64
CA ILE A 70 -18.65 -1.91 22.89
C ILE A 70 -19.76 -2.69 23.66
N HIS A 71 -20.90 -2.02 23.92
CA HIS A 71 -22.07 -2.64 24.55
C HIS A 71 -23.09 -3.08 23.48
N LYS A 72 -23.10 -4.39 23.18
CA LYS A 72 -24.13 -5.04 22.37
C LYS A 72 -24.83 -6.11 23.22
N ILE A 73 -26.17 -6.18 23.13
CA ILE A 73 -26.99 -7.13 23.90
C ILE A 73 -26.68 -8.57 23.45
N VAL A 74 -25.92 -9.29 24.30
CA VAL A 74 -25.42 -10.64 23.99
C VAL A 74 -26.57 -11.66 24.08
N ASP A 75 -26.87 -12.32 22.94
CA ASP A 75 -27.97 -13.30 22.82
C ASP A 75 -27.64 -14.58 23.63
N GLY A 76 -26.33 -14.84 23.82
CA GLY A 76 -25.85 -15.97 24.59
C GLY A 76 -25.97 -15.78 26.10
N ASN A 77 -25.88 -14.51 26.57
CA ASN A 77 -25.95 -14.17 28.01
C ASN A 77 -26.39 -12.71 28.20
N ALA A 78 -27.69 -12.52 28.51
CA ALA A 78 -28.27 -11.21 28.83
C ALA A 78 -29.51 -11.44 29.74
N SER A 1 8.60 -7.13 -7.16
CA SER A 1 7.85 -6.72 -8.37
C SER A 1 7.82 -5.18 -8.49
N ASP A 2 8.10 -4.68 -9.70
CA ASP A 2 8.04 -3.24 -10.05
C ASP A 2 6.60 -2.86 -10.45
N ALA A 3 6.37 -1.53 -10.64
CA ALA A 3 5.08 -1.00 -11.15
C ALA A 3 4.86 -1.47 -12.60
N PHE A 4 4.36 -2.71 -12.71
CA PHE A 4 4.20 -3.43 -13.97
C PHE A 4 3.11 -4.48 -13.74
N LYS A 5 2.10 -4.51 -14.64
CA LYS A 5 0.88 -5.39 -14.54
C LYS A 5 0.25 -5.37 -13.13
N THR A 6 0.29 -4.17 -12.52
CA THR A 6 -0.31 -3.87 -11.22
C THR A 6 -1.78 -3.41 -11.40
N ALA A 7 -2.14 -3.10 -12.65
CA ALA A 7 -3.52 -2.80 -13.08
C ALA A 7 -3.88 -3.75 -14.24
N LEU A 8 -5.16 -4.18 -14.30
CA LEU A 8 -5.66 -5.14 -15.33
C LEU A 8 -5.61 -4.54 -16.75
N CYS A 9 -5.57 -5.45 -17.74
CA CYS A 9 -5.48 -5.10 -19.17
C CYS A 9 -6.86 -4.78 -19.76
N ASP A 10 -6.90 -3.75 -20.62
CA ASP A 10 -8.12 -3.29 -21.31
C ASP A 10 -8.61 -4.35 -22.31
N ALA A 11 -7.65 -4.96 -23.03
CA ALA A 11 -7.92 -5.99 -24.05
C ALA A 11 -8.34 -7.32 -23.42
N TYR A 12 -7.91 -7.54 -22.16
CA TYR A 12 -8.29 -8.72 -21.35
C TYR A 12 -9.80 -8.68 -20.99
N LYS A 13 -10.34 -7.47 -20.81
CA LYS A 13 -11.75 -7.26 -20.47
C LYS A 13 -12.62 -7.22 -21.74
N ARG A 14 -12.22 -6.40 -22.71
CA ARG A 14 -13.00 -6.12 -23.93
C ARG A 14 -12.97 -7.29 -24.93
N SER A 15 -11.75 -7.76 -25.24
CA SER A 15 -11.51 -8.78 -26.29
C SER A 15 -11.21 -10.16 -25.70
N GLN A 16 -11.01 -10.22 -24.35
CA GLN A 16 -10.58 -11.42 -23.59
C GLN A 16 -9.09 -11.73 -23.86
N ALA A 17 -8.76 -11.97 -25.14
CA ALA A 17 -7.36 -12.10 -25.60
C ALA A 17 -6.76 -10.70 -25.87
N CYS A 18 -5.48 -10.52 -25.51
CA CYS A 18 -4.73 -9.26 -25.75
C CYS A 18 -3.75 -9.48 -26.91
N SER A 19 -3.83 -8.60 -27.92
CA SER A 19 -3.04 -8.72 -29.17
C SER A 19 -1.53 -8.45 -28.93
N TYR A 20 -1.24 -7.64 -27.89
CA TYR A 20 0.15 -7.29 -27.51
C TYR A 20 0.83 -8.46 -26.77
N GLY A 21 0.04 -9.22 -26.00
CA GLY A 21 0.53 -10.41 -25.27
C GLY A 21 1.56 -10.06 -24.19
N ASP A 22 2.84 -10.40 -24.44
CA ASP A 22 3.95 -10.14 -23.50
C ASP A 22 4.43 -8.67 -23.60
N GLN A 23 4.05 -7.98 -24.70
CA GLN A 23 4.34 -6.53 -24.87
C GLN A 23 3.35 -5.67 -24.05
N CYS A 24 2.26 -6.30 -23.59
CA CYS A 24 1.26 -5.64 -22.72
C CYS A 24 1.79 -5.61 -21.27
N ARG A 25 1.90 -4.39 -20.70
CA ARG A 25 2.41 -4.19 -19.31
C ARG A 25 1.24 -4.10 -18.30
N PHE A 26 0.12 -4.76 -18.63
CA PHE A 26 -1.09 -4.80 -17.79
C PHE A 26 -1.56 -6.26 -17.63
N ALA A 27 -2.11 -6.58 -16.44
CA ALA A 27 -2.36 -7.96 -16.01
C ALA A 27 -3.46 -8.67 -16.83
N HIS A 28 -3.13 -9.90 -17.27
CA HIS A 28 -4.05 -10.79 -17.99
C HIS A 28 -4.67 -11.80 -17.01
N GLY A 29 -5.14 -11.26 -15.87
CA GLY A 29 -5.74 -12.05 -14.80
C GLY A 29 -5.23 -11.63 -13.43
N VAL A 30 -5.93 -12.06 -12.37
CA VAL A 30 -5.59 -11.73 -10.97
C VAL A 30 -4.28 -12.43 -10.53
N HIS A 31 -3.96 -13.56 -11.22
CA HIS A 31 -2.70 -14.31 -11.02
C HIS A 31 -1.44 -13.48 -11.36
N GLU A 32 -1.62 -12.48 -12.25
CA GLU A 32 -0.54 -11.52 -12.62
C GLU A 32 -0.77 -10.12 -12.04
N LEU A 33 -1.96 -9.90 -11.46
CA LEU A 33 -2.33 -8.62 -10.86
C LEU A 33 -1.62 -8.47 -9.50
N ARG A 34 -0.67 -7.55 -9.46
CA ARG A 34 0.04 -7.14 -8.23
C ARG A 34 -0.53 -5.79 -7.74
N LEU A 35 -0.05 -5.36 -6.57
CA LEU A 35 -0.33 -4.03 -6.03
C LEU A 35 0.73 -3.01 -6.55
N PRO A 36 0.35 -1.70 -6.78
CA PRO A 36 1.31 -0.66 -7.23
C PRO A 36 2.33 -0.27 -6.13
N MET A 37 3.24 0.64 -6.47
CA MET A 37 4.32 1.09 -5.55
C MET A 37 3.75 1.85 -4.34
N ASN A 38 4.50 1.81 -3.23
CA ASN A 38 4.13 2.48 -1.97
C ASN A 38 4.13 4.02 -2.18
N PRO A 39 3.13 4.77 -1.60
CA PRO A 39 3.00 6.25 -1.77
C PRO A 39 4.33 7.03 -1.59
N ARG A 40 4.77 7.70 -2.69
CA ARG A 40 6.04 8.44 -2.72
C ARG A 40 5.88 9.74 -3.57
N GLY A 41 5.58 9.58 -4.88
CA GLY A 41 5.68 10.71 -5.84
C GLY A 41 4.50 10.82 -6.81
N ARG A 42 3.34 10.26 -6.44
CA ARG A 42 2.08 10.39 -7.21
C ARG A 42 1.02 11.05 -6.31
N ASN A 43 0.46 10.25 -5.39
CA ASN A 43 -0.50 10.69 -4.35
C ASN A 43 -0.69 9.55 -3.33
N HIS A 44 -0.85 9.90 -2.05
CA HIS A 44 -1.18 8.93 -0.97
C HIS A 44 -2.72 8.71 -0.94
N PRO A 45 -3.25 7.58 -0.33
CA PRO A 45 -4.70 7.37 -0.21
C PRO A 45 -5.34 8.34 0.80
N LYS A 46 -5.60 9.57 0.31
CA LYS A 46 -6.20 10.67 1.08
C LYS A 46 -7.66 10.35 1.45
N TYR A 47 -8.02 10.63 2.71
CA TYR A 47 -9.39 10.41 3.23
C TYR A 47 -10.43 11.27 2.49
N LYS A 48 -10.11 12.57 2.30
CA LYS A 48 -11.02 13.55 1.70
C LYS A 48 -10.76 13.65 0.19
N THR A 49 -11.25 12.62 -0.52
CA THR A 49 -11.14 12.52 -2.00
C THR A 49 -12.52 12.25 -2.61
N VAL A 50 -13.35 11.50 -1.87
CA VAL A 50 -14.73 11.16 -2.29
C VAL A 50 -15.69 12.24 -1.78
N LEU A 51 -16.86 12.37 -2.44
CA LEU A 51 -17.92 13.30 -2.01
C LEU A 51 -18.56 12.84 -0.69
N CYS A 52 -19.13 13.79 0.06
CA CYS A 52 -19.69 13.54 1.40
C CYS A 52 -21.06 12.84 1.29
N ASP A 53 -21.11 11.60 1.81
CA ASP A 53 -22.31 10.71 1.72
C ASP A 53 -23.50 11.35 2.46
N LYS A 54 -23.25 11.76 3.71
CA LYS A 54 -24.28 12.35 4.59
C LYS A 54 -24.85 13.64 3.97
N PHE A 55 -23.96 14.47 3.39
CA PHE A 55 -24.34 15.73 2.73
C PHE A 55 -25.18 15.46 1.46
N SER A 56 -24.91 14.31 0.81
CA SER A 56 -25.58 13.92 -0.45
C SER A 56 -26.91 13.17 -0.20
N MET A 57 -27.03 12.46 0.94
CA MET A 57 -28.19 11.57 1.25
C MET A 57 -29.20 12.28 2.16
N THR A 58 -28.74 12.81 3.31
CA THR A 58 -29.62 13.45 4.32
C THR A 58 -29.64 14.98 4.15
N GLY A 59 -28.89 15.50 3.16
CA GLY A 59 -28.90 16.93 2.80
C GLY A 59 -27.74 17.70 3.40
N ASN A 60 -27.47 17.45 4.70
CA ASN A 60 -26.34 18.04 5.42
C ASN A 60 -25.53 16.93 6.10
N CYS A 61 -24.22 17.19 6.24
CA CYS A 61 -23.27 16.24 6.84
C CYS A 61 -23.38 16.29 8.38
N LYS A 62 -23.70 15.14 9.01
CA LYS A 62 -23.88 15.03 10.47
C LYS A 62 -22.54 15.16 11.23
N TYR A 63 -21.43 14.89 10.52
CA TYR A 63 -20.05 15.08 11.04
C TYR A 63 -19.71 16.58 11.14
N GLY A 64 -20.32 17.39 10.24
CA GLY A 64 -20.13 18.85 10.24
C GLY A 64 -18.71 19.27 9.90
N THR A 65 -18.02 19.92 10.86
CA THR A 65 -16.63 20.41 10.70
C THR A 65 -15.60 19.28 10.97
N ARG A 66 -16.09 18.11 11.45
CA ARG A 66 -15.27 16.93 11.73
C ARG A 66 -15.34 15.91 10.55
N CYS A 67 -15.89 16.36 9.41
CA CYS A 67 -16.11 15.51 8.21
C CYS A 67 -14.79 15.06 7.56
N GLN A 68 -14.84 13.89 6.89
CA GLN A 68 -13.67 13.25 6.26
C GLN A 68 -13.83 13.16 4.73
N PHE A 69 -14.93 13.71 4.20
CA PHE A 69 -15.25 13.69 2.74
C PHE A 69 -15.61 15.11 2.24
N ILE A 70 -15.33 15.36 0.95
CA ILE A 70 -15.48 16.69 0.31
C ILE A 70 -16.95 17.16 0.28
N HIS A 71 -17.21 18.34 0.85
CA HIS A 71 -18.53 19.00 0.78
C HIS A 71 -18.63 19.81 -0.52
N LYS A 72 -19.23 19.22 -1.56
CA LYS A 72 -19.53 19.90 -2.82
C LYS A 72 -21.00 20.36 -2.82
N ILE A 73 -21.21 21.68 -2.96
CA ILE A 73 -22.54 22.30 -3.01
C ILE A 73 -23.26 21.86 -4.31
N VAL A 74 -24.43 21.23 -4.13
CA VAL A 74 -25.20 20.62 -5.24
C VAL A 74 -25.75 21.72 -6.18
N ASP A 75 -25.35 21.64 -7.46
CA ASP A 75 -25.77 22.59 -8.51
C ASP A 75 -27.20 22.29 -8.99
N GLY A 76 -27.57 21.00 -8.95
CA GLY A 76 -28.93 20.55 -9.28
C GLY A 76 -29.83 20.56 -8.06
N ASN A 77 -30.36 19.38 -7.68
CA ASN A 77 -31.20 19.20 -6.48
C ASN A 77 -31.20 17.73 -6.04
N ALA A 78 -31.72 17.45 -4.83
CA ALA A 78 -31.78 16.10 -4.25
C ALA A 78 -32.90 16.04 -3.18
N SER A 1 12.04 -2.54 -10.14
CA SER A 1 10.58 -2.63 -10.44
C SER A 1 10.21 -1.64 -11.55
N ASP A 2 9.79 -2.17 -12.71
CA ASP A 2 9.29 -1.35 -13.84
C ASP A 2 7.77 -1.15 -13.71
N ALA A 3 7.23 -0.23 -14.52
CA ALA A 3 5.79 0.06 -14.59
C ALA A 3 5.10 -0.96 -15.52
N PHE A 4 5.06 -2.23 -15.08
CA PHE A 4 4.45 -3.35 -15.82
C PHE A 4 3.43 -4.07 -14.94
N LYS A 5 2.21 -4.24 -15.48
CA LYS A 5 1.16 -5.14 -14.96
C LYS A 5 0.72 -4.78 -13.53
N THR A 6 0.86 -3.49 -13.19
CA THR A 6 0.43 -2.92 -11.91
C THR A 6 -1.12 -2.83 -11.82
N ALA A 7 -1.76 -2.73 -13.00
CA ALA A 7 -3.21 -2.65 -13.16
C ALA A 7 -3.66 -3.67 -14.22
N LEU A 8 -4.96 -3.99 -14.24
CA LEU A 8 -5.52 -4.99 -15.17
C LEU A 8 -5.61 -4.44 -16.61
N CYS A 9 -5.64 -5.38 -17.57
CA CYS A 9 -5.58 -5.10 -19.01
C CYS A 9 -6.99 -4.94 -19.59
N ASP A 10 -7.28 -3.75 -20.15
CA ASP A 10 -8.56 -3.43 -20.79
C ASP A 10 -8.83 -4.37 -21.97
N ALA A 11 -7.78 -4.60 -22.78
CA ALA A 11 -7.82 -5.49 -23.96
C ALA A 11 -8.22 -6.94 -23.58
N TYR A 12 -7.78 -7.37 -22.39
CA TYR A 12 -8.12 -8.69 -21.84
C TYR A 12 -9.59 -8.72 -21.36
N LYS A 13 -10.08 -7.60 -20.83
CA LYS A 13 -11.44 -7.52 -20.27
C LYS A 13 -12.51 -7.30 -21.38
N ARG A 14 -12.11 -6.67 -22.50
CA ARG A 14 -13.04 -6.36 -23.62
C ARG A 14 -13.06 -7.49 -24.65
N SER A 15 -11.86 -7.91 -25.09
CA SER A 15 -11.68 -8.83 -26.24
C SER A 15 -11.11 -10.20 -25.84
N GLN A 16 -10.74 -10.35 -24.55
CA GLN A 16 -10.11 -11.56 -23.97
C GLN A 16 -8.66 -11.72 -24.49
N ALA A 17 -8.52 -12.09 -25.79
CA ALA A 17 -7.22 -12.21 -26.45
C ALA A 17 -6.61 -10.81 -26.70
N CYS A 18 -5.73 -10.39 -25.77
CA CYS A 18 -5.00 -9.12 -25.84
C CYS A 18 -3.90 -9.19 -26.92
N SER A 19 -3.90 -8.22 -27.85
CA SER A 19 -3.02 -8.21 -29.04
C SER A 19 -1.52 -8.09 -28.65
N TYR A 20 -1.24 -7.39 -27.53
CA TYR A 20 0.13 -7.20 -27.02
C TYR A 20 0.70 -8.51 -26.44
N GLY A 21 -0.16 -9.34 -25.80
CA GLY A 21 0.25 -10.63 -25.22
C GLY A 21 1.29 -10.48 -24.11
N ASP A 22 2.53 -10.90 -24.39
CA ASP A 22 3.67 -10.78 -23.45
C ASP A 22 4.18 -9.34 -23.37
N GLN A 23 4.00 -8.59 -24.48
CA GLN A 23 4.43 -7.18 -24.58
C GLN A 23 3.47 -6.24 -23.84
N CYS A 24 2.38 -6.80 -23.26
CA CYS A 24 1.35 -6.03 -22.55
C CYS A 24 1.90 -5.46 -21.23
N ARG A 25 1.73 -4.14 -21.05
CA ARG A 25 2.16 -3.42 -19.83
C ARG A 25 1.07 -3.43 -18.75
N PHE A 26 0.02 -4.26 -18.96
CA PHE A 26 -1.07 -4.48 -18.00
C PHE A 26 -1.35 -5.99 -17.84
N ALA A 27 -1.85 -6.38 -16.66
CA ALA A 27 -1.97 -7.77 -16.22
C ALA A 27 -3.21 -8.46 -16.83
N HIS A 28 -3.01 -9.73 -17.27
CA HIS A 28 -4.09 -10.59 -17.82
C HIS A 28 -4.62 -11.54 -16.73
N GLY A 29 -4.52 -11.08 -15.47
CA GLY A 29 -4.92 -11.87 -14.30
C GLY A 29 -4.43 -11.23 -13.01
N VAL A 30 -5.03 -11.64 -11.88
CA VAL A 30 -4.66 -11.14 -10.53
C VAL A 30 -3.23 -11.59 -10.15
N HIS A 31 -2.80 -12.70 -10.77
CA HIS A 31 -1.49 -13.33 -10.53
C HIS A 31 -0.34 -12.40 -10.97
N GLU A 32 -0.58 -11.63 -12.03
CA GLU A 32 0.43 -10.75 -12.65
C GLU A 32 0.37 -9.31 -12.08
N LEU A 33 -0.51 -9.06 -11.09
CA LEU A 33 -0.69 -7.71 -10.52
C LEU A 33 0.50 -7.39 -9.62
N ARG A 34 1.32 -6.43 -10.05
CA ARG A 34 2.56 -6.05 -9.37
C ARG A 34 2.26 -4.80 -8.53
N LEU A 35 2.12 -5.00 -7.19
CA LEU A 35 1.82 -3.91 -6.25
C LEU A 35 2.98 -2.89 -6.19
N PRO A 36 2.72 -1.58 -5.91
CA PRO A 36 3.78 -0.57 -5.78
C PRO A 36 4.69 -0.87 -4.56
N MET A 37 5.86 -1.49 -4.84
CA MET A 37 6.90 -1.78 -3.83
C MET A 37 7.46 -0.46 -3.26
N ASN A 38 6.82 -0.01 -2.17
CA ASN A 38 7.20 1.20 -1.42
C ASN A 38 8.37 0.89 -0.46
N PRO A 39 9.21 1.91 -0.09
CA PRO A 39 10.29 1.75 0.94
C PRO A 39 9.73 1.38 2.35
N ARG A 40 10.68 1.13 3.28
CA ARG A 40 10.38 0.68 4.67
C ARG A 40 9.72 -0.71 4.65
N GLY A 41 10.56 -1.74 4.44
CA GLY A 41 10.10 -3.13 4.29
C GLY A 41 9.52 -3.71 5.57
N ARG A 42 10.40 -4.06 6.52
CA ARG A 42 10.02 -4.62 7.83
C ARG A 42 10.70 -3.79 8.93
N ASN A 43 10.00 -3.51 10.04
CA ASN A 43 10.58 -2.76 11.18
C ASN A 43 11.34 -3.74 12.10
N HIS A 44 12.61 -4.00 11.75
CA HIS A 44 13.52 -4.86 12.53
C HIS A 44 14.46 -3.96 13.37
N PRO A 45 14.34 -3.98 14.75
CA PRO A 45 15.29 -3.29 15.65
C PRO A 45 16.64 -4.04 15.71
N LYS A 46 17.53 -3.71 14.76
CA LYS A 46 18.89 -4.26 14.70
C LYS A 46 19.78 -3.57 15.74
N TYR A 47 20.76 -4.33 16.29
CA TYR A 47 21.70 -3.84 17.32
C TYR A 47 22.47 -2.59 16.84
N LYS A 48 22.91 -2.61 15.57
CA LYS A 48 23.79 -1.56 15.01
C LYS A 48 22.97 -0.48 14.24
N THR A 49 21.64 -0.47 14.45
CA THR A 49 20.76 0.61 13.96
C THR A 49 20.20 1.43 15.14
N VAL A 50 20.13 0.78 16.32
CA VAL A 50 19.58 1.39 17.55
C VAL A 50 20.74 1.93 18.42
N LEU A 51 20.51 3.09 19.07
CA LEU A 51 21.49 3.74 19.96
C LEU A 51 21.59 3.04 21.33
N CYS A 52 22.71 3.27 22.03
CA CYS A 52 22.99 2.71 23.36
C CYS A 52 22.31 3.58 24.43
N ASP A 53 21.34 3.00 25.14
CA ASP A 53 20.52 3.72 26.16
C ASP A 53 21.40 4.37 27.23
N LYS A 54 22.27 3.54 27.84
CA LYS A 54 23.16 3.95 28.93
C LYS A 54 24.09 5.10 28.50
N PHE A 55 24.69 4.94 27.30
CA PHE A 55 25.73 5.86 26.80
C PHE A 55 25.10 7.20 26.32
N SER A 56 23.84 7.15 25.85
CA SER A 56 23.11 8.34 25.39
C SER A 56 22.67 9.21 26.59
N MET A 57 22.37 8.56 27.73
CA MET A 57 21.82 9.24 28.92
C MET A 57 22.96 9.76 29.84
N THR A 58 23.88 8.87 30.21
CA THR A 58 24.95 9.18 31.21
C THR A 58 26.28 9.55 30.53
N GLY A 59 26.49 9.04 29.31
CA GLY A 59 27.78 9.16 28.61
C GLY A 59 28.69 7.97 28.87
N ASN A 60 28.17 6.95 29.59
CA ASN A 60 28.92 5.73 29.96
C ASN A 60 28.05 4.49 29.75
N CYS A 61 28.65 3.42 29.22
CA CYS A 61 27.99 2.13 28.99
C CYS A 61 28.73 1.02 29.75
N LYS A 62 27.98 0.29 30.60
CA LYS A 62 28.54 -0.78 31.47
C LYS A 62 29.03 -2.00 30.66
N TYR A 63 28.47 -2.19 29.45
CA TYR A 63 28.84 -3.31 28.55
C TYR A 63 30.17 -2.98 27.82
N GLY A 64 30.48 -1.69 27.68
CA GLY A 64 31.73 -1.22 27.06
C GLY A 64 31.83 -1.59 25.58
N THR A 65 32.92 -2.29 25.20
CA THR A 65 33.15 -2.75 23.82
C THR A 65 32.21 -3.91 23.44
N ARG A 66 31.66 -4.61 24.46
CA ARG A 66 30.70 -5.72 24.28
C ARG A 66 29.26 -5.20 24.06
N CYS A 67 29.08 -3.87 24.10
CA CYS A 67 27.77 -3.22 23.83
C CYS A 67 27.43 -3.34 22.34
N GLN A 68 26.26 -3.93 22.07
CA GLN A 68 25.78 -4.17 20.70
C GLN A 68 25.22 -2.88 20.06
N PHE A 69 24.64 -2.00 20.90
CA PHE A 69 23.99 -0.76 20.45
C PHE A 69 25.01 0.38 20.23
N ILE A 70 24.72 1.25 19.25
CA ILE A 70 25.61 2.34 18.79
C ILE A 70 25.97 3.31 19.95
N HIS A 71 27.26 3.41 20.29
CA HIS A 71 27.74 4.45 21.21
C HIS A 71 27.81 5.80 20.48
N LYS A 72 26.70 6.54 20.59
CA LYS A 72 26.55 7.89 20.07
C LYS A 72 26.85 8.87 21.21
N ILE A 73 27.78 9.81 20.97
CA ILE A 73 28.18 10.82 21.97
C ILE A 73 26.98 11.75 22.25
N VAL A 74 26.74 12.05 23.55
CA VAL A 74 25.57 12.81 24.02
C VAL A 74 25.44 14.17 23.28
N ASP A 75 24.33 14.33 22.55
CA ASP A 75 24.06 15.51 21.72
C ASP A 75 23.26 16.56 22.53
N GLY A 76 23.84 16.96 23.69
CA GLY A 76 23.22 17.94 24.58
C GLY A 76 23.62 19.37 24.21
N ASN A 77 23.17 19.81 23.02
CA ASN A 77 23.46 21.15 22.48
C ASN A 77 22.62 22.21 23.24
N ALA A 78 23.28 22.93 24.16
CA ALA A 78 22.67 24.01 24.95
C ALA A 78 22.41 25.25 24.05
N SER A 1 8.69 -1.37 -7.14
CA SER A 1 8.11 -0.03 -7.37
C SER A 1 7.80 0.21 -8.86
N ASP A 2 7.95 -0.84 -9.70
CA ASP A 2 7.67 -0.75 -11.16
C ASP A 2 6.15 -0.73 -11.43
N ALA A 3 5.72 0.09 -12.41
CA ALA A 3 4.30 0.27 -12.79
C ALA A 3 3.92 -0.57 -14.02
N PHE A 4 4.79 -1.53 -14.40
CA PHE A 4 4.54 -2.44 -15.53
C PHE A 4 3.57 -3.54 -15.09
N LYS A 5 2.44 -3.66 -15.82
CA LYS A 5 1.35 -4.66 -15.61
C LYS A 5 0.90 -4.76 -14.13
N THR A 6 0.68 -3.57 -13.54
CA THR A 6 0.16 -3.43 -12.16
C THR A 6 -1.36 -3.18 -12.17
N ALA A 7 -1.92 -2.92 -13.36
CA ALA A 7 -3.34 -2.63 -13.58
C ALA A 7 -3.86 -3.51 -14.73
N LEU A 8 -5.13 -3.96 -14.64
CA LEU A 8 -5.73 -4.94 -15.59
C LEU A 8 -5.71 -4.47 -17.06
N CYS A 9 -5.62 -5.46 -17.96
CA CYS A 9 -5.62 -5.25 -19.41
C CYS A 9 -7.06 -5.14 -19.90
N ASP A 10 -7.42 -3.96 -20.39
CA ASP A 10 -8.77 -3.64 -20.89
C ASP A 10 -9.14 -4.56 -22.06
N ALA A 11 -8.13 -4.93 -22.88
CA ALA A 11 -8.30 -5.87 -24.01
C ALA A 11 -8.58 -7.31 -23.53
N TYR A 12 -7.99 -7.68 -22.38
CA TYR A 12 -8.20 -9.00 -21.72
C TYR A 12 -9.61 -9.07 -21.08
N LYS A 13 -10.11 -7.93 -20.62
CA LYS A 13 -11.42 -7.83 -19.95
C LYS A 13 -12.56 -7.86 -20.98
N ARG A 14 -12.48 -6.97 -21.98
CA ARG A 14 -13.58 -6.73 -22.94
C ARG A 14 -13.57 -7.78 -24.07
N SER A 15 -12.40 -7.97 -24.68
CA SER A 15 -12.24 -8.83 -25.87
C SER A 15 -11.66 -10.21 -25.52
N GLN A 16 -10.99 -10.31 -24.34
CA GLN A 16 -10.25 -11.51 -23.88
C GLN A 16 -9.10 -11.87 -24.84
N ALA A 17 -8.58 -10.83 -25.52
CA ALA A 17 -7.52 -10.95 -26.54
C ALA A 17 -6.70 -9.66 -26.57
N CYS A 18 -5.38 -9.78 -26.33
CA CYS A 18 -4.45 -8.64 -26.29
C CYS A 18 -3.38 -8.82 -27.38
N SER A 19 -3.22 -7.79 -28.23
CA SER A 19 -2.33 -7.84 -29.41
C SER A 19 -0.84 -7.71 -29.01
N TYR A 20 -0.59 -7.21 -27.79
CA TYR A 20 0.76 -7.07 -27.24
C TYR A 20 1.27 -8.38 -26.61
N GLY A 21 0.34 -9.30 -26.30
CA GLY A 21 0.66 -10.62 -25.74
C GLY A 21 1.25 -10.53 -24.33
N ASP A 22 2.34 -11.29 -24.06
CA ASP A 22 3.06 -11.26 -22.76
C ASP A 22 3.83 -9.94 -22.57
N GLN A 23 4.10 -9.24 -23.70
CA GLN A 23 4.79 -7.93 -23.69
C GLN A 23 3.81 -6.78 -23.37
N CYS A 24 2.56 -7.12 -23.03
CA CYS A 24 1.52 -6.16 -22.60
C CYS A 24 1.92 -5.46 -21.29
N ARG A 25 1.78 -4.13 -21.27
CA ARG A 25 2.10 -3.30 -20.08
C ARG A 25 0.91 -3.26 -19.09
N PHE A 26 -0.11 -4.10 -19.34
CA PHE A 26 -1.28 -4.26 -18.46
C PHE A 26 -1.48 -5.75 -18.13
N ALA A 27 -1.85 -6.04 -16.87
CA ALA A 27 -1.93 -7.40 -16.30
C ALA A 27 -3.09 -8.23 -16.90
N HIS A 28 -2.77 -9.49 -17.28
CA HIS A 28 -3.74 -10.43 -17.87
C HIS A 28 -4.34 -11.35 -16.77
N GLY A 29 -4.74 -10.74 -15.65
CA GLY A 29 -5.39 -11.45 -14.54
C GLY A 29 -4.93 -10.96 -13.18
N VAL A 30 -5.58 -11.47 -12.12
CA VAL A 30 -5.29 -11.07 -10.72
C VAL A 30 -3.92 -11.63 -10.26
N HIS A 31 -3.47 -12.72 -10.91
CA HIS A 31 -2.17 -13.37 -10.64
C HIS A 31 -1.01 -12.47 -11.14
N GLU A 32 -1.30 -11.64 -12.16
CA GLU A 32 -0.35 -10.69 -12.74
C GLU A 32 -0.43 -9.30 -12.05
N LEU A 33 -1.48 -9.07 -11.24
CA LEU A 33 -1.63 -7.81 -10.49
C LEU A 33 -0.67 -7.79 -9.28
N ARG A 34 0.34 -6.93 -9.38
CA ARG A 34 1.24 -6.56 -8.28
C ARG A 34 1.09 -5.06 -8.02
N LEU A 35 1.27 -4.62 -6.77
CA LEU A 35 1.19 -3.19 -6.42
C LEU A 35 2.50 -2.45 -6.79
N PRO A 36 2.44 -1.17 -7.27
CA PRO A 36 3.62 -0.39 -7.72
C PRO A 36 4.25 0.45 -6.59
N MET A 37 4.00 0.03 -5.33
CA MET A 37 4.44 0.72 -4.10
C MET A 37 3.86 2.14 -4.05
N ASN A 38 2.55 2.20 -4.33
CA ASN A 38 1.73 3.43 -4.24
C ASN A 38 1.63 3.94 -2.77
N PRO A 39 1.45 5.29 -2.53
CA PRO A 39 1.44 5.89 -1.16
C PRO A 39 0.48 5.22 -0.16
N ARG A 40 0.91 5.12 1.10
CA ARG A 40 0.15 4.49 2.19
C ARG A 40 -0.94 5.47 2.66
N GLY A 41 -2.15 5.32 2.08
CA GLY A 41 -3.33 6.10 2.48
C GLY A 41 -4.48 5.18 2.84
N ARG A 42 -4.17 4.12 3.59
CA ARG A 42 -5.14 3.10 4.03
C ARG A 42 -4.85 2.71 5.50
N ASN A 43 -5.87 2.87 6.37
CA ASN A 43 -5.75 2.56 7.82
C ASN A 43 -6.16 1.11 8.12
N HIS A 44 -5.64 0.57 9.24
CA HIS A 44 -5.95 -0.80 9.71
C HIS A 44 -6.83 -0.73 10.98
N PRO A 45 -7.55 -1.85 11.36
CA PRO A 45 -8.24 -1.94 12.68
C PRO A 45 -7.25 -1.82 13.85
N LYS A 46 -7.05 -0.58 14.32
CA LYS A 46 -6.14 -0.26 15.44
C LYS A 46 -6.95 -0.09 16.74
N TYR A 47 -6.86 -1.09 17.62
CA TYR A 47 -7.55 -1.12 18.91
C TYR A 47 -6.59 -1.60 20.01
N LYS A 48 -5.77 -2.61 19.69
CA LYS A 48 -4.65 -3.06 20.55
C LYS A 48 -3.41 -2.18 20.30
N THR A 49 -3.61 -0.87 20.39
CA THR A 49 -2.57 0.15 20.30
C THR A 49 -2.50 0.93 21.62
N VAL A 50 -3.68 1.07 22.26
CA VAL A 50 -3.84 1.70 23.58
C VAL A 50 -3.57 0.65 24.68
N LEU A 51 -2.90 1.06 25.77
CA LEU A 51 -2.60 0.18 26.92
C LEU A 51 -3.86 -0.05 27.78
N CYS A 52 -3.87 -1.17 28.50
CA CYS A 52 -5.01 -1.61 29.32
C CYS A 52 -5.01 -0.87 30.67
N ASP A 53 -6.06 -0.06 30.89
CA ASP A 53 -6.28 0.71 32.13
C ASP A 53 -6.44 -0.22 33.35
N LYS A 54 -7.17 -1.34 33.13
CA LYS A 54 -7.42 -2.36 34.16
C LYS A 54 -6.09 -3.02 34.62
N PHE A 55 -5.29 -3.46 33.62
CA PHE A 55 -4.02 -4.18 33.83
C PHE A 55 -2.96 -3.23 34.45
N SER A 56 -3.10 -1.92 34.16
CA SER A 56 -2.21 -0.87 34.67
C SER A 56 -2.44 -0.62 36.17
N MET A 57 -3.73 -0.52 36.58
CA MET A 57 -4.09 -0.14 37.97
C MET A 57 -4.01 -1.35 38.94
N THR A 58 -4.70 -2.44 38.57
CA THR A 58 -4.93 -3.58 39.47
C THR A 58 -3.91 -4.71 39.25
N GLY A 59 -2.99 -4.52 38.29
CA GLY A 59 -1.94 -5.50 37.98
C GLY A 59 -2.34 -6.45 36.87
N ASN A 60 -3.58 -6.96 36.95
CA ASN A 60 -4.18 -7.86 35.94
C ASN A 60 -5.47 -7.25 35.37
N CYS A 61 -5.85 -7.69 34.18
CA CYS A 61 -7.07 -7.24 33.49
C CYS A 61 -8.16 -8.33 33.66
N LYS A 62 -9.31 -7.95 34.24
CA LYS A 62 -10.43 -8.87 34.50
C LYS A 62 -11.06 -9.41 33.21
N TYR A 63 -10.92 -8.64 32.11
CA TYR A 63 -11.38 -9.03 30.77
C TYR A 63 -10.56 -10.22 30.22
N GLY A 64 -9.25 -10.25 30.57
CA GLY A 64 -8.33 -11.30 30.14
C GLY A 64 -8.04 -11.26 28.65
N THR A 65 -8.23 -12.40 27.96
CA THR A 65 -8.05 -12.49 26.49
C THR A 65 -9.25 -11.90 25.72
N ARG A 66 -10.30 -11.50 26.47
CA ARG A 66 -11.46 -10.76 25.91
C ARG A 66 -11.22 -9.23 25.95
N CYS A 67 -10.00 -8.83 26.38
CA CYS A 67 -9.59 -7.41 26.40
C CYS A 67 -9.12 -6.98 25.01
N GLN A 68 -9.42 -5.72 24.65
CA GLN A 68 -9.07 -5.13 23.34
C GLN A 68 -7.88 -4.15 23.47
N PHE A 69 -7.16 -4.25 24.60
CA PHE A 69 -6.03 -3.35 24.95
C PHE A 69 -4.76 -4.17 25.30
N ILE A 70 -3.59 -3.56 25.03
CA ILE A 70 -2.26 -4.19 25.25
C ILE A 70 -2.02 -4.47 26.75
N HIS A 71 -1.61 -5.72 27.06
CA HIS A 71 -1.22 -6.14 28.41
C HIS A 71 0.31 -6.26 28.49
N LYS A 72 0.97 -5.18 28.96
CA LYS A 72 2.40 -5.18 29.28
C LYS A 72 2.58 -5.03 30.80
N ILE A 73 3.41 -5.91 31.39
CA ILE A 73 3.60 -6.00 32.85
C ILE A 73 4.29 -4.72 33.35
N VAL A 74 3.53 -3.93 34.13
CA VAL A 74 3.91 -2.58 34.58
C VAL A 74 5.14 -2.62 35.51
N ASP A 75 6.12 -1.75 35.23
CA ASP A 75 7.36 -1.62 36.01
C ASP A 75 7.71 -0.12 36.15
N GLY A 76 7.73 0.58 35.00
CA GLY A 76 7.96 2.02 34.96
C GLY A 76 6.74 2.82 35.39
N ASN A 77 6.50 2.84 36.71
CA ASN A 77 5.35 3.51 37.34
C ASN A 77 5.52 5.05 37.38
N ALA A 78 6.78 5.50 37.22
CA ALA A 78 7.14 6.93 37.23
C ALA A 78 8.11 7.19 36.06
N SER A 1 8.41 -0.66 -6.64
CA SER A 1 7.27 -1.13 -7.47
C SER A 1 7.39 -0.56 -8.89
N ASP A 2 7.11 -1.41 -9.89
CA ASP A 2 7.14 -1.04 -11.33
C ASP A 2 5.79 -0.45 -11.77
N ALA A 3 5.74 0.08 -13.00
CA ALA A 3 4.46 0.45 -13.67
C ALA A 3 3.77 -0.78 -14.26
N PHE A 4 4.55 -1.87 -14.43
CA PHE A 4 4.11 -3.12 -15.05
C PHE A 4 3.18 -3.93 -14.13
N LYS A 5 2.06 -4.36 -14.74
CA LYS A 5 1.10 -5.34 -14.21
C LYS A 5 0.36 -4.79 -12.96
N THR A 6 0.40 -3.47 -12.78
CA THR A 6 -0.19 -2.79 -11.61
C THR A 6 -1.73 -2.80 -11.65
N ALA A 7 -2.27 -2.72 -12.86
CA ALA A 7 -3.71 -2.72 -13.12
C ALA A 7 -4.04 -3.77 -14.17
N LEU A 8 -5.32 -4.19 -14.23
CA LEU A 8 -5.80 -5.17 -15.21
C LEU A 8 -5.85 -4.57 -16.63
N CYS A 9 -5.70 -5.45 -17.63
CA CYS A 9 -5.64 -5.09 -19.04
C CYS A 9 -7.06 -5.00 -19.62
N ASP A 10 -7.47 -3.77 -19.95
CA ASP A 10 -8.79 -3.48 -20.56
C ASP A 10 -8.91 -4.19 -21.92
N ALA A 11 -7.83 -4.07 -22.72
CA ALA A 11 -7.74 -4.64 -24.07
C ALA A 11 -7.92 -6.17 -24.06
N TYR A 12 -7.39 -6.81 -22.99
CA TYR A 12 -7.55 -8.24 -22.75
C TYR A 12 -9.03 -8.58 -22.52
N LYS A 13 -9.59 -8.01 -21.44
CA LYS A 13 -10.91 -8.41 -20.90
C LYS A 13 -12.07 -8.12 -21.89
N ARG A 14 -11.98 -6.99 -22.60
CA ARG A 14 -13.06 -6.51 -23.51
C ARG A 14 -13.25 -7.46 -24.71
N SER A 15 -12.15 -8.06 -25.20
CA SER A 15 -12.17 -9.00 -26.35
C SER A 15 -11.80 -10.44 -25.92
N GLN A 16 -11.50 -10.63 -24.60
CA GLN A 16 -11.12 -11.93 -23.99
C GLN A 16 -9.73 -12.44 -24.48
N ALA A 17 -8.93 -11.51 -25.04
CA ALA A 17 -7.57 -11.76 -25.54
C ALA A 17 -6.84 -10.42 -25.74
N CYS A 18 -5.54 -10.36 -25.39
CA CYS A 18 -4.71 -9.15 -25.56
C CYS A 18 -3.77 -9.33 -26.75
N SER A 19 -3.81 -8.36 -27.69
CA SER A 19 -3.03 -8.40 -28.94
C SER A 19 -1.52 -8.35 -28.69
N TYR A 20 -1.13 -7.58 -27.66
CA TYR A 20 0.28 -7.42 -27.24
C TYR A 20 0.78 -8.70 -26.56
N GLY A 21 -0.09 -9.32 -25.74
CA GLY A 21 0.21 -10.55 -25.01
C GLY A 21 1.37 -10.38 -24.01
N ASP A 22 2.58 -10.79 -24.40
CA ASP A 22 3.80 -10.69 -23.56
C ASP A 22 4.36 -9.26 -23.58
N GLN A 23 4.04 -8.50 -24.64
CA GLN A 23 4.44 -7.08 -24.78
C GLN A 23 3.41 -6.14 -24.12
N CYS A 24 2.47 -6.71 -23.35
CA CYS A 24 1.44 -5.92 -22.63
C CYS A 24 2.00 -5.47 -21.26
N ARG A 25 1.77 -4.19 -20.93
CA ARG A 25 2.28 -3.57 -19.69
C ARG A 25 1.25 -3.68 -18.53
N PHE A 26 0.07 -4.25 -18.81
CA PHE A 26 -1.00 -4.47 -17.80
C PHE A 26 -1.23 -5.98 -17.59
N ALA A 27 -1.71 -6.33 -16.37
CA ALA A 27 -1.89 -7.72 -15.94
C ALA A 27 -3.10 -8.38 -16.61
N HIS A 28 -2.95 -9.67 -16.96
CA HIS A 28 -3.99 -10.47 -17.63
C HIS A 28 -4.70 -11.41 -16.63
N GLY A 29 -4.75 -10.97 -15.38
CA GLY A 29 -5.41 -11.73 -14.30
C GLY A 29 -5.03 -11.18 -12.94
N VAL A 30 -5.79 -11.59 -11.90
CA VAL A 30 -5.53 -11.19 -10.49
C VAL A 30 -4.21 -11.81 -10.01
N HIS A 31 -3.97 -13.05 -10.47
CA HIS A 31 -2.73 -13.79 -10.18
C HIS A 31 -1.51 -13.12 -10.87
N GLU A 32 -1.79 -12.44 -11.99
CA GLU A 32 -0.77 -11.81 -12.87
C GLU A 32 -0.40 -10.40 -12.37
N LEU A 33 -1.23 -9.86 -11.44
CA LEU A 33 -1.06 -8.50 -10.87
C LEU A 33 0.26 -8.36 -10.07
N ARG A 34 1.07 -7.37 -10.48
CA ARG A 34 2.15 -6.80 -9.67
C ARG A 34 1.72 -5.37 -9.31
N LEU A 35 0.77 -5.27 -8.36
CA LEU A 35 0.21 -3.98 -7.92
C LEU A 35 1.24 -3.22 -7.03
N PRO A 36 1.18 -1.85 -6.97
CA PRO A 36 2.07 -1.07 -6.09
C PRO A 36 1.71 -1.28 -4.59
N MET A 37 2.74 -1.26 -3.74
CA MET A 37 2.58 -1.52 -2.29
C MET A 37 2.04 -0.24 -1.61
N ASN A 38 0.75 0.00 -1.82
CA ASN A 38 0.05 1.21 -1.37
C ASN A 38 -1.29 0.82 -0.70
N PRO A 39 -1.43 1.01 0.65
CA PRO A 39 -2.70 0.76 1.36
C PRO A 39 -3.74 1.87 1.08
N ARG A 40 -5.01 1.59 1.38
CA ARG A 40 -6.14 2.49 1.08
C ARG A 40 -6.11 3.71 2.04
N GLY A 41 -5.42 4.77 1.60
CA GLY A 41 -5.32 6.03 2.34
C GLY A 41 -5.65 7.21 1.44
N ARG A 42 -6.19 8.28 2.03
CA ARG A 42 -6.66 9.46 1.29
C ARG A 42 -6.74 10.66 2.25
N ASN A 43 -6.27 11.83 1.78
CA ASN A 43 -6.48 13.11 2.47
C ASN A 43 -7.92 13.57 2.20
N HIS A 44 -8.86 12.94 2.93
CA HIS A 44 -10.30 13.17 2.78
C HIS A 44 -10.71 14.50 3.46
N PRO A 45 -11.71 15.26 2.88
CA PRO A 45 -12.19 16.52 3.48
C PRO A 45 -13.01 16.28 4.77
N LYS A 46 -12.29 16.22 5.90
CA LYS A 46 -12.87 16.13 7.25
C LYS A 46 -12.88 17.52 7.88
N TYR A 47 -13.79 17.78 8.84
CA TYR A 47 -13.94 19.10 9.50
C TYR A 47 -12.62 19.55 10.17
N LYS A 48 -11.88 18.59 10.74
CA LYS A 48 -10.56 18.84 11.34
C LYS A 48 -9.44 18.29 10.44
N THR A 49 -9.30 18.91 9.26
CA THR A 49 -8.10 18.79 8.39
C THR A 49 -7.59 20.20 8.03
N VAL A 50 -8.32 21.24 8.47
CA VAL A 50 -8.03 22.65 8.20
C VAL A 50 -7.92 23.41 9.54
N LEU A 51 -6.97 24.37 9.62
CA LEU A 51 -6.73 25.18 10.84
C LEU A 51 -7.86 26.20 11.06
N CYS A 52 -7.96 26.69 12.31
CA CYS A 52 -9.01 27.63 12.74
C CYS A 52 -8.76 29.03 12.14
N ASP A 53 -9.69 29.47 11.27
CA ASP A 53 -9.61 30.75 10.55
C ASP A 53 -9.71 31.93 11.52
N LYS A 54 -10.46 31.73 12.60
CA LYS A 54 -10.64 32.72 13.66
C LYS A 54 -9.36 32.88 14.50
N PHE A 55 -8.70 31.75 14.79
CA PHE A 55 -7.49 31.72 15.63
C PHE A 55 -6.28 32.35 14.89
N SER A 56 -6.29 32.23 13.55
CA SER A 56 -5.20 32.74 12.70
C SER A 56 -5.42 34.23 12.33
N MET A 57 -6.63 34.56 11.81
CA MET A 57 -6.94 35.92 11.31
C MET A 57 -7.30 36.89 12.44
N THR A 58 -8.26 36.51 13.29
CA THR A 58 -8.80 37.40 14.37
C THR A 58 -8.10 37.13 15.72
N GLY A 59 -7.19 36.13 15.74
CA GLY A 59 -6.29 35.91 16.87
C GLY A 59 -6.80 34.86 17.86
N ASN A 60 -8.10 34.92 18.19
CA ASN A 60 -8.71 34.02 19.21
C ASN A 60 -9.96 33.33 18.64
N CYS A 61 -10.36 32.22 19.31
CA CYS A 61 -11.53 31.43 18.97
C CYS A 61 -12.49 31.41 20.18
N LYS A 62 -13.75 31.87 19.98
CA LYS A 62 -14.76 31.96 21.06
C LYS A 62 -15.40 30.60 21.35
N TYR A 63 -15.46 29.72 20.33
CA TYR A 63 -16.13 28.41 20.43
C TYR A 63 -15.31 27.44 21.30
N GLY A 64 -13.98 27.45 21.11
CA GLY A 64 -13.06 26.58 21.85
C GLY A 64 -13.26 25.10 21.52
N THR A 65 -13.92 24.36 22.43
CA THR A 65 -14.23 22.93 22.25
C THR A 65 -15.36 22.72 21.22
N ARG A 66 -16.17 23.79 21.01
CA ARG A 66 -17.30 23.78 20.07
C ARG A 66 -16.85 24.18 18.64
N CYS A 67 -15.55 24.47 18.48
CA CYS A 67 -14.96 24.81 17.17
C CYS A 67 -14.73 23.54 16.34
N GLN A 68 -14.98 23.63 15.03
CA GLN A 68 -14.92 22.47 14.11
C GLN A 68 -13.57 22.40 13.37
N PHE A 69 -12.77 23.48 13.45
CA PHE A 69 -11.44 23.57 12.82
C PHE A 69 -10.34 23.27 13.86
N ILE A 70 -9.19 22.73 13.38
CA ILE A 70 -8.02 22.39 14.20
C ILE A 70 -7.47 23.64 14.92
N HIS A 71 -7.30 23.55 16.24
CA HIS A 71 -6.60 24.55 17.05
C HIS A 71 -5.13 24.15 17.19
N LYS A 72 -4.29 24.70 16.28
CA LYS A 72 -2.83 24.55 16.33
C LYS A 72 -2.22 25.89 16.76
N ILE A 73 -1.33 25.84 17.76
CA ILE A 73 -0.63 27.04 18.26
C ILE A 73 0.40 27.47 17.19
N VAL A 74 0.02 28.47 16.38
CA VAL A 74 0.87 29.00 15.31
C VAL A 74 1.90 29.96 15.91
N ASP A 75 3.16 29.54 15.90
CA ASP A 75 4.29 30.35 16.37
C ASP A 75 4.95 31.01 15.13
N GLY A 76 4.72 32.33 14.98
CA GLY A 76 5.19 33.07 13.81
C GLY A 76 4.24 32.90 12.62
N ASN A 77 3.23 33.79 12.53
CA ASN A 77 2.23 33.78 11.44
C ASN A 77 2.84 34.31 10.12
N ALA A 78 3.65 35.37 10.23
CA ALA A 78 4.29 36.02 9.06
C ALA A 78 5.62 35.30 8.72
N SER A 1 8.41 4.65 -11.04
CA SER A 1 7.68 3.42 -11.38
C SER A 1 6.68 3.67 -12.52
N ASP A 2 6.85 2.96 -13.65
CA ASP A 2 5.92 2.97 -14.79
C ASP A 2 4.73 2.04 -14.50
N ALA A 3 3.63 2.21 -15.26
CA ALA A 3 2.39 1.43 -15.08
C ALA A 3 2.57 -0.03 -15.56
N PHE A 4 2.96 -0.91 -14.62
CA PHE A 4 3.13 -2.36 -14.87
C PHE A 4 2.29 -3.17 -13.88
N LYS A 5 1.23 -3.82 -14.42
CA LYS A 5 0.43 -4.88 -13.75
C LYS A 5 -0.46 -4.36 -12.60
N THR A 6 -0.29 -3.08 -12.19
CA THR A 6 -1.10 -2.44 -11.12
C THR A 6 -2.55 -2.14 -11.59
N ALA A 7 -2.77 -2.28 -12.91
CA ALA A 7 -4.08 -2.17 -13.55
C ALA A 7 -4.22 -3.28 -14.60
N LEU A 8 -5.46 -3.75 -14.83
CA LEU A 8 -5.77 -4.81 -15.81
C LEU A 8 -5.73 -4.28 -17.25
N CYS A 9 -5.57 -5.22 -18.18
CA CYS A 9 -5.52 -4.98 -19.62
C CYS A 9 -6.96 -4.86 -20.17
N ASP A 10 -7.28 -3.72 -20.81
CA ASP A 10 -8.63 -3.42 -21.35
C ASP A 10 -9.05 -4.44 -22.43
N ALA A 11 -8.07 -4.82 -23.27
CA ALA A 11 -8.23 -5.84 -24.32
C ALA A 11 -8.59 -7.21 -23.71
N TYR A 12 -7.97 -7.50 -22.54
CA TYR A 12 -8.23 -8.73 -21.77
C TYR A 12 -9.64 -8.71 -21.14
N LYS A 13 -10.06 -7.55 -20.62
CA LYS A 13 -11.34 -7.44 -19.88
C LYS A 13 -12.55 -7.54 -20.83
N ARG A 14 -12.43 -6.93 -22.01
CA ARG A 14 -13.53 -6.82 -22.98
C ARG A 14 -13.55 -8.01 -23.96
N SER A 15 -12.39 -8.28 -24.59
CA SER A 15 -12.28 -9.23 -25.73
C SER A 15 -11.49 -10.51 -25.35
N GLN A 16 -10.75 -10.44 -24.22
CA GLN A 16 -9.81 -11.49 -23.72
C GLN A 16 -8.49 -11.50 -24.54
N ALA A 17 -8.59 -11.48 -25.88
CA ALA A 17 -7.43 -11.46 -26.79
C ALA A 17 -6.71 -10.09 -26.73
N CYS A 18 -5.47 -10.10 -26.21
CA CYS A 18 -4.60 -8.91 -26.14
C CYS A 18 -3.58 -8.96 -27.29
N SER A 19 -3.51 -7.87 -28.08
CA SER A 19 -2.65 -7.77 -29.27
C SER A 19 -1.15 -7.79 -28.90
N TYR A 20 -0.80 -7.13 -27.78
CA TYR A 20 0.59 -7.04 -27.29
C TYR A 20 1.05 -8.39 -26.68
N GLY A 21 0.08 -9.13 -26.10
CA GLY A 21 0.33 -10.46 -25.52
C GLY A 21 1.20 -10.40 -24.26
N ASP A 22 2.38 -11.05 -24.30
CA ASP A 22 3.34 -11.04 -23.17
C ASP A 22 4.16 -9.74 -23.12
N GLN A 23 4.03 -8.90 -24.16
CA GLN A 23 4.64 -7.55 -24.19
C GLN A 23 3.67 -6.49 -23.62
N CYS A 24 2.47 -6.94 -23.16
CA CYS A 24 1.46 -6.07 -22.53
C CYS A 24 1.90 -5.71 -21.11
N ARG A 25 2.00 -4.39 -20.82
CA ARG A 25 2.44 -3.89 -19.49
C ARG A 25 1.35 -4.09 -18.42
N PHE A 26 0.08 -4.14 -18.86
CA PHE A 26 -1.07 -4.32 -17.95
C PHE A 26 -1.38 -5.82 -17.74
N ALA A 27 -2.08 -6.10 -16.62
CA ALA A 27 -2.27 -7.47 -16.10
C ALA A 27 -3.32 -8.29 -16.87
N HIS A 28 -3.02 -9.58 -17.12
CA HIS A 28 -3.94 -10.53 -17.78
C HIS A 28 -4.52 -11.50 -16.76
N GLY A 29 -4.93 -10.96 -15.61
CA GLY A 29 -5.56 -11.73 -14.53
C GLY A 29 -5.20 -11.19 -13.16
N VAL A 30 -5.90 -11.68 -12.12
CA VAL A 30 -5.69 -11.24 -10.72
C VAL A 30 -4.32 -11.75 -10.18
N HIS A 31 -3.81 -12.85 -10.77
CA HIS A 31 -2.48 -13.41 -10.44
C HIS A 31 -1.35 -12.43 -10.84
N GLU A 32 -1.58 -11.65 -11.91
CA GLU A 32 -0.67 -10.59 -12.37
C GLU A 32 -1.04 -9.23 -11.75
N LEU A 33 -2.33 -9.07 -11.36
CA LEU A 33 -2.85 -7.78 -10.86
C LEU A 33 -2.28 -7.45 -9.48
N ARG A 34 -1.49 -6.38 -9.45
CA ARG A 34 -0.83 -5.87 -8.25
C ARG A 34 -1.67 -4.71 -7.69
N LEU A 35 -1.79 -4.64 -6.36
CA LEU A 35 -2.49 -3.53 -5.69
C LEU A 35 -1.56 -2.29 -5.62
N PRO A 36 -2.08 -1.05 -5.91
CA PRO A 36 -1.30 0.20 -5.78
C PRO A 36 -0.81 0.43 -4.34
N MET A 37 0.51 0.61 -4.17
CA MET A 37 1.14 0.77 -2.85
C MET A 37 0.93 2.22 -2.36
N ASN A 38 0.11 2.37 -1.32
CA ASN A 38 -0.28 3.68 -0.75
C ASN A 38 -0.48 3.56 0.78
N PRO A 39 -0.34 4.68 1.56
CA PRO A 39 -0.71 4.71 3.00
C PRO A 39 -2.21 4.41 3.19
N ARG A 40 -2.53 3.31 3.88
CA ARG A 40 -3.92 2.82 4.07
C ARG A 40 -4.72 3.80 4.95
N GLY A 41 -5.96 4.13 4.53
CA GLY A 41 -6.79 5.13 5.20
C GLY A 41 -8.00 4.54 5.91
N ARG A 42 -7.88 3.28 6.35
CA ARG A 42 -8.95 2.57 7.10
C ARG A 42 -8.59 2.54 8.60
N ASN A 43 -9.60 2.74 9.47
CA ASN A 43 -9.42 2.71 10.93
C ASN A 43 -9.42 1.25 11.44
N HIS A 44 -8.34 0.88 12.15
CA HIS A 44 -8.18 -0.46 12.75
C HIS A 44 -7.60 -0.30 14.17
N PRO A 45 -7.72 -1.33 15.09
CA PRO A 45 -7.08 -1.30 16.42
C PRO A 45 -5.54 -1.32 16.34
N LYS A 46 -4.95 -0.14 16.14
CA LYS A 46 -3.50 0.08 16.08
C LYS A 46 -2.94 0.15 17.52
N TYR A 47 -2.78 -1.03 18.13
CA TYR A 47 -2.26 -1.21 19.49
C TYR A 47 -0.80 -0.72 19.56
N LYS A 48 0.00 -1.20 18.62
CA LYS A 48 1.37 -0.74 18.40
C LYS A 48 1.33 0.54 17.53
N THR A 49 1.39 1.71 18.19
CA THR A 49 1.23 3.02 17.51
C THR A 49 2.41 3.97 17.85
N VAL A 50 2.75 4.10 19.13
CA VAL A 50 3.84 4.97 19.60
C VAL A 50 5.09 4.11 19.88
N LEU A 51 6.29 4.62 19.53
CA LEU A 51 7.57 3.87 19.68
C LEU A 51 7.96 3.70 21.16
N CYS A 52 8.72 2.62 21.45
CA CYS A 52 9.17 2.28 22.81
C CYS A 52 10.46 3.04 23.12
N ASP A 53 10.38 3.93 24.13
CA ASP A 53 11.48 4.85 24.50
C ASP A 53 12.72 4.06 24.94
N LYS A 54 12.48 3.08 25.83
CA LYS A 54 13.54 2.29 26.47
C LYS A 54 14.20 1.33 25.47
N PHE A 55 13.40 0.70 24.59
CA PHE A 55 13.91 -0.30 23.63
C PHE A 55 14.77 0.39 22.54
N SER A 56 14.51 1.68 22.28
CA SER A 56 15.26 2.48 21.28
C SER A 56 16.53 3.11 21.90
N MET A 57 16.42 3.65 23.12
CA MET A 57 17.54 4.41 23.78
C MET A 57 18.51 3.47 24.51
N THR A 58 17.97 2.63 25.42
CA THR A 58 18.79 1.78 26.30
C THR A 58 18.93 0.37 25.71
N GLY A 59 18.01 0.03 24.77
CA GLY A 59 18.03 -1.26 24.08
C GLY A 59 17.05 -2.27 24.67
N ASN A 60 16.70 -2.09 25.96
CA ASN A 60 15.92 -3.08 26.72
C ASN A 60 14.65 -2.45 27.32
N CYS A 61 13.51 -3.12 27.13
CA CYS A 61 12.21 -2.74 27.71
C CYS A 61 11.81 -3.77 28.78
N LYS A 62 11.57 -3.29 30.01
CA LYS A 62 11.30 -4.15 31.20
C LYS A 62 9.94 -4.86 31.10
N TYR A 63 8.97 -4.22 30.43
CA TYR A 63 7.61 -4.77 30.25
C TYR A 63 7.62 -5.93 29.24
N GLY A 64 8.40 -5.75 28.15
CA GLY A 64 8.54 -6.75 27.10
C GLY A 64 7.22 -7.02 26.37
N THR A 65 6.57 -8.14 26.71
CA THR A 65 5.30 -8.56 26.09
C THR A 65 4.08 -7.83 26.70
N ARG A 66 4.32 -7.05 27.77
CA ARG A 66 3.29 -6.18 28.38
C ARG A 66 3.41 -4.72 27.85
N CYS A 67 4.45 -4.46 27.03
CA CYS A 67 4.72 -3.13 26.46
C CYS A 67 3.78 -2.86 25.28
N GLN A 68 2.92 -1.83 25.41
CA GLN A 68 1.98 -1.42 24.34
C GLN A 68 2.70 -0.68 23.20
N PHE A 69 3.92 -0.20 23.48
CA PHE A 69 4.74 0.58 22.54
C PHE A 69 5.49 -0.33 21.54
N ILE A 70 5.71 0.20 20.32
CA ILE A 70 6.42 -0.48 19.23
C ILE A 70 7.90 -0.70 19.61
N HIS A 71 8.29 -1.98 19.78
CA HIS A 71 9.71 -2.36 19.94
C HIS A 71 10.41 -2.25 18.58
N LYS A 72 11.01 -1.06 18.38
CA LYS A 72 11.69 -0.68 17.14
C LYS A 72 13.16 -0.32 17.43
N ILE A 73 14.07 -0.81 16.58
CA ILE A 73 15.49 -0.41 16.56
C ILE A 73 15.69 0.58 15.40
N VAL A 74 16.34 1.73 15.68
CA VAL A 74 16.57 2.80 14.70
C VAL A 74 17.46 2.29 13.54
N ASP A 75 16.97 2.47 12.30
CA ASP A 75 17.61 1.97 11.07
C ASP A 75 18.98 2.67 10.84
N GLY A 76 20.05 1.86 10.81
CA GLY A 76 21.42 2.34 10.63
C GLY A 76 22.36 1.73 11.65
N ASN A 77 22.97 2.57 12.50
CA ASN A 77 23.85 2.13 13.60
C ASN A 77 23.31 2.71 14.91
N ALA A 78 22.62 1.85 15.69
CA ALA A 78 21.97 2.24 16.95
C ALA A 78 21.60 0.97 17.76
N SER A 1 7.59 -1.54 -9.43
CA SER A 1 6.22 -1.99 -9.12
C SER A 1 5.19 -1.29 -10.00
N ASP A 2 5.19 0.07 -9.94
CA ASP A 2 4.13 0.92 -10.53
C ASP A 2 3.95 0.69 -12.05
N ALA A 3 2.67 0.58 -12.48
CA ALA A 3 2.21 0.44 -13.90
C ALA A 3 2.38 -1.01 -14.44
N PHE A 4 3.41 -1.73 -13.97
CA PHE A 4 3.69 -3.09 -14.45
C PHE A 4 2.86 -4.11 -13.65
N LYS A 5 1.69 -4.45 -14.21
CA LYS A 5 0.75 -5.49 -13.69
C LYS A 5 0.05 -5.07 -12.38
N THR A 6 0.20 -3.81 -11.96
CA THR A 6 -0.52 -3.25 -10.79
C THR A 6 -2.02 -3.01 -11.13
N ALA A 7 -2.34 -3.00 -12.43
CA ALA A 7 -3.71 -2.86 -12.95
C ALA A 7 -3.93 -3.89 -14.08
N LEU A 8 -5.19 -4.24 -14.35
CA LEU A 8 -5.55 -5.16 -15.44
C LEU A 8 -5.48 -4.46 -16.81
N CYS A 9 -5.20 -5.26 -17.84
CA CYS A 9 -5.19 -4.83 -19.24
C CYS A 9 -6.64 -4.72 -19.74
N ASP A 10 -7.03 -3.52 -20.21
CA ASP A 10 -8.41 -3.25 -20.64
C ASP A 10 -8.76 -4.07 -21.89
N ALA A 11 -7.81 -4.14 -22.83
CA ALA A 11 -7.93 -4.92 -24.09
C ALA A 11 -8.22 -6.41 -23.82
N TYR A 12 -7.69 -6.92 -22.69
CA TYR A 12 -7.93 -8.30 -22.24
C TYR A 12 -9.39 -8.47 -21.79
N LYS A 13 -9.93 -7.45 -21.09
CA LYS A 13 -11.30 -7.50 -20.53
C LYS A 13 -12.37 -7.36 -21.63
N ARG A 14 -11.99 -6.74 -22.77
CA ARG A 14 -12.91 -6.47 -23.89
C ARG A 14 -12.92 -7.64 -24.90
N SER A 15 -11.71 -8.11 -25.27
CA SER A 15 -11.51 -9.04 -26.40
C SER A 15 -11.17 -10.48 -25.94
N GLN A 16 -10.94 -10.68 -24.62
CA GLN A 16 -10.42 -11.95 -24.02
C GLN A 16 -8.97 -12.19 -24.47
N ALA A 17 -8.78 -12.54 -25.75
CA ALA A 17 -7.46 -12.64 -26.37
C ALA A 17 -6.91 -11.22 -26.66
N CYS A 18 -6.00 -10.75 -25.80
CA CYS A 18 -5.34 -9.44 -25.96
C CYS A 18 -4.17 -9.58 -26.97
N SER A 19 -4.20 -8.71 -28.01
CA SER A 19 -3.27 -8.79 -29.16
C SER A 19 -1.81 -8.55 -28.76
N TYR A 20 -1.59 -7.71 -27.73
CA TYR A 20 -0.24 -7.40 -27.20
C TYR A 20 0.42 -8.67 -26.62
N GLY A 21 -0.35 -9.45 -25.85
CA GLY A 21 0.17 -10.58 -25.10
C GLY A 21 1.17 -10.14 -24.03
N ASP A 22 2.44 -10.48 -24.21
CA ASP A 22 3.53 -10.12 -23.26
C ASP A 22 4.01 -8.68 -23.47
N GLN A 23 3.53 -8.02 -24.56
CA GLN A 23 3.81 -6.59 -24.83
C GLN A 23 2.95 -5.66 -23.93
N CYS A 24 1.94 -6.24 -23.24
CA CYS A 24 1.21 -5.54 -22.19
C CYS A 24 2.09 -5.40 -20.93
N ARG A 25 2.14 -4.17 -20.37
CA ARG A 25 2.75 -3.94 -19.04
C ARG A 25 1.75 -4.38 -17.96
N PHE A 26 0.44 -4.23 -18.27
CA PHE A 26 -0.66 -4.57 -17.35
C PHE A 26 -0.93 -6.10 -17.33
N ALA A 27 -1.60 -6.54 -16.25
CA ALA A 27 -1.85 -7.96 -15.96
C ALA A 27 -2.99 -8.54 -16.83
N HIS A 28 -2.82 -9.79 -17.25
CA HIS A 28 -3.86 -10.59 -17.95
C HIS A 28 -4.45 -11.63 -16.98
N GLY A 29 -4.43 -11.29 -15.68
CA GLY A 29 -4.95 -12.14 -14.61
C GLY A 29 -4.91 -11.45 -13.26
N VAL A 30 -5.87 -11.80 -12.38
CA VAL A 30 -5.96 -11.25 -11.02
C VAL A 30 -4.77 -11.71 -10.17
N HIS A 31 -4.30 -12.94 -10.44
CA HIS A 31 -3.15 -13.52 -9.74
C HIS A 31 -1.84 -12.75 -10.06
N GLU A 32 -1.83 -12.06 -11.22
CA GLU A 32 -0.68 -11.26 -11.69
C GLU A 32 -0.73 -9.81 -11.14
N LEU A 33 -1.88 -9.42 -10.53
CA LEU A 33 -2.06 -8.07 -9.96
C LEU A 33 -1.09 -7.82 -8.80
N ARG A 34 -0.17 -6.87 -9.00
CA ARG A 34 0.86 -6.49 -8.04
C ARG A 34 0.37 -5.33 -7.17
N LEU A 35 0.67 -5.40 -5.86
CA LEU A 35 0.47 -4.27 -4.93
C LEU A 35 1.72 -3.35 -4.99
N PRO A 36 1.58 -2.02 -4.64
CA PRO A 36 2.74 -1.10 -4.56
C PRO A 36 3.82 -1.61 -3.57
N MET A 37 4.87 -2.23 -4.14
CA MET A 37 6.03 -2.76 -3.39
C MET A 37 7.07 -1.65 -3.09
N ASN A 38 6.63 -0.39 -3.26
CA ASN A 38 7.37 0.82 -2.85
C ASN A 38 7.54 0.86 -1.31
N PRO A 39 8.50 1.67 -0.74
CA PRO A 39 8.55 1.94 0.72
C PRO A 39 7.23 2.59 1.21
N ARG A 40 6.30 1.73 1.63
CA ARG A 40 4.89 2.08 1.89
C ARG A 40 4.74 2.72 3.28
N GLY A 41 3.66 3.52 3.46
CA GLY A 41 3.34 4.14 4.74
C GLY A 41 2.94 3.12 5.79
N ARG A 42 3.94 2.63 6.55
CA ARG A 42 3.73 1.71 7.68
C ARG A 42 3.78 2.52 8.97
N ASN A 43 2.68 2.53 9.72
CA ASN A 43 2.57 3.24 11.01
C ASN A 43 3.18 2.41 12.15
N HIS A 44 3.37 3.07 13.30
CA HIS A 44 3.85 2.45 14.54
C HIS A 44 2.65 1.91 15.35
N PRO A 45 2.46 0.55 15.45
CA PRO A 45 1.33 -0.04 16.20
C PRO A 45 1.55 -0.01 17.73
N LYS A 46 1.35 1.18 18.32
CA LYS A 46 1.56 1.43 19.76
C LYS A 46 0.31 0.97 20.53
N TYR A 47 0.29 -0.31 20.92
CA TYR A 47 -0.88 -0.95 21.53
C TYR A 47 -0.99 -0.56 23.03
N LYS A 48 -0.01 -1.01 23.85
CA LYS A 48 0.12 -0.58 25.25
C LYS A 48 0.74 0.83 25.29
N THR A 49 -0.11 1.85 25.17
CA THR A 49 0.31 3.26 25.09
C THR A 49 0.07 4.00 26.43
N VAL A 50 -1.14 3.87 27.00
CA VAL A 50 -1.53 4.54 28.26
C VAL A 50 -1.55 3.49 29.40
N LEU A 51 -1.24 3.92 30.65
CA LEU A 51 -1.29 3.04 31.84
C LEU A 51 -2.74 2.60 32.14
N CYS A 52 -2.87 1.45 32.82
CA CYS A 52 -4.18 0.91 33.23
C CYS A 52 -4.56 1.53 34.57
N ASP A 53 -5.64 2.34 34.58
CA ASP A 53 -6.07 3.14 35.76
C ASP A 53 -6.55 2.23 36.89
N LYS A 54 -7.40 1.25 36.54
CA LYS A 54 -7.93 0.27 37.48
C LYS A 54 -6.80 -0.59 38.10
N PHE A 55 -5.87 -1.04 37.25
CA PHE A 55 -4.79 -1.94 37.67
C PHE A 55 -3.77 -1.19 38.56
N SER A 56 -3.71 0.15 38.43
CA SER A 56 -2.87 1.00 39.30
C SER A 56 -3.56 1.26 40.66
N MET A 57 -4.84 1.69 40.63
CA MET A 57 -5.57 2.17 41.82
C MET A 57 -6.03 1.02 42.73
N THR A 58 -6.70 0.02 42.15
CA THR A 58 -7.24 -1.13 42.91
C THR A 58 -6.28 -2.33 42.84
N GLY A 59 -5.40 -2.34 41.83
CA GLY A 59 -4.49 -3.46 41.57
C GLY A 59 -5.11 -4.51 40.65
N ASN A 60 -6.34 -4.26 40.19
CA ASN A 60 -7.15 -5.22 39.41
C ASN A 60 -7.77 -4.52 38.19
N CYS A 61 -7.59 -5.11 36.99
CA CYS A 61 -8.17 -4.59 35.73
C CYS A 61 -9.38 -5.44 35.31
N LYS A 62 -10.54 -4.78 35.16
CA LYS A 62 -11.82 -5.42 34.79
C LYS A 62 -11.85 -5.90 33.32
N TYR A 63 -11.02 -5.28 32.46
CA TYR A 63 -10.91 -5.66 31.04
C TYR A 63 -10.02 -6.91 30.88
N GLY A 64 -8.92 -6.96 31.65
CA GLY A 64 -7.99 -8.08 31.66
C GLY A 64 -7.24 -8.26 30.34
N THR A 65 -7.67 -9.26 29.53
CA THR A 65 -7.08 -9.56 28.21
C THR A 65 -7.59 -8.59 27.13
N ARG A 66 -8.76 -7.97 27.40
CA ARG A 66 -9.36 -6.95 26.51
C ARG A 66 -8.66 -5.58 26.72
N CYS A 67 -7.84 -5.47 27.79
CA CYS A 67 -7.17 -4.24 28.17
C CYS A 67 -6.00 -3.94 27.21
N GLN A 68 -6.10 -2.79 26.53
CA GLN A 68 -5.03 -2.28 25.64
C GLN A 68 -4.00 -1.45 26.45
N PHE A 69 -4.20 -1.38 27.77
CA PHE A 69 -3.44 -0.49 28.68
C PHE A 69 -2.36 -1.27 29.45
N ILE A 70 -1.29 -0.54 29.79
CA ILE A 70 -0.08 -1.09 30.46
C ILE A 70 -0.41 -1.55 31.89
N HIS A 71 -0.33 -2.88 32.13
CA HIS A 71 -0.49 -3.47 33.46
C HIS A 71 0.87 -3.50 34.19
N LYS A 72 1.12 -2.49 35.03
CA LYS A 72 2.29 -2.46 35.93
C LYS A 72 1.82 -2.42 37.39
N ILE A 73 2.43 -3.29 38.22
CA ILE A 73 2.09 -3.46 39.64
C ILE A 73 2.75 -2.34 40.47
N VAL A 74 1.93 -1.35 40.89
CA VAL A 74 2.38 -0.20 41.68
C VAL A 74 2.67 -0.65 43.14
N ASP A 75 3.95 -0.56 43.55
CA ASP A 75 4.42 -1.00 44.88
C ASP A 75 3.96 -0.05 45.99
N GLY A 76 3.63 -0.61 47.16
CA GLY A 76 3.21 0.17 48.33
C GLY A 76 1.97 -0.45 48.95
N ASN A 77 0.82 -0.19 48.32
CA ASN A 77 -0.47 -0.82 48.68
C ASN A 77 -0.48 -2.28 48.18
N ALA A 78 0.17 -2.50 47.02
CA ALA A 78 0.46 -3.84 46.50
C ALA A 78 1.81 -4.32 47.09
#